data_4KY8
#
_entry.id   4KY8
#
_cell.length_a   214.162
_cell.length_b   115.665
_cell.length_c   218.767
_cell.angle_alpha   90.00
_cell.angle_beta   94.36
_cell.angle_gamma   90.00
#
_symmetry.space_group_name_H-M   'C 1 2 1'
#
loop_
_entity.id
_entity.type
_entity.pdbx_description
1 polymer 'Bifunctional thymidylate synthase-dihydrofolate reductase'
2 non-polymer 'NADPH DIHYDRO-NICOTINAMIDE-ADENINE-DINUCLEOTIDE PHOSPHATE'
3 non-polymer "5-FLUORO-2'-DEOXYURIDINE-5'-MONOPHOSPHATE"
4 non-polymer METHOTREXATE
5 non-polymer 'N-{4-[(2-amino-6-methyl-4-oxo-4,7-dihydro-3H-pyrrolo[2,3-d]pyrimidin-5-yl)sulfanyl]-2-chlorobenzoyl}-L-glutamic acid'
#
_entity_poly.entity_id   1
_entity_poly.type   'polypeptide(L)'
_entity_poly.pdbx_seq_one_letter_code
;MSEKNVSIVVAASVLSSGIGINGQLPWSISEDLKFFSKITNNKCDSNKKNALIMGRKTWDSIGRRPLKNRIIVVISSSLP
QDEADPNVVVFRNLEDSIENLMNDDSIENIFVCGGESIYRDALKDNFVDRIYLTRVALEDIEFDTYFPEIPETFLPVYMS
QTFCTKNISYDFMIFEKQEKKTLQNCDPARGQLKSIDDTVDLLGEIFGIRKMGNRHKFPKEEIYNTPSIRFGREHYEFQY
LDLLSRVLENGAYRENRTGISTYSIFGQMMRFDMRESFPLLTTKKVAIRSIFEELIWFIKGDTNGNHLIEKKVYIWSGNG
SKEYLERIGLGHREENDLGPIYGFQWRHYNGEYKTMHDDYTGVGVDQLAKLIETLKNNPKDRRHILTAWNPSALSQMALP
PCHVLSQYYVTNDNCLSCNLYQRSCDLGLGSPFNIASYAILTMMLAQVCGYEPGELAIFIGDAHIYENHLTQLKEQLSRT
PRPFPQLKFKRKVENIEDFKWEDIELIGYYPYPTIKMDMAV
;
_entity_poly.pdbx_strand_id   A,B,C,D,E
#
# COMPACT_ATOMS: atom_id res chain seq x y z
N GLU A 3 -9.06 5.40 38.59
CA GLU A 3 -10.25 5.16 37.78
C GLU A 3 -9.88 4.72 36.36
N LYS A 4 -10.55 3.68 35.88
CA LYS A 4 -10.29 3.14 34.56
C LYS A 4 -11.59 2.76 33.87
N ASN A 5 -11.64 2.92 32.55
CA ASN A 5 -12.87 2.68 31.80
C ASN A 5 -13.17 1.20 31.62
N VAL A 6 -14.40 0.80 31.92
CA VAL A 6 -14.84 -0.58 31.76
C VAL A 6 -16.00 -0.68 30.78
N SER A 7 -15.73 -1.22 29.59
CA SER A 7 -16.74 -1.32 28.55
C SER A 7 -17.19 -2.75 28.35
N ILE A 8 -18.44 -2.92 27.93
CA ILE A 8 -18.97 -4.25 27.64
C ILE A 8 -19.05 -4.47 26.14
N VAL A 9 -18.50 -5.59 25.67
CA VAL A 9 -18.58 -5.93 24.26
C VAL A 9 -19.41 -7.20 24.10
N VAL A 10 -20.47 -7.12 23.30
CA VAL A 10 -21.40 -8.23 23.16
C VAL A 10 -22.19 -8.20 21.85
N ALA A 11 -22.33 -9.37 21.22
CA ALA A 11 -23.17 -9.52 20.04
C ALA A 11 -24.42 -10.31 20.40
N ALA A 12 -25.57 -9.65 20.38
CA ALA A 12 -26.83 -10.30 20.73
C ALA A 12 -27.82 -10.21 19.57
N SER A 13 -28.83 -11.07 19.59
CA SER A 13 -29.88 -11.01 18.59
C SER A 13 -30.70 -9.75 18.78
N VAL A 14 -31.40 -9.32 17.74
CA VAL A 14 -32.10 -8.04 17.75
C VAL A 14 -33.23 -7.99 18.79
N LEU A 15 -34.00 -9.08 18.90
CA LEU A 15 -35.17 -9.09 19.76
C LEU A 15 -34.91 -9.74 21.13
N SER A 16 -34.71 -11.05 21.13
CA SER A 16 -34.57 -11.80 22.37
C SER A 16 -33.18 -11.66 22.99
N SER A 17 -32.29 -10.97 22.28
CA SER A 17 -30.93 -10.71 22.77
C SER A 17 -30.15 -11.97 23.10
N GLY A 18 -30.31 -13.00 22.30
CA GLY A 18 -29.56 -14.24 22.48
C GLY A 18 -28.13 -14.06 22.04
N ILE A 19 -27.20 -14.68 22.75
CA ILE A 19 -25.78 -14.53 22.45
C ILE A 19 -25.07 -15.85 22.17
N GLY A 20 -25.68 -16.96 22.59
CA GLY A 20 -25.05 -18.26 22.41
C GLY A 20 -25.99 -19.44 22.41
N ILE A 21 -25.51 -20.57 21.90
CA ILE A 21 -26.27 -21.81 21.88
C ILE A 21 -25.33 -23.03 21.95
N ASN A 22 -25.59 -23.90 22.92
CA ASN A 22 -24.82 -25.13 23.12
C ASN A 22 -23.31 -24.92 23.25
N GLY A 23 -22.92 -23.85 23.93
CA GLY A 23 -21.53 -23.58 24.18
C GLY A 23 -20.80 -22.94 23.01
N GLN A 24 -21.57 -22.36 22.09
CA GLN A 24 -21.00 -21.68 20.94
C GLN A 24 -21.95 -20.61 20.39
N LEU A 25 -21.46 -19.83 19.43
CA LEU A 25 -22.23 -18.75 18.84
C LEU A 25 -23.26 -19.28 17.84
N PRO A 26 -24.45 -18.68 17.83
CA PRO A 26 -25.53 -19.04 16.90
C PRO A 26 -25.36 -18.40 15.53
N TRP A 27 -24.18 -17.85 15.25
CA TRP A 27 -23.87 -17.25 13.96
C TRP A 27 -22.37 -17.24 13.70
N SER A 28 -22.01 -16.97 12.44
CA SER A 28 -20.60 -16.86 12.06
C SER A 28 -20.38 -15.60 11.24
N ILE A 29 -20.00 -14.51 11.92
CA ILE A 29 -19.76 -13.23 11.26
C ILE A 29 -18.33 -12.76 11.49
N SER A 30 -17.50 -12.87 10.45
CA SER A 30 -16.09 -12.50 10.55
C SER A 30 -15.93 -11.02 10.87
N GLU A 31 -16.81 -10.19 10.33
CA GLU A 31 -16.76 -8.75 10.56
C GLU A 31 -17.01 -8.43 12.03
N ASP A 32 -17.83 -9.25 12.68
CA ASP A 32 -18.15 -9.05 14.09
C ASP A 32 -16.96 -9.40 14.99
N LEU A 33 -16.35 -10.54 14.73
CA LEU A 33 -15.17 -10.97 15.49
C LEU A 33 -14.02 -9.99 15.27
N LYS A 34 -13.89 -9.51 14.04
CA LYS A 34 -12.88 -8.52 13.71
C LYS A 34 -13.17 -7.23 14.47
N PHE A 35 -14.44 -6.85 14.54
CA PHE A 35 -14.86 -5.67 15.30
C PHE A 35 -14.48 -5.82 16.77
N PHE A 36 -14.69 -7.02 17.30
CA PHE A 36 -14.29 -7.33 18.67
C PHE A 36 -12.80 -7.14 18.84
N SER A 37 -12.03 -7.68 17.90
CA SER A 37 -10.57 -7.61 17.94
C SER A 37 -10.07 -6.17 17.94
N LYS A 38 -10.62 -5.35 17.05
CA LYS A 38 -10.18 -3.97 16.91
C LYS A 38 -10.64 -3.10 18.08
N ILE A 39 -11.84 -3.36 18.58
CA ILE A 39 -12.40 -2.58 19.68
C ILE A 39 -11.74 -2.96 21.01
N THR A 40 -11.13 -4.15 21.06
CA THR A 40 -10.44 -4.58 22.27
C THR A 40 -8.94 -4.29 22.19
N ASN A 41 -8.43 -4.10 20.98
CA ASN A 41 -7.03 -3.76 20.78
C ASN A 41 -6.78 -2.25 20.76
N ASN A 42 -7.86 -1.48 20.82
CA ASN A 42 -7.76 -0.02 20.77
C ASN A 42 -7.16 0.54 22.05
N LYS A 43 -6.02 1.21 21.92
CA LYS A 43 -5.32 1.78 23.07
C LYS A 43 -4.44 2.95 22.67
N CYS A 44 -4.02 3.73 23.67
CA CYS A 44 -3.15 4.87 23.44
C CYS A 44 -1.69 4.56 23.77
N ASP A 45 -1.47 4.05 24.98
CA ASP A 45 -0.12 3.72 25.44
C ASP A 45 0.34 2.38 24.88
N SER A 46 1.51 2.38 24.24
CA SER A 46 2.07 1.16 23.68
C SER A 46 2.63 0.26 24.79
N ASN A 47 2.97 0.87 25.92
CA ASN A 47 3.51 0.13 27.06
C ASN A 47 2.42 -0.51 27.90
N LYS A 48 1.17 -0.26 27.54
CA LYS A 48 0.04 -0.82 28.28
C LYS A 48 -0.74 -1.82 27.43
N LYS A 49 -1.56 -2.62 28.10
CA LYS A 49 -2.42 -3.60 27.42
C LYS A 49 -3.85 -3.47 27.91
N ASN A 50 -4.77 -4.17 27.25
CA ASN A 50 -6.17 -4.20 27.69
C ASN A 50 -6.54 -5.54 28.31
N ALA A 51 -7.25 -5.48 29.43
CA ALA A 51 -7.67 -6.68 30.14
C ALA A 51 -9.05 -7.14 29.66
N LEU A 52 -9.18 -8.43 29.40
CA LEU A 52 -10.43 -8.98 28.90
C LEU A 52 -11.03 -9.96 29.91
N ILE A 53 -12.10 -9.52 30.57
CA ILE A 53 -12.78 -10.36 31.56
C ILE A 53 -13.85 -11.22 30.88
N MET A 54 -13.81 -12.52 31.15
CA MET A 54 -14.78 -13.45 30.57
C MET A 54 -15.05 -14.61 31.51
N GLY A 55 -16.20 -15.26 31.33
CA GLY A 55 -16.57 -16.40 32.13
C GLY A 55 -15.73 -17.62 31.81
N ARG A 56 -15.85 -18.66 32.62
CA ARG A 56 -15.10 -19.89 32.42
C ARG A 56 -15.55 -20.60 31.16
N LYS A 57 -16.86 -20.64 30.94
CA LYS A 57 -17.44 -21.31 29.78
C LYS A 57 -17.09 -20.58 28.49
N THR A 58 -16.99 -19.25 28.56
CA THR A 58 -16.54 -18.46 27.42
C THR A 58 -15.07 -18.75 27.15
N TRP A 59 -14.29 -18.90 28.22
CA TRP A 59 -12.89 -19.25 28.12
C TRP A 59 -12.71 -20.63 27.48
N ASP A 60 -13.69 -21.50 27.69
CA ASP A 60 -13.70 -22.81 27.05
C ASP A 60 -14.12 -22.66 25.59
N SER A 61 -14.99 -21.68 25.32
CA SER A 61 -15.51 -21.46 23.99
C SER A 61 -14.43 -21.07 22.98
N ILE A 62 -13.45 -20.30 23.43
CA ILE A 62 -12.36 -19.86 22.57
C ILE A 62 -11.23 -20.90 22.51
N GLY A 63 -11.50 -22.09 23.01
CA GLY A 63 -10.54 -23.18 22.96
C GLY A 63 -9.44 -23.05 23.99
N ARG A 64 -9.66 -22.18 24.98
CA ARG A 64 -8.69 -21.95 26.05
C ARG A 64 -7.33 -21.52 25.51
N ARG A 65 -7.35 -20.63 24.53
CA ARG A 65 -6.12 -20.08 23.96
C ARG A 65 -6.14 -18.55 24.05
N PRO A 66 -5.04 -17.96 24.52
CA PRO A 66 -4.95 -16.53 24.79
C PRO A 66 -5.07 -15.67 23.53
N LEU A 67 -5.54 -14.43 23.69
CA LEU A 67 -5.63 -13.48 22.58
C LEU A 67 -4.41 -12.56 22.60
N LYS A 68 -3.81 -12.36 21.44
CA LYS A 68 -2.58 -11.59 21.33
C LYS A 68 -2.76 -10.13 21.73
N ASN A 69 -1.72 -9.56 22.33
CA ASN A 69 -1.69 -8.15 22.74
C ASN A 69 -2.78 -7.78 23.75
N ARG A 70 -3.33 -8.79 24.42
CA ARG A 70 -4.37 -8.58 25.41
C ARG A 70 -4.20 -9.56 26.56
N ILE A 71 -4.73 -9.21 27.73
CA ILE A 71 -4.65 -10.07 28.89
C ILE A 71 -6.03 -10.61 29.25
N ILE A 72 -6.24 -11.90 29.04
CA ILE A 72 -7.53 -12.53 29.29
C ILE A 72 -7.70 -12.86 30.77
N VAL A 73 -8.77 -12.33 31.36
CA VAL A 73 -9.09 -12.59 32.75
C VAL A 73 -10.27 -13.56 32.85
N VAL A 74 -9.98 -14.78 33.32
CA VAL A 74 -11.00 -15.81 33.41
C VAL A 74 -11.64 -15.85 34.79
N ILE A 75 -12.96 -15.80 34.84
CA ILE A 75 -13.70 -15.90 36.09
C ILE A 75 -14.11 -17.35 36.33
N SER A 76 -13.54 -17.96 37.36
CA SER A 76 -13.86 -19.35 37.67
C SER A 76 -13.56 -19.67 39.13
N SER A 77 -14.35 -20.57 39.70
CA SER A 77 -14.17 -20.99 41.08
C SER A 77 -13.38 -22.29 41.15
N SER A 78 -13.12 -22.88 39.99
CA SER A 78 -12.44 -24.16 39.91
C SER A 78 -11.06 -24.06 39.26
N LEU A 79 -10.94 -23.19 38.25
CA LEU A 79 -9.69 -23.03 37.52
C LEU A 79 -8.55 -22.51 38.41
N PRO A 80 -7.45 -23.28 38.48
CA PRO A 80 -6.28 -22.94 39.30
C PRO A 80 -5.58 -21.67 38.79
N GLN A 81 -5.02 -20.89 39.70
CA GLN A 81 -4.30 -19.68 39.33
C GLN A 81 -3.04 -20.00 38.54
N ASP A 82 -3.19 -20.12 37.22
CA ASP A 82 -2.07 -20.45 36.34
C ASP A 82 -1.06 -19.30 36.28
N GLU A 83 0.09 -19.49 36.90
CA GLU A 83 1.15 -18.48 36.88
C GLU A 83 2.10 -18.71 35.71
N ALA A 84 1.85 -19.77 34.94
CA ALA A 84 2.67 -20.08 33.78
C ALA A 84 2.45 -19.05 32.67
N ASP A 85 1.23 -19.01 32.14
CA ASP A 85 0.89 -18.07 31.09
C ASP A 85 0.70 -16.67 31.66
N PRO A 86 1.55 -15.72 31.24
CA PRO A 86 1.50 -14.33 31.73
C PRO A 86 0.40 -13.52 31.03
N ASN A 87 -0.26 -14.13 30.06
CA ASN A 87 -1.31 -13.46 29.30
C ASN A 87 -2.71 -13.84 29.77
N VAL A 88 -2.78 -14.86 30.63
CA VAL A 88 -4.06 -15.32 31.15
C VAL A 88 -4.00 -15.37 32.69
N VAL A 89 -5.03 -14.84 33.33
CA VAL A 89 -5.09 -14.83 34.79
C VAL A 89 -6.50 -15.20 35.26
N VAL A 90 -6.57 -15.91 36.39
CA VAL A 90 -7.86 -16.37 36.91
C VAL A 90 -8.19 -15.75 38.26
N PHE A 91 -9.42 -15.25 38.39
CA PHE A 91 -9.90 -14.71 39.66
C PHE A 91 -11.12 -15.49 40.14
N ARG A 92 -11.36 -15.46 41.45
CA ARG A 92 -12.44 -16.25 42.04
C ARG A 92 -13.81 -15.58 41.92
N ASN A 93 -13.82 -14.25 41.91
CA ASN A 93 -15.07 -13.52 41.74
C ASN A 93 -14.87 -12.27 40.88
N LEU A 94 -15.97 -11.73 40.37
CA LEU A 94 -15.91 -10.57 39.48
C LEU A 94 -15.43 -9.31 40.17
N GLU A 95 -15.86 -9.10 41.41
CA GLU A 95 -15.49 -7.91 42.16
C GLU A 95 -13.99 -7.86 42.42
N ASP A 96 -13.44 -8.99 42.89
CA ASP A 96 -12.01 -9.11 43.14
C ASP A 96 -11.24 -9.05 41.83
N SER A 97 -11.91 -9.46 40.74
CA SER A 97 -11.29 -9.46 39.42
C SER A 97 -10.97 -8.05 38.96
N ILE A 98 -11.77 -7.09 39.41
CA ILE A 98 -11.53 -5.69 39.06
C ILE A 98 -10.54 -5.06 40.04
N GLU A 99 -9.32 -5.60 40.03
CA GLU A 99 -8.22 -5.02 40.81
C GLU A 99 -7.33 -4.25 39.85
N ASN A 100 -7.67 -4.31 38.57
CA ASN A 100 -6.94 -3.58 37.53
C ASN A 100 -7.00 -2.08 37.77
N LEU A 101 -8.02 -1.64 38.50
CA LEU A 101 -8.17 -0.24 38.86
C LEU A 101 -7.11 0.17 39.86
N MET A 102 -7.12 -0.51 41.01
CA MET A 102 -6.25 -0.16 42.13
C MET A 102 -4.78 -0.46 41.87
N ASN A 103 -4.51 -1.56 41.18
CA ASN A 103 -3.13 -1.95 40.89
C ASN A 103 -2.94 -2.29 39.42
N ASP A 104 -1.72 -2.68 39.06
CA ASP A 104 -1.36 -2.99 37.67
C ASP A 104 -1.66 -1.83 36.74
N ASP A 105 -0.74 -0.86 36.69
CA ASP A 105 -0.92 0.31 35.83
C ASP A 105 -0.54 0.00 34.39
N SER A 106 -0.28 -1.29 34.13
CA SER A 106 0.04 -1.75 32.80
C SER A 106 -1.22 -2.00 31.98
N ILE A 107 -2.37 -1.83 32.64
CA ILE A 107 -3.66 -1.96 31.97
C ILE A 107 -4.25 -0.59 31.69
N GLU A 108 -4.65 -0.36 30.44
CA GLU A 108 -5.20 0.93 30.05
C GLU A 108 -6.72 0.93 30.02
N ASN A 109 -7.29 -0.17 29.54
CA ASN A 109 -8.75 -0.32 29.47
C ASN A 109 -9.20 -1.71 29.90
N ILE A 110 -10.44 -1.79 30.39
CA ILE A 110 -11.00 -3.05 30.84
C ILE A 110 -12.27 -3.38 30.04
N PHE A 111 -12.34 -4.61 29.53
CA PHE A 111 -13.49 -5.03 28.73
C PHE A 111 -14.13 -6.29 29.28
N VAL A 112 -15.46 -6.28 29.39
CA VAL A 112 -16.23 -7.48 29.68
C VAL A 112 -16.63 -8.08 28.34
N CYS A 113 -16.06 -9.25 28.02
CA CYS A 113 -16.17 -9.79 26.68
C CYS A 113 -17.28 -10.83 26.49
N GLY A 114 -17.71 -11.46 27.58
CA GLY A 114 -18.76 -12.45 27.46
C GLY A 114 -19.12 -13.21 28.72
N GLY A 115 -20.24 -13.92 28.64
CA GLY A 115 -20.76 -14.67 29.76
C GLY A 115 -22.00 -14.00 30.33
N GLU A 116 -23.15 -14.63 30.16
CA GLU A 116 -24.39 -14.11 30.72
C GLU A 116 -24.29 -14.00 32.24
N SER A 117 -23.71 -15.02 32.85
CA SER A 117 -23.48 -15.02 34.29
C SER A 117 -22.54 -13.87 34.67
N ILE A 118 -21.67 -13.48 33.75
CA ILE A 118 -20.76 -12.36 33.96
C ILE A 118 -21.42 -11.02 33.64
N TYR A 119 -22.08 -10.96 32.49
CA TYR A 119 -22.79 -9.74 32.08
C TYR A 119 -23.80 -9.29 33.13
N ARG A 120 -24.61 -10.22 33.58
CA ARG A 120 -25.72 -9.93 34.48
C ARG A 120 -25.27 -9.32 35.82
N ASP A 121 -24.22 -9.87 36.41
CA ASP A 121 -23.71 -9.33 37.68
C ASP A 121 -22.65 -8.26 37.48
N ALA A 122 -22.28 -8.00 36.23
CA ALA A 122 -21.42 -6.85 35.92
C ALA A 122 -22.32 -5.64 35.77
N LEU A 123 -23.57 -5.88 35.39
CA LEU A 123 -24.57 -4.83 35.28
C LEU A 123 -25.25 -4.60 36.63
N LYS A 124 -25.51 -5.68 37.35
CA LYS A 124 -26.22 -5.61 38.63
C LYS A 124 -25.41 -4.87 39.70
N ASP A 125 -24.10 -5.05 39.69
CA ASP A 125 -23.23 -4.40 40.67
C ASP A 125 -22.69 -3.07 40.14
N ASN A 126 -23.11 -2.71 38.93
CA ASN A 126 -22.75 -1.44 38.31
C ASN A 126 -21.23 -1.21 38.21
N PHE A 127 -20.60 -1.93 37.29
CA PHE A 127 -19.16 -1.80 37.06
C PHE A 127 -18.88 -1.35 35.63
N VAL A 128 -19.94 -1.32 34.82
CA VAL A 128 -19.80 -1.05 33.39
C VAL A 128 -20.06 0.41 33.05
N ASP A 129 -19.15 1.00 32.28
CA ASP A 129 -19.26 2.39 31.84
C ASP A 129 -19.86 2.48 30.44
N ARG A 130 -19.41 1.60 29.55
CA ARG A 130 -19.83 1.64 28.15
C ARG A 130 -20.27 0.25 27.68
N ILE A 131 -21.14 0.22 26.69
CA ILE A 131 -21.63 -1.05 26.14
C ILE A 131 -21.56 -1.05 24.61
N TYR A 132 -20.78 -1.98 24.06
CA TYR A 132 -20.70 -2.13 22.61
C TYR A 132 -21.59 -3.28 22.14
N LEU A 133 -22.82 -2.95 21.77
CA LEU A 133 -23.80 -3.96 21.39
C LEU A 133 -23.84 -4.19 19.88
N THR A 134 -23.68 -5.45 19.47
CA THR A 134 -23.78 -5.80 18.06
C THR A 134 -25.08 -6.56 17.84
N ARG A 135 -26.13 -5.83 17.46
CA ARG A 135 -27.44 -6.44 17.23
C ARG A 135 -27.43 -7.29 15.97
N VAL A 136 -27.91 -8.53 16.08
CA VAL A 136 -27.93 -9.44 14.94
C VAL A 136 -29.38 -9.81 14.57
N ALA A 137 -29.67 -9.85 13.28
CA ALA A 137 -31.04 -10.02 12.80
C ALA A 137 -31.44 -11.46 12.50
N LEU A 138 -31.58 -12.27 13.56
CA LEU A 138 -32.16 -13.61 13.45
C LEU A 138 -32.77 -14.06 14.78
N GLU A 139 -34.00 -14.55 14.72
CA GLU A 139 -34.73 -14.88 15.95
C GLU A 139 -35.48 -16.20 15.88
N ASP A 140 -35.55 -16.80 14.69
CA ASP A 140 -36.25 -18.05 14.51
C ASP A 140 -35.33 -19.25 14.77
N ILE A 141 -34.37 -19.07 15.66
CA ILE A 141 -33.46 -20.15 16.03
C ILE A 141 -33.50 -20.40 17.53
N GLU A 142 -32.62 -21.27 18.02
CA GLU A 142 -32.61 -21.64 19.42
C GLU A 142 -31.47 -21.00 20.21
N PHE A 143 -31.79 -20.48 21.38
CA PHE A 143 -30.79 -19.90 22.27
C PHE A 143 -30.85 -20.55 23.63
N ASP A 144 -29.73 -20.51 24.35
CA ASP A 144 -29.69 -21.00 25.73
C ASP A 144 -28.98 -19.99 26.64
N THR A 145 -28.36 -19.00 26.01
CA THR A 145 -27.64 -17.95 26.73
C THR A 145 -28.02 -16.59 26.16
N TYR A 146 -28.56 -15.73 27.02
CA TYR A 146 -29.06 -14.43 26.57
C TYR A 146 -28.27 -13.28 27.16
N PHE A 147 -28.44 -12.09 26.59
CA PHE A 147 -27.84 -10.88 27.13
C PHE A 147 -28.87 -10.12 27.95
N PRO A 148 -28.55 -9.81 29.21
CA PRO A 148 -29.46 -9.14 30.14
C PRO A 148 -29.94 -7.79 29.62
N GLU A 149 -31.18 -7.43 29.94
CA GLU A 149 -31.76 -6.17 29.49
C GLU A 149 -31.01 -4.97 30.03
N ILE A 150 -30.64 -4.06 29.14
CA ILE A 150 -29.88 -2.87 29.50
C ILE A 150 -30.70 -1.96 30.41
N PRO A 151 -30.15 -1.65 31.60
CA PRO A 151 -30.80 -0.78 32.59
C PRO A 151 -31.00 0.64 32.06
N GLU A 152 -31.88 1.40 32.70
CA GLU A 152 -32.21 2.75 32.25
C GLU A 152 -31.09 3.75 32.47
N THR A 153 -30.05 3.32 33.17
CA THR A 153 -28.90 4.18 33.44
C THR A 153 -28.05 4.39 32.19
N PHE A 154 -28.27 3.54 31.19
CA PHE A 154 -27.54 3.64 29.93
C PHE A 154 -28.40 4.28 28.85
N LEU A 155 -27.75 4.99 27.94
CA LEU A 155 -28.43 5.61 26.81
C LEU A 155 -27.64 5.42 25.53
N PRO A 156 -28.34 5.06 24.44
CA PRO A 156 -27.69 4.89 23.14
C PRO A 156 -27.16 6.23 22.62
N VAL A 157 -25.94 6.21 22.08
CA VAL A 157 -25.33 7.43 21.55
C VAL A 157 -24.90 7.20 20.10
N TYR A 158 -25.03 5.97 19.64
CA TYR A 158 -24.62 5.62 18.29
C TYR A 158 -25.36 4.38 17.76
N MET A 159 -25.70 4.41 16.48
CA MET A 159 -26.31 3.27 15.81
C MET A 159 -25.88 3.24 14.35
N SER A 160 -24.95 2.34 14.03
CA SER A 160 -24.38 2.27 12.70
C SER A 160 -25.40 1.85 11.65
N GLN A 161 -25.01 1.95 10.39
CA GLN A 161 -25.85 1.50 9.29
C GLN A 161 -25.95 -0.02 9.34
N THR A 162 -26.95 -0.57 8.66
CA THR A 162 -27.13 -2.01 8.63
C THR A 162 -26.11 -2.68 7.71
N PHE A 163 -25.36 -3.64 8.25
CA PHE A 163 -24.39 -4.38 7.46
C PHE A 163 -24.90 -5.77 7.17
N CYS A 164 -24.35 -6.39 6.13
CA CYS A 164 -24.80 -7.72 5.71
C CYS A 164 -23.65 -8.69 5.53
N THR A 165 -23.77 -9.87 6.15
CA THR A 165 -22.82 -10.95 5.98
C THR A 165 -23.55 -12.28 5.95
N LYS A 166 -23.41 -13.01 4.85
CA LYS A 166 -24.15 -14.25 4.61
C LYS A 166 -25.65 -14.03 4.74
N ASN A 167 -26.13 -12.94 4.13
CA ASN A 167 -27.54 -12.58 4.17
C ASN A 167 -28.08 -12.30 5.58
N ILE A 168 -27.18 -11.94 6.49
CA ILE A 168 -27.56 -11.60 7.85
C ILE A 168 -27.34 -10.12 8.14
N SER A 169 -28.39 -9.43 8.59
CA SER A 169 -28.30 -8.01 8.89
C SER A 169 -27.79 -7.79 10.31
N TYR A 170 -26.96 -6.76 10.50
CA TYR A 170 -26.47 -6.44 11.84
C TYR A 170 -26.06 -4.98 12.01
N ASP A 171 -26.14 -4.51 13.25
CA ASP A 171 -25.79 -3.12 13.59
C ASP A 171 -24.67 -3.06 14.63
N PHE A 172 -24.13 -1.87 14.82
CA PHE A 172 -23.15 -1.60 15.87
C PHE A 172 -23.59 -0.40 16.69
N MET A 173 -23.90 -0.62 17.96
CA MET A 173 -24.38 0.46 18.82
C MET A 173 -23.52 0.65 20.07
N ILE A 174 -23.51 1.88 20.57
CA ILE A 174 -22.78 2.22 21.78
C ILE A 174 -23.73 2.81 22.82
N PHE A 175 -23.71 2.23 24.02
CA PHE A 175 -24.52 2.73 25.12
C PHE A 175 -23.62 3.33 26.19
N GLU A 176 -23.92 4.55 26.60
CA GLU A 176 -23.11 5.24 27.60
C GLU A 176 -23.90 5.45 28.89
N LYS A 177 -23.22 5.31 30.02
CA LYS A 177 -23.86 5.48 31.32
C LYS A 177 -23.85 6.95 31.73
N GLN A 178 -24.92 7.67 31.42
CA GLN A 178 -25.03 9.08 31.77
C GLN A 178 -26.28 9.35 32.61
N LEU A 193 -18.22 25.19 21.04
CA LEU A 193 -18.11 26.31 21.96
C LEU A 193 -19.41 27.13 22.02
N LYS A 194 -19.67 27.69 23.19
CA LYS A 194 -20.92 28.41 23.48
C LYS A 194 -21.11 29.67 22.64
N SER A 195 -20.01 30.29 22.22
CA SER A 195 -20.05 31.56 21.51
C SER A 195 -20.88 31.53 20.22
N ILE A 196 -20.62 30.55 19.36
CA ILE A 196 -21.37 30.43 18.11
C ILE A 196 -22.85 30.20 18.36
N ASP A 197 -23.16 29.31 19.28
CA ASP A 197 -24.55 29.03 19.63
C ASP A 197 -25.27 30.29 20.12
N ASP A 198 -24.60 31.03 21.00
CA ASP A 198 -25.16 32.28 21.52
C ASP A 198 -25.40 33.28 20.40
N THR A 199 -24.43 33.43 19.52
CA THR A 199 -24.54 34.36 18.40
C THR A 199 -25.71 34.00 17.49
N VAL A 200 -25.82 32.73 17.12
CA VAL A 200 -26.90 32.26 16.29
C VAL A 200 -28.27 32.46 16.96
N ASP A 201 -28.33 32.21 18.26
CA ASP A 201 -29.56 32.43 19.01
C ASP A 201 -29.96 33.90 19.02
N LEU A 202 -28.98 34.78 19.22
CA LEU A 202 -29.23 36.22 19.23
C LEU A 202 -29.70 36.71 17.86
N LEU A 203 -29.06 36.24 16.81
CA LEU A 203 -29.49 36.57 15.45
C LEU A 203 -30.89 36.03 15.18
N GLY A 204 -31.22 34.91 15.81
CA GLY A 204 -32.53 34.32 15.70
C GLY A 204 -33.57 35.11 16.47
N GLU A 205 -33.10 35.89 17.44
CA GLU A 205 -33.99 36.75 18.21
C GLU A 205 -34.24 38.07 17.49
N ILE A 206 -33.18 38.63 16.91
CA ILE A 206 -33.28 39.86 16.14
C ILE A 206 -34.12 39.65 14.89
N PHE A 207 -33.58 38.89 13.95
CA PHE A 207 -34.33 38.51 12.75
C PHE A 207 -35.28 37.38 13.11
N GLY A 208 -36.51 37.46 12.61
CA GLY A 208 -37.49 36.42 12.92
C GLY A 208 -37.51 35.35 11.85
N ILE A 209 -38.56 35.35 11.04
CA ILE A 209 -38.69 34.42 9.94
C ILE A 209 -37.73 34.83 8.81
N ARG A 210 -37.18 36.03 8.93
CA ARG A 210 -36.19 36.54 7.97
C ARG A 210 -34.97 35.61 7.93
N LYS A 211 -34.52 35.19 9.11
CA LYS A 211 -33.42 34.25 9.21
C LYS A 211 -33.89 32.85 8.83
N MET A 212 -33.31 32.32 7.75
CA MET A 212 -33.71 31.00 7.22
C MET A 212 -33.50 29.89 8.23
N GLY A 213 -32.52 30.06 9.12
CA GLY A 213 -32.25 29.09 10.17
C GLY A 213 -33.43 28.90 11.10
N ASN A 214 -34.22 29.94 11.27
CA ASN A 214 -35.41 29.87 12.12
C ASN A 214 -36.59 29.25 11.38
N ARG A 215 -36.48 29.14 10.06
CA ARG A 215 -37.51 28.50 9.27
C ARG A 215 -37.30 26.99 9.27
N HIS A 216 -36.05 26.59 9.53
CA HIS A 216 -35.70 25.19 9.62
C HIS A 216 -35.18 24.86 11.02
N LYS A 217 -36.05 25.01 12.02
CA LYS A 217 -35.68 24.78 13.40
C LYS A 217 -35.40 23.30 13.68
N PHE A 218 -34.41 23.05 14.53
CA PHE A 218 -34.08 21.68 14.93
C PHE A 218 -35.22 21.12 15.77
N PRO A 219 -35.66 19.89 15.45
CA PRO A 219 -36.79 19.25 16.14
C PRO A 219 -36.59 19.17 17.66
N LYS A 220 -37.67 19.38 18.40
CA LYS A 220 -37.62 19.29 19.86
C LYS A 220 -37.43 17.85 20.31
N GLU A 221 -36.97 17.68 21.55
CA GLU A 221 -36.71 16.35 22.08
C GLU A 221 -37.97 15.50 22.15
N GLU A 222 -39.11 16.15 22.39
CA GLU A 222 -40.38 15.45 22.53
C GLU A 222 -40.81 14.75 21.24
N ILE A 223 -40.32 15.24 20.11
CA ILE A 223 -40.67 14.65 18.82
C ILE A 223 -39.44 14.18 18.05
N TYR A 224 -38.32 14.02 18.77
CA TYR A 224 -37.09 13.56 18.17
C TYR A 224 -36.86 12.09 18.50
N ASN A 225 -36.84 11.24 17.48
CA ASN A 225 -36.68 9.80 17.65
C ASN A 225 -35.33 9.43 18.27
N THR A 226 -35.39 8.82 19.45
CA THR A 226 -34.18 8.46 20.21
C THR A 226 -33.26 9.67 20.37
N PRO A 227 -33.65 10.61 21.25
CA PRO A 227 -32.95 11.89 21.44
C PRO A 227 -31.52 11.71 21.94
N SER A 228 -31.26 10.63 22.67
CA SER A 228 -29.94 10.40 23.25
C SER A 228 -28.87 10.24 22.17
N ILE A 229 -29.24 9.64 21.04
CA ILE A 229 -28.33 9.52 19.91
C ILE A 229 -28.24 10.84 19.17
N ARG A 230 -27.16 11.58 19.41
CA ARG A 230 -27.01 12.92 18.85
C ARG A 230 -26.05 12.94 17.66
N PHE A 231 -24.85 12.42 17.85
CA PHE A 231 -23.81 12.49 16.82
C PHE A 231 -23.63 11.16 16.10
N GLY A 232 -24.27 10.12 16.61
CA GLY A 232 -24.11 8.78 16.04
C GLY A 232 -25.36 8.24 15.36
N ARG A 233 -26.12 9.12 14.73
CA ARG A 233 -27.34 8.71 14.04
C ARG A 233 -27.00 8.21 12.63
N GLU A 234 -26.25 7.13 12.55
CA GLU A 234 -25.75 6.64 11.27
C GLU A 234 -26.77 5.79 10.52
N HIS A 235 -27.65 5.13 11.27
CA HIS A 235 -28.69 4.30 10.67
C HIS A 235 -29.53 5.12 9.71
N TYR A 236 -29.84 4.54 8.55
CA TYR A 236 -30.48 5.31 7.47
C TYR A 236 -32.00 5.39 7.58
N GLU A 237 -32.56 4.77 8.61
CA GLU A 237 -33.98 4.94 8.90
C GLU A 237 -34.15 6.29 9.56
N PHE A 238 -33.06 6.80 10.12
CA PHE A 238 -33.04 8.13 10.71
C PHE A 238 -33.20 9.20 9.63
N GLN A 239 -32.86 8.85 8.39
CA GLN A 239 -33.05 9.75 7.26
C GLN A 239 -34.53 10.04 7.05
N TYR A 240 -35.36 9.08 7.44
CA TYR A 240 -36.80 9.23 7.33
C TYR A 240 -37.41 9.74 8.64
N LEU A 241 -36.95 9.21 9.76
CA LEU A 241 -37.48 9.57 11.07
C LEU A 241 -37.17 11.03 11.44
N ASP A 242 -35.96 11.47 11.14
CA ASP A 242 -35.59 12.85 11.40
C ASP A 242 -36.36 13.80 10.49
N LEU A 243 -36.69 13.31 9.29
CA LEU A 243 -37.55 14.08 8.39
C LEU A 243 -38.94 14.21 9.00
N LEU A 244 -39.43 13.11 9.56
CA LEU A 244 -40.71 13.09 10.24
C LEU A 244 -40.72 14.10 11.38
N SER A 245 -39.60 14.17 12.11
CA SER A 245 -39.46 15.12 13.20
C SER A 245 -39.42 16.56 12.67
N ARG A 246 -38.76 16.75 11.54
CA ARG A 246 -38.62 18.08 10.95
C ARG A 246 -39.94 18.64 10.45
N VAL A 247 -40.74 17.80 9.80
CA VAL A 247 -42.06 18.22 9.35
C VAL A 247 -42.99 18.36 10.56
N LEU A 248 -42.78 17.53 11.57
CA LEU A 248 -43.57 17.62 12.80
C LEU A 248 -43.25 18.89 13.59
N GLU A 249 -42.09 19.48 13.30
CA GLU A 249 -41.64 20.69 14.00
C GLU A 249 -41.95 21.97 13.23
N ASN A 250 -41.53 22.02 11.97
CA ASN A 250 -41.64 23.23 11.17
C ASN A 250 -42.79 23.20 10.18
N GLY A 251 -43.65 22.19 10.29
CA GLY A 251 -44.74 21.99 9.37
C GLY A 251 -45.80 23.07 9.39
N ALA A 252 -45.93 23.79 8.28
CA ALA A 252 -46.96 24.81 8.15
C ALA A 252 -48.32 24.15 7.93
N TYR A 253 -49.25 24.41 8.84
CA TYR A 253 -50.60 23.85 8.74
C TYR A 253 -51.35 24.46 7.57
N ARG A 254 -51.52 23.66 6.50
CA ARG A 254 -52.20 24.14 5.30
C ARG A 254 -53.20 23.12 4.75
N GLU A 255 -54.13 23.61 3.94
CA GLU A 255 -55.17 22.77 3.36
C GLU A 255 -54.74 22.16 2.04
N ASN A 256 -55.60 21.32 1.47
CA ASN A 256 -55.32 20.69 0.19
C ASN A 256 -56.60 20.24 -0.52
N ARG A 257 -56.44 19.41 -1.55
CA ARG A 257 -57.58 18.93 -2.32
C ARG A 257 -58.54 18.07 -1.50
N THR A 258 -58.00 17.40 -0.48
CA THR A 258 -58.81 16.57 0.41
C THR A 258 -59.29 17.40 1.58
N GLY A 259 -60.28 16.88 2.31
CA GLY A 259 -60.83 17.57 3.46
C GLY A 259 -59.88 17.57 4.65
N ILE A 260 -58.85 16.73 4.57
CA ILE A 260 -57.86 16.62 5.65
C ILE A 260 -56.66 17.52 5.39
N SER A 261 -56.47 18.51 6.26
CA SER A 261 -55.35 19.43 6.13
C SER A 261 -54.04 18.79 6.59
N THR A 262 -52.93 19.30 6.09
CA THR A 262 -51.61 18.73 6.41
C THR A 262 -50.66 19.77 6.98
N TYR A 263 -49.69 19.30 7.76
CA TYR A 263 -48.56 20.12 8.17
C TYR A 263 -47.45 19.90 7.15
N SER A 264 -47.05 20.96 6.46
CA SER A 264 -46.16 20.80 5.31
C SER A 264 -44.88 21.62 5.34
N ILE A 265 -43.80 21.00 4.89
CA ILE A 265 -42.53 21.68 4.64
C ILE A 265 -42.09 21.41 3.21
N PHE A 266 -41.18 22.23 2.70
CA PHE A 266 -40.78 22.15 1.30
C PHE A 266 -39.27 22.01 1.13
N GLY A 267 -38.86 21.08 0.26
CA GLY A 267 -37.45 20.87 -0.03
C GLY A 267 -36.73 20.03 0.99
N GLN A 268 -36.79 18.71 0.83
CA GLN A 268 -36.13 17.78 1.74
C GLN A 268 -35.46 16.65 0.97
N MET A 269 -34.75 15.78 1.68
CA MET A 269 -34.14 14.61 1.05
C MET A 269 -33.84 13.51 2.05
N MET A 270 -33.76 12.28 1.54
CA MET A 270 -33.41 11.11 2.35
C MET A 270 -32.44 10.23 1.58
N ARG A 271 -31.37 9.81 2.24
CA ARG A 271 -30.40 8.93 1.62
C ARG A 271 -30.54 7.51 2.16
N PHE A 272 -30.21 6.54 1.32
CA PHE A 272 -30.35 5.14 1.72
C PHE A 272 -29.27 4.27 1.10
N ASP A 273 -28.83 3.28 1.88
CA ASP A 273 -27.87 2.30 1.40
C ASP A 273 -28.62 1.04 0.98
N MET A 274 -28.23 0.48 -0.16
CA MET A 274 -28.85 -0.75 -0.66
C MET A 274 -27.81 -1.84 -0.86
N ARG A 275 -26.54 -1.49 -0.68
CA ARG A 275 -25.45 -2.45 -0.83
C ARG A 275 -25.46 -3.47 0.30
N GLU A 276 -25.56 -2.99 1.53
CA GLU A 276 -25.45 -3.86 2.70
C GLU A 276 -26.79 -4.09 3.39
N SER A 277 -27.86 -3.54 2.83
CA SER A 277 -29.19 -3.70 3.41
C SER A 277 -30.30 -3.34 2.43
N PHE A 278 -31.53 -3.33 2.93
CA PHE A 278 -32.70 -2.95 2.14
C PHE A 278 -33.56 -1.97 2.93
N PRO A 279 -33.71 -0.74 2.42
CA PRO A 279 -34.40 0.35 3.11
C PRO A 279 -35.89 0.08 3.36
N LEU A 280 -36.18 -0.91 4.19
CA LEU A 280 -37.55 -1.18 4.61
C LEU A 280 -37.68 -0.85 6.08
N LEU A 281 -38.59 0.06 6.40
CA LEU A 281 -38.74 0.57 7.77
C LEU A 281 -39.06 -0.53 8.78
N THR A 282 -38.42 -0.43 9.95
CA THR A 282 -38.61 -1.41 11.02
C THR A 282 -39.46 -0.86 12.15
N THR A 283 -39.61 0.46 12.20
CA THR A 283 -40.43 1.10 13.22
C THR A 283 -41.91 0.86 12.97
N LYS A 284 -42.23 0.35 11.79
CA LYS A 284 -43.60 0.01 11.43
C LYS A 284 -43.58 -1.13 10.42
N LYS A 285 -44.43 -2.13 10.65
CA LYS A 285 -44.52 -3.27 9.73
C LYS A 285 -45.13 -2.83 8.41
N VAL A 286 -44.28 -2.77 7.37
CA VAL A 286 -44.72 -2.30 6.06
C VAL A 286 -45.11 -3.47 5.15
N ALA A 287 -46.28 -3.36 4.53
CA ALA A 287 -46.75 -4.39 3.61
C ALA A 287 -45.89 -4.44 2.35
N ILE A 288 -44.85 -5.27 2.39
CA ILE A 288 -43.89 -5.35 1.28
C ILE A 288 -44.52 -5.95 0.02
N ARG A 289 -45.43 -6.90 0.22
CA ARG A 289 -46.10 -7.59 -0.88
C ARG A 289 -46.90 -6.63 -1.74
N SER A 290 -47.62 -5.72 -1.09
CA SER A 290 -48.42 -4.71 -1.78
C SER A 290 -47.52 -3.79 -2.59
N ILE A 291 -46.39 -3.44 -2.00
CA ILE A 291 -45.40 -2.58 -2.64
C ILE A 291 -44.88 -3.22 -3.93
N PHE A 292 -44.42 -4.46 -3.80
CA PHE A 292 -43.92 -5.20 -4.95
C PHE A 292 -44.98 -5.35 -6.03
N GLU A 293 -46.17 -5.77 -5.62
CA GLU A 293 -47.26 -6.01 -6.55
C GLU A 293 -47.60 -4.73 -7.32
N GLU A 294 -47.57 -3.60 -6.61
CA GLU A 294 -47.79 -2.30 -7.24
C GLU A 294 -46.66 -1.99 -8.21
N LEU A 295 -45.44 -2.36 -7.84
CA LEU A 295 -44.28 -2.09 -8.68
C LEU A 295 -44.33 -2.84 -10.00
N ILE A 296 -44.56 -4.15 -9.94
CA ILE A 296 -44.67 -4.94 -11.17
C ILE A 296 -45.95 -4.58 -11.93
N TRP A 297 -46.94 -4.07 -11.21
CA TRP A 297 -48.15 -3.55 -11.84
C TRP A 297 -47.79 -2.33 -12.69
N PHE A 298 -46.84 -1.54 -12.20
CA PHE A 298 -46.33 -0.41 -12.96
C PHE A 298 -45.52 -0.89 -14.17
N ILE A 299 -44.59 -1.81 -13.91
CA ILE A 299 -43.68 -2.30 -14.94
C ILE A 299 -44.42 -2.85 -16.16
N LYS A 300 -45.50 -3.57 -15.93
CA LYS A 300 -46.31 -4.13 -17.01
C LYS A 300 -47.03 -3.04 -17.80
N GLY A 301 -47.13 -1.85 -17.21
CA GLY A 301 -47.81 -0.74 -17.84
C GLY A 301 -49.32 -0.83 -17.67
N ASP A 302 -49.74 -1.63 -16.69
CA ASP A 302 -51.15 -1.83 -16.43
C ASP A 302 -51.76 -0.65 -15.67
N THR A 303 -52.96 -0.24 -16.07
CA THR A 303 -53.63 0.88 -15.43
C THR A 303 -54.93 0.41 -14.77
N ASN A 304 -55.24 -0.87 -14.93
CA ASN A 304 -56.44 -1.46 -14.34
C ASN A 304 -56.25 -1.67 -12.84
N GLY A 305 -57.01 -0.93 -12.04
CA GLY A 305 -56.91 -1.02 -10.60
C GLY A 305 -57.40 -2.36 -10.06
N ASN A 306 -58.35 -2.96 -10.78
CA ASN A 306 -58.90 -4.24 -10.36
C ASN A 306 -57.84 -5.33 -10.31
N HIS A 307 -56.89 -5.27 -11.24
CA HIS A 307 -55.79 -6.23 -11.27
C HIS A 307 -54.99 -6.18 -9.98
N LEU A 308 -54.95 -4.99 -9.36
CA LEU A 308 -54.29 -4.81 -8.08
C LEU A 308 -55.21 -5.25 -6.95
N ILE A 309 -56.50 -5.00 -7.11
CA ILE A 309 -57.50 -5.37 -6.11
C ILE A 309 -57.72 -6.88 -6.08
N GLU A 310 -57.65 -7.53 -7.25
CA GLU A 310 -57.80 -8.97 -7.35
C GLU A 310 -56.74 -9.70 -6.55
N LYS A 311 -55.57 -9.08 -6.41
CA LYS A 311 -54.47 -9.67 -5.66
C LYS A 311 -54.46 -9.13 -4.23
N LYS A 312 -55.61 -8.65 -3.77
CA LYS A 312 -55.79 -8.13 -2.42
C LYS A 312 -54.83 -6.98 -2.06
N VAL A 313 -54.66 -6.05 -2.99
CA VAL A 313 -53.89 -4.84 -2.74
C VAL A 313 -54.80 -3.64 -2.96
N TYR A 314 -55.14 -2.95 -1.87
CA TYR A 314 -56.16 -1.90 -1.92
C TYR A 314 -55.61 -0.49 -1.72
N ILE A 315 -54.39 -0.25 -2.21
CA ILE A 315 -53.79 1.07 -2.06
C ILE A 315 -54.31 2.06 -3.10
N TRP A 316 -54.86 1.53 -4.19
CA TRP A 316 -55.44 2.37 -5.24
C TRP A 316 -56.95 2.24 -5.29
N SER A 317 -57.56 1.97 -4.14
CA SER A 317 -59.02 1.82 -4.06
C SER A 317 -59.71 3.17 -3.99
N GLY A 318 -59.27 4.00 -3.06
CA GLY A 318 -59.86 5.32 -2.84
C GLY A 318 -59.73 6.24 -4.04
N ASN A 319 -58.58 6.20 -4.70
CA ASN A 319 -58.34 7.04 -5.87
C ASN A 319 -58.88 6.41 -7.15
N GLY A 320 -59.66 5.34 -7.00
CA GLY A 320 -60.22 4.65 -8.15
C GLY A 320 -61.73 4.61 -8.13
N SER A 321 -62.32 4.75 -6.95
CA SER A 321 -63.76 4.64 -6.76
C SER A 321 -64.57 5.51 -7.72
N LYS A 322 -65.80 5.07 -8.01
CA LYS A 322 -66.67 5.77 -8.94
C LYS A 322 -67.00 7.18 -8.46
N GLU A 323 -67.18 7.33 -7.16
CA GLU A 323 -67.50 8.63 -6.56
C GLU A 323 -66.34 9.61 -6.74
N TYR A 324 -65.13 9.15 -6.46
CA TYR A 324 -63.94 9.98 -6.59
C TYR A 324 -63.68 10.36 -8.05
N LEU A 325 -63.90 9.41 -8.95
CA LEU A 325 -63.70 9.65 -10.38
C LEU A 325 -64.71 10.66 -10.91
N GLU A 326 -65.97 10.49 -10.53
CA GLU A 326 -67.01 11.42 -10.96
C GLU A 326 -66.78 12.79 -10.34
N ARG A 327 -66.18 12.81 -9.16
CA ARG A 327 -65.89 14.05 -8.46
C ARG A 327 -64.78 14.85 -9.14
N ILE A 328 -63.77 14.16 -9.65
CA ILE A 328 -62.64 14.83 -10.30
C ILE A 328 -62.87 15.03 -11.79
N GLY A 329 -64.12 14.83 -12.23
CA GLY A 329 -64.48 15.08 -13.61
C GLY A 329 -64.20 13.92 -14.55
N LEU A 330 -64.20 12.70 -14.02
CA LEU A 330 -63.97 11.51 -14.82
C LEU A 330 -65.09 10.50 -14.61
N GLY A 331 -66.33 10.96 -14.70
CA GLY A 331 -67.49 10.13 -14.50
C GLY A 331 -67.71 9.13 -15.63
N HIS A 332 -67.13 9.44 -16.79
CA HIS A 332 -67.23 8.56 -17.95
C HIS A 332 -66.36 7.33 -17.77
N ARG A 333 -65.43 7.42 -16.83
CA ARG A 333 -64.46 6.36 -16.61
C ARG A 333 -65.06 5.16 -15.89
N GLU A 334 -64.47 3.99 -16.09
CA GLU A 334 -64.96 2.75 -15.47
C GLU A 334 -64.65 2.72 -13.98
N GLU A 335 -65.20 1.72 -13.29
CA GLU A 335 -65.10 1.60 -11.83
C GLU A 335 -63.68 1.72 -11.27
N ASN A 336 -62.68 1.21 -11.99
CA ASN A 336 -61.31 1.28 -11.49
C ASN A 336 -60.27 1.64 -12.55
N ASP A 337 -60.72 2.31 -13.61
CA ASP A 337 -59.79 2.75 -14.66
C ASP A 337 -59.10 4.03 -14.20
N LEU A 338 -57.82 3.90 -13.84
CA LEU A 338 -57.06 5.02 -13.29
C LEU A 338 -56.51 5.96 -14.36
N GLY A 339 -56.55 5.52 -15.62
CA GLY A 339 -56.06 6.33 -16.71
C GLY A 339 -54.57 6.24 -16.90
N PRO A 340 -54.02 7.13 -17.75
CA PRO A 340 -52.60 7.14 -18.11
C PRO A 340 -51.68 7.50 -16.93
N ILE A 341 -51.69 6.68 -15.89
CA ILE A 341 -50.85 6.92 -14.73
C ILE A 341 -49.47 6.28 -14.87
N TYR A 342 -48.87 5.92 -13.74
CA TYR A 342 -47.57 5.27 -13.72
C TYR A 342 -47.60 3.99 -14.53
N GLY A 343 -46.51 3.69 -15.22
CA GLY A 343 -46.42 2.49 -16.02
C GLY A 343 -46.85 2.76 -17.46
N PHE A 344 -48.00 3.41 -17.61
CA PHE A 344 -48.48 3.78 -18.93
C PHE A 344 -47.57 4.85 -19.51
N GLN A 345 -47.00 5.67 -18.64
CA GLN A 345 -46.04 6.69 -19.06
C GLN A 345 -44.64 6.11 -19.15
N TRP A 346 -44.44 4.97 -18.49
CA TRP A 346 -43.16 4.27 -18.51
C TRP A 346 -43.01 3.49 -19.81
N ARG A 347 -44.11 2.89 -20.26
CA ARG A 347 -44.07 1.99 -21.41
C ARG A 347 -44.69 2.60 -22.66
N HIS A 348 -45.59 3.56 -22.49
CA HIS A 348 -46.29 4.16 -23.62
C HIS A 348 -46.45 5.68 -23.44
N TYR A 349 -45.32 6.38 -23.36
CA TYR A 349 -45.35 7.83 -23.15
C TYR A 349 -45.99 8.55 -24.34
N ASN A 350 -46.80 9.56 -24.05
CA ASN A 350 -47.54 10.31 -25.06
C ASN A 350 -48.52 9.47 -25.88
N GLY A 351 -48.88 8.31 -25.35
CA GLY A 351 -49.83 7.44 -26.02
C GLY A 351 -51.26 7.83 -25.71
N GLU A 352 -52.09 7.95 -26.74
CA GLU A 352 -53.49 8.32 -26.57
C GLU A 352 -54.25 7.27 -25.78
N TYR A 353 -54.62 7.61 -24.55
CA TYR A 353 -55.29 6.66 -23.67
C TYR A 353 -56.79 6.60 -23.95
N LYS A 354 -57.31 5.38 -24.07
CA LYS A 354 -58.74 5.17 -24.24
C LYS A 354 -59.33 4.61 -22.95
N THR A 355 -59.32 3.29 -22.83
CA THR A 355 -59.77 2.62 -21.61
C THR A 355 -58.68 1.69 -21.09
N MET A 356 -58.93 1.05 -19.96
CA MET A 356 -57.97 0.13 -19.35
C MET A 356 -58.01 -1.22 -20.03
N HIS A 357 -58.97 -1.41 -20.93
CA HIS A 357 -59.16 -2.69 -21.60
C HIS A 357 -58.46 -2.73 -22.95
N ASP A 358 -58.19 -1.56 -23.51
CA ASP A 358 -57.52 -1.48 -24.81
C ASP A 358 -56.08 -2.00 -24.75
N ASP A 359 -55.59 -2.47 -25.89
CA ASP A 359 -54.24 -3.02 -25.97
C ASP A 359 -53.27 -1.98 -26.52
N TYR A 360 -52.52 -1.35 -25.63
CA TYR A 360 -51.62 -0.26 -26.00
C TYR A 360 -50.22 -0.77 -26.36
N THR A 361 -50.14 -1.96 -26.92
CA THR A 361 -48.85 -2.53 -27.30
C THR A 361 -48.25 -1.82 -28.50
N GLY A 362 -46.96 -1.52 -28.42
CA GLY A 362 -46.25 -0.86 -29.51
C GLY A 362 -46.46 0.63 -29.63
N VAL A 363 -47.50 1.14 -28.96
CA VAL A 363 -47.81 2.57 -29.03
C VAL A 363 -47.08 3.34 -27.94
N GLY A 364 -46.86 4.63 -28.19
CA GLY A 364 -46.17 5.47 -27.23
C GLY A 364 -44.68 5.19 -27.16
N VAL A 365 -43.99 5.89 -26.25
CA VAL A 365 -42.56 5.70 -26.08
C VAL A 365 -42.26 4.83 -24.87
N ASP A 366 -41.59 3.70 -25.11
CA ASP A 366 -41.24 2.78 -24.04
C ASP A 366 -39.98 3.27 -23.32
N GLN A 367 -40.19 4.08 -22.29
CA GLN A 367 -39.08 4.65 -21.52
C GLN A 367 -38.29 3.59 -20.76
N LEU A 368 -38.99 2.60 -20.21
CA LEU A 368 -38.35 1.57 -19.40
C LEU A 368 -37.38 0.71 -20.21
N ALA A 369 -37.83 0.27 -21.38
CA ALA A 369 -37.01 -0.56 -22.25
C ALA A 369 -35.75 0.17 -22.70
N LYS A 370 -35.93 1.40 -23.17
CA LYS A 370 -34.81 2.23 -23.60
C LYS A 370 -33.89 2.53 -22.42
N LEU A 371 -34.47 2.61 -21.23
CA LEU A 371 -33.71 2.85 -20.01
C LEU A 371 -32.78 1.67 -19.73
N ILE A 372 -33.32 0.46 -19.79
CA ILE A 372 -32.53 -0.74 -19.59
C ILE A 372 -31.43 -0.86 -20.65
N GLU A 373 -31.83 -0.73 -21.91
CA GLU A 373 -30.92 -0.85 -23.03
C GLU A 373 -29.77 0.16 -22.93
N THR A 374 -30.09 1.39 -22.53
CA THR A 374 -29.09 2.43 -22.36
C THR A 374 -28.21 2.14 -21.15
N LEU A 375 -28.82 1.58 -20.10
CA LEU A 375 -28.08 1.24 -18.88
C LEU A 375 -27.02 0.17 -19.14
N LYS A 376 -27.35 -0.80 -19.98
CA LYS A 376 -26.39 -1.89 -20.24
C LYS A 376 -25.46 -1.62 -21.43
N ASN A 377 -25.89 -0.77 -22.36
CA ASN A 377 -25.07 -0.44 -23.52
C ASN A 377 -24.24 0.82 -23.34
N ASN A 378 -24.64 1.66 -22.39
CA ASN A 378 -23.91 2.90 -22.10
C ASN A 378 -24.11 3.32 -20.65
N PRO A 379 -23.38 2.68 -19.72
CA PRO A 379 -23.55 2.90 -18.28
C PRO A 379 -23.15 4.31 -17.84
N LYS A 380 -22.08 4.85 -18.43
CA LYS A 380 -21.58 6.16 -18.03
C LYS A 380 -22.36 7.31 -18.66
N ASP A 381 -23.52 7.00 -19.23
CA ASP A 381 -24.39 8.03 -19.80
C ASP A 381 -25.02 8.84 -18.67
N ARG A 382 -25.42 10.07 -18.97
CA ARG A 382 -26.02 10.94 -17.97
C ARG A 382 -27.48 11.25 -18.30
N ARG A 383 -28.09 10.39 -19.12
CA ARG A 383 -29.48 10.59 -19.54
C ARG A 383 -30.38 9.44 -19.12
N HIS A 384 -29.92 8.61 -18.19
CA HIS A 384 -30.71 7.50 -17.68
C HIS A 384 -31.89 8.02 -16.87
N ILE A 385 -32.96 8.42 -17.55
CA ILE A 385 -34.08 9.07 -16.88
C ILE A 385 -35.44 8.47 -17.22
N LEU A 386 -36.22 8.17 -16.17
CA LEU A 386 -37.58 7.68 -16.34
C LEU A 386 -38.55 8.68 -15.72
N THR A 387 -39.38 9.29 -16.57
CA THR A 387 -40.33 10.30 -16.11
C THR A 387 -41.77 9.83 -16.25
N ALA A 388 -42.67 10.48 -15.51
CA ALA A 388 -44.08 10.14 -15.55
C ALA A 388 -44.95 11.38 -15.68
N TRP A 389 -44.32 12.55 -15.64
CA TRP A 389 -45.06 13.81 -15.71
C TRP A 389 -45.35 14.21 -17.16
N ASN A 390 -46.59 13.98 -17.59
CA ASN A 390 -47.00 14.32 -18.93
C ASN A 390 -48.17 15.31 -18.90
N PRO A 391 -47.88 16.60 -19.12
CA PRO A 391 -48.86 17.70 -19.10
C PRO A 391 -50.07 17.44 -20.01
N SER A 392 -49.86 16.73 -21.10
CA SER A 392 -50.93 16.45 -22.05
C SER A 392 -51.89 15.39 -21.52
N ALA A 393 -51.43 14.59 -20.57
CA ALA A 393 -52.22 13.48 -20.05
C ALA A 393 -52.67 13.67 -18.60
N LEU A 394 -52.21 14.76 -17.98
CA LEU A 394 -52.53 15.03 -16.58
C LEU A 394 -54.03 15.10 -16.31
N SER A 395 -54.78 15.64 -17.25
CA SER A 395 -56.23 15.81 -17.09
C SER A 395 -56.96 14.46 -17.09
N GLN A 396 -56.39 13.48 -17.77
CA GLN A 396 -57.01 12.16 -17.87
C GLN A 396 -56.67 11.26 -16.69
N MET A 397 -55.54 11.55 -16.04
CA MET A 397 -55.06 10.73 -14.92
C MET A 397 -55.96 10.86 -13.70
N ALA A 398 -56.14 9.75 -12.99
CA ALA A 398 -56.93 9.76 -11.76
C ALA A 398 -56.17 10.49 -10.67
N LEU A 399 -54.84 10.47 -10.77
CA LEU A 399 -53.99 11.17 -9.82
C LEU A 399 -52.62 11.42 -10.45
N PRO A 400 -52.25 12.71 -10.62
CA PRO A 400 -50.96 13.12 -11.17
C PRO A 400 -49.79 12.50 -10.42
N PRO A 401 -48.66 12.28 -11.12
CA PRO A 401 -47.50 11.58 -10.55
C PRO A 401 -46.93 12.26 -9.31
N CYS A 402 -46.86 11.52 -8.21
CA CYS A 402 -46.23 12.01 -7.00
C CYS A 402 -44.73 11.77 -7.07
N HIS A 403 -44.34 10.50 -7.21
CA HIS A 403 -42.96 10.20 -7.54
C HIS A 403 -42.75 10.49 -9.02
N VAL A 404 -42.42 11.75 -9.30
CA VAL A 404 -42.45 12.28 -10.66
C VAL A 404 -41.37 11.74 -11.59
N LEU A 405 -40.12 12.03 -11.28
CA LEU A 405 -39.01 11.70 -12.19
C LEU A 405 -37.87 11.01 -11.47
N SER A 406 -37.30 10.00 -12.12
CA SER A 406 -36.17 9.28 -11.55
C SER A 406 -34.96 9.26 -12.50
N GLN A 407 -33.77 9.24 -11.93
CA GLN A 407 -32.53 9.16 -12.71
C GLN A 407 -31.64 8.07 -12.15
N TYR A 408 -30.98 7.32 -13.02
CA TYR A 408 -30.15 6.20 -12.59
C TYR A 408 -28.68 6.37 -12.94
N TYR A 409 -27.81 5.80 -12.12
CA TYR A 409 -26.38 6.06 -12.22
C TYR A 409 -25.57 4.78 -12.01
N VAL A 410 -24.77 4.41 -12.99
CA VAL A 410 -23.91 3.23 -12.88
C VAL A 410 -22.51 3.63 -12.44
N THR A 411 -22.14 3.25 -11.21
CA THR A 411 -20.84 3.62 -10.66
C THR A 411 -19.71 2.85 -11.33
N ASN A 412 -18.48 3.21 -11.00
CA ASN A 412 -17.30 2.56 -11.58
C ASN A 412 -17.12 1.11 -11.15
N ASP A 413 -17.62 0.78 -9.96
CA ASP A 413 -17.55 -0.57 -9.45
C ASP A 413 -18.83 -1.35 -9.75
N ASN A 414 -19.45 -1.01 -10.86
CA ASN A 414 -20.66 -1.70 -11.35
C ASN A 414 -21.82 -1.76 -10.36
N CYS A 415 -22.09 -0.64 -9.70
CA CYS A 415 -23.24 -0.55 -8.82
C CYS A 415 -24.29 0.40 -9.41
N LEU A 416 -25.55 0.14 -9.08
CA LEU A 416 -26.65 0.94 -9.62
C LEU A 416 -27.29 1.82 -8.55
N SER A 417 -27.13 3.13 -8.69
CA SER A 417 -27.73 4.09 -7.77
C SER A 417 -28.95 4.75 -8.39
N CYS A 418 -29.91 5.12 -7.55
CA CYS A 418 -31.16 5.70 -8.01
C CYS A 418 -31.55 6.98 -7.29
N ASN A 419 -31.87 8.02 -8.06
CA ASN A 419 -32.40 9.26 -7.51
C ASN A 419 -33.85 9.44 -7.92
N LEU A 420 -34.70 9.79 -6.96
CA LEU A 420 -36.12 9.98 -7.24
C LEU A 420 -36.62 11.32 -6.72
N TYR A 421 -37.26 12.10 -7.58
CA TYR A 421 -37.89 13.34 -7.15
C TYR A 421 -39.39 13.14 -6.92
N GLN A 422 -39.86 13.59 -5.78
CA GLN A 422 -41.26 13.41 -5.40
C GLN A 422 -41.90 14.76 -5.07
N ARG A 423 -42.89 15.15 -5.88
CA ARG A 423 -43.54 16.46 -5.70
C ARG A 423 -44.34 16.54 -4.41
N SER A 424 -44.99 15.43 -4.06
CA SER A 424 -45.82 15.39 -2.86
C SER A 424 -45.57 14.08 -2.12
N CYS A 425 -45.43 14.18 -0.79
CA CYS A 425 -45.08 13.02 0.00
C CYS A 425 -45.94 12.86 1.25
N ASP A 426 -46.68 11.75 1.30
CA ASP A 426 -47.43 11.39 2.49
C ASP A 426 -46.49 10.61 3.41
N LEU A 427 -45.95 11.28 4.43
CA LEU A 427 -44.99 10.67 5.34
C LEU A 427 -45.60 9.53 6.15
N GLY A 428 -46.92 9.42 6.14
CA GLY A 428 -47.61 8.36 6.86
C GLY A 428 -47.82 7.11 6.03
N LEU A 429 -48.23 7.28 4.78
CA LEU A 429 -48.55 6.15 3.92
C LEU A 429 -47.64 6.05 2.70
N GLY A 430 -47.60 7.11 1.91
CA GLY A 430 -46.88 7.11 0.65
C GLY A 430 -45.37 6.92 0.73
N SER A 431 -44.73 7.59 1.69
CA SER A 431 -43.27 7.61 1.79
C SER A 431 -42.59 6.23 1.87
N PRO A 432 -42.96 5.40 2.86
CA PRO A 432 -42.27 4.10 2.97
C PRO A 432 -42.47 3.25 1.72
N PHE A 433 -43.69 3.31 1.19
CA PHE A 433 -44.02 2.59 -0.04
C PHE A 433 -43.16 3.05 -1.20
N ASN A 434 -42.93 4.36 -1.30
CA ASN A 434 -42.09 4.90 -2.36
C ASN A 434 -40.63 4.47 -2.23
N ILE A 435 -40.11 4.59 -1.01
CA ILE A 435 -38.73 4.18 -0.71
C ILE A 435 -38.51 2.72 -1.11
N ALA A 436 -39.34 1.83 -0.56
CA ALA A 436 -39.22 0.41 -0.83
C ALA A 436 -39.44 0.09 -2.31
N SER A 437 -40.41 0.75 -2.93
CA SER A 437 -40.73 0.51 -4.34
C SER A 437 -39.56 0.84 -5.26
N TYR A 438 -38.97 2.02 -5.08
CA TYR A 438 -37.84 2.39 -5.92
C TYR A 438 -36.56 1.66 -5.55
N ALA A 439 -36.50 1.17 -4.32
CA ALA A 439 -35.39 0.31 -3.92
C ALA A 439 -35.45 -1.01 -4.70
N ILE A 440 -36.62 -1.66 -4.64
CA ILE A 440 -36.84 -2.91 -5.37
C ILE A 440 -36.66 -2.72 -6.86
N LEU A 441 -37.15 -1.60 -7.39
CA LEU A 441 -37.01 -1.28 -8.81
C LEU A 441 -35.54 -1.13 -9.17
N THR A 442 -34.78 -0.48 -8.30
CA THR A 442 -33.35 -0.31 -8.53
C THR A 442 -32.65 -1.66 -8.56
N MET A 443 -33.06 -2.56 -7.66
CA MET A 443 -32.50 -3.90 -7.62
C MET A 443 -32.83 -4.71 -8.88
N MET A 444 -34.06 -4.58 -9.36
CA MET A 444 -34.50 -5.25 -10.58
C MET A 444 -33.69 -4.76 -11.76
N LEU A 445 -33.62 -3.45 -11.93
CA LEU A 445 -32.82 -2.85 -13.00
C LEU A 445 -31.36 -3.25 -12.89
N ALA A 446 -30.90 -3.48 -11.66
CA ALA A 446 -29.52 -3.91 -11.44
C ALA A 446 -29.30 -5.34 -11.93
N GLN A 447 -30.22 -6.24 -11.59
CA GLN A 447 -30.09 -7.64 -11.99
C GLN A 447 -30.27 -7.81 -13.50
N VAL A 448 -31.23 -7.09 -14.07
CA VAL A 448 -31.51 -7.19 -15.50
C VAL A 448 -30.36 -6.64 -16.33
N CYS A 449 -29.74 -5.57 -15.87
CA CYS A 449 -28.62 -4.95 -16.58
C CYS A 449 -27.27 -5.53 -16.12
N GLY A 450 -27.32 -6.46 -15.16
CA GLY A 450 -26.13 -7.13 -14.69
C GLY A 450 -25.27 -6.30 -13.73
N TYR A 451 -25.93 -5.53 -12.87
CA TYR A 451 -25.22 -4.74 -11.87
C TYR A 451 -25.65 -5.13 -10.46
N GLU A 452 -25.13 -4.41 -9.47
CA GLU A 452 -25.50 -4.61 -8.08
C GLU A 452 -26.14 -3.34 -7.53
N PRO A 453 -27.04 -3.48 -6.55
CA PRO A 453 -27.69 -2.30 -5.96
C PRO A 453 -26.68 -1.39 -5.27
N GLY A 454 -26.92 -0.08 -5.33
CA GLY A 454 -26.03 0.89 -4.73
C GLY A 454 -26.70 1.74 -3.68
N GLU A 455 -26.98 3.00 -4.02
CA GLU A 455 -27.60 3.94 -3.10
C GLU A 455 -28.92 4.48 -3.64
N LEU A 456 -29.80 4.88 -2.72
CA LEU A 456 -31.09 5.45 -3.10
C LEU A 456 -31.31 6.81 -2.47
N ALA A 457 -31.32 7.84 -3.29
CA ALA A 457 -31.54 9.20 -2.82
C ALA A 457 -32.91 9.72 -3.26
N ILE A 458 -33.75 10.07 -2.28
CA ILE A 458 -35.08 10.59 -2.56
C ILE A 458 -35.20 12.06 -2.19
N PHE A 459 -35.42 12.90 -3.20
CA PHE A 459 -35.58 14.33 -3.02
C PHE A 459 -37.06 14.68 -3.01
N ILE A 460 -37.53 15.24 -1.90
CA ILE A 460 -38.94 15.49 -1.69
C ILE A 460 -39.32 16.97 -1.79
N GLY A 461 -40.37 17.26 -2.56
CA GLY A 461 -40.90 18.61 -2.65
C GLY A 461 -41.78 18.94 -1.45
N ASP A 462 -43.08 18.66 -1.57
CA ASP A 462 -44.02 18.93 -0.48
C ASP A 462 -44.06 17.78 0.52
N ALA A 463 -43.18 17.84 1.52
CA ALA A 463 -43.17 16.83 2.57
C ALA A 463 -44.18 17.20 3.65
N HIS A 464 -45.26 16.43 3.74
CA HIS A 464 -46.37 16.78 4.62
C HIS A 464 -46.89 15.61 5.45
N ILE A 465 -47.53 15.95 6.58
CA ILE A 465 -48.20 14.97 7.42
C ILE A 465 -49.66 15.34 7.60
N TYR A 466 -50.56 14.42 7.24
CA TYR A 466 -51.99 14.65 7.43
C TYR A 466 -52.34 14.71 8.90
N GLU A 467 -53.30 15.56 9.25
CA GLU A 467 -53.63 15.83 10.64
C GLU A 467 -54.27 14.64 11.36
N ASN A 468 -54.69 13.63 10.59
CA ASN A 468 -55.26 12.43 11.17
C ASN A 468 -54.22 11.32 11.38
N HIS A 469 -52.96 11.64 11.13
CA HIS A 469 -51.87 10.69 11.30
C HIS A 469 -50.94 11.12 12.43
N LEU A 470 -51.32 12.17 13.14
CA LEU A 470 -50.48 12.74 14.19
C LEU A 470 -50.13 11.77 15.32
N THR A 471 -51.14 11.28 16.03
CA THR A 471 -50.92 10.37 17.15
C THR A 471 -50.21 9.10 16.71
N GLN A 472 -50.52 8.66 15.49
CA GLN A 472 -49.91 7.44 14.94
C GLN A 472 -48.41 7.61 14.69
N LEU A 473 -48.03 8.69 14.03
CA LEU A 473 -46.63 8.96 13.74
C LEU A 473 -45.84 9.32 15.00
N LYS A 474 -46.51 9.98 15.94
CA LYS A 474 -45.90 10.29 17.23
C LYS A 474 -45.69 8.99 18.01
N GLU A 475 -46.54 8.00 17.75
CA GLU A 475 -46.37 6.67 18.31
C GLU A 475 -45.19 5.95 17.65
N GLN A 476 -45.06 6.13 16.33
CA GLN A 476 -43.98 5.52 15.57
C GLN A 476 -42.62 6.08 15.99
N LEU A 477 -42.59 7.36 16.35
CA LEU A 477 -41.35 8.02 16.76
C LEU A 477 -40.86 7.52 18.11
N SER A 478 -41.71 6.84 18.85
CA SER A 478 -41.35 6.33 20.17
C SER A 478 -40.70 4.96 20.10
N ARG A 479 -40.34 4.54 18.88
CA ARG A 479 -39.77 3.22 18.68
C ARG A 479 -38.33 3.31 18.14
N THR A 480 -37.39 2.76 18.91
CA THR A 480 -35.99 2.74 18.50
C THR A 480 -35.78 1.78 17.33
N PRO A 481 -35.25 2.29 16.21
CA PRO A 481 -35.08 1.55 14.97
C PRO A 481 -34.29 0.24 15.11
N ARG A 482 -34.59 -0.71 14.23
CA ARG A 482 -33.90 -1.98 14.17
C ARG A 482 -33.23 -2.08 12.81
N PRO A 483 -32.19 -2.94 12.69
CA PRO A 483 -31.47 -3.07 11.42
C PRO A 483 -32.35 -3.42 10.23
N PHE A 484 -32.08 -2.79 9.09
CA PHE A 484 -32.81 -3.04 7.86
C PHE A 484 -32.70 -4.51 7.43
N PRO A 485 -33.76 -5.05 6.82
CA PRO A 485 -33.73 -6.43 6.34
C PRO A 485 -32.91 -6.58 5.07
N GLN A 486 -32.88 -7.78 4.51
CA GLN A 486 -32.19 -8.05 3.26
C GLN A 486 -33.19 -8.50 2.21
N LEU A 487 -32.92 -8.16 0.95
CA LEU A 487 -33.79 -8.58 -0.15
C LEU A 487 -33.01 -9.36 -1.19
N LYS A 488 -33.39 -10.61 -1.41
CA LYS A 488 -32.72 -11.45 -2.40
C LYS A 488 -33.69 -12.05 -3.40
N PHE A 489 -33.28 -12.09 -4.67
CA PHE A 489 -34.10 -12.73 -5.71
C PHE A 489 -33.74 -14.20 -5.84
N LYS A 490 -34.75 -15.05 -5.94
CA LYS A 490 -34.54 -16.49 -6.00
C LYS A 490 -34.11 -16.97 -7.38
N ARG A 491 -34.40 -16.18 -8.40
CA ARG A 491 -34.04 -16.55 -9.76
C ARG A 491 -33.73 -15.33 -10.62
N LYS A 492 -32.91 -15.51 -11.64
CA LYS A 492 -32.59 -14.43 -12.56
C LYS A 492 -33.49 -14.50 -13.79
N VAL A 493 -34.20 -13.42 -14.06
CA VAL A 493 -35.15 -13.38 -15.18
C VAL A 493 -34.51 -12.76 -16.42
N GLU A 494 -35.10 -13.04 -17.58
CA GLU A 494 -34.62 -12.48 -18.84
C GLU A 494 -35.33 -11.16 -19.14
N ASN A 495 -36.59 -11.07 -18.76
CA ASN A 495 -37.35 -9.84 -18.91
C ASN A 495 -37.77 -9.31 -17.53
N ILE A 496 -37.68 -8.00 -17.35
CA ILE A 496 -37.96 -7.39 -16.06
C ILE A 496 -39.43 -7.51 -15.64
N GLU A 497 -40.30 -7.73 -16.61
CA GLU A 497 -41.73 -7.86 -16.33
C GLU A 497 -42.10 -9.27 -15.90
N ASP A 498 -41.12 -10.16 -15.84
CA ASP A 498 -41.36 -11.56 -15.50
C ASP A 498 -41.18 -11.84 -14.01
N PHE A 499 -40.89 -10.80 -13.23
CA PHE A 499 -40.72 -10.95 -11.79
C PHE A 499 -42.02 -11.37 -11.10
N LYS A 500 -41.90 -12.30 -10.15
CA LYS A 500 -43.04 -12.78 -9.40
C LYS A 500 -42.80 -12.61 -7.90
N TRP A 501 -43.87 -12.61 -7.13
CA TRP A 501 -43.78 -12.43 -5.68
C TRP A 501 -43.05 -13.59 -5.00
N GLU A 502 -43.16 -14.76 -5.60
CA GLU A 502 -42.51 -15.96 -5.07
C GLU A 502 -41.00 -15.90 -5.28
N ASP A 503 -40.57 -15.04 -6.19
CA ASP A 503 -39.15 -14.89 -6.49
C ASP A 503 -38.44 -13.99 -5.49
N ILE A 504 -39.23 -13.38 -4.60
CA ILE A 504 -38.69 -12.46 -3.61
C ILE A 504 -38.50 -13.09 -2.23
N GLU A 505 -37.30 -12.95 -1.69
CA GLU A 505 -36.98 -13.48 -0.37
C GLU A 505 -36.51 -12.35 0.56
N LEU A 506 -37.32 -12.07 1.57
CA LEU A 506 -37.02 -11.03 2.55
C LEU A 506 -36.44 -11.65 3.83
N ILE A 507 -35.18 -11.36 4.09
CA ILE A 507 -34.45 -12.03 5.17
C ILE A 507 -34.14 -11.10 6.34
N GLY A 508 -34.59 -11.49 7.53
CA GLY A 508 -34.24 -10.78 8.75
C GLY A 508 -35.07 -9.54 9.02
N TYR A 509 -36.35 -9.59 8.65
CA TYR A 509 -37.23 -8.45 8.88
C TYR A 509 -38.06 -8.65 10.15
N TYR A 510 -37.66 -7.97 11.21
CA TYR A 510 -38.36 -8.05 12.50
C TYR A 510 -38.81 -6.66 12.93
N PRO A 511 -39.89 -6.15 12.32
CA PRO A 511 -40.33 -4.77 12.57
C PRO A 511 -41.24 -4.64 13.77
N TYR A 512 -41.46 -3.41 14.21
CA TYR A 512 -42.44 -3.11 15.24
C TYR A 512 -43.84 -3.34 14.66
N PRO A 513 -44.84 -3.56 15.53
CA PRO A 513 -46.21 -3.80 15.06
C PRO A 513 -46.73 -2.74 14.08
N THR A 514 -47.64 -3.14 13.20
CA THR A 514 -48.18 -2.24 12.20
C THR A 514 -48.98 -1.09 12.82
N ILE A 515 -49.02 0.04 12.12
CA ILE A 515 -49.77 1.20 12.59
C ILE A 515 -50.83 1.58 11.56
N LYS A 516 -52.09 1.41 11.93
CA LYS A 516 -53.21 1.66 11.02
C LYS A 516 -53.41 3.16 10.78
N MET A 517 -53.37 3.56 9.52
CA MET A 517 -53.58 4.95 9.15
C MET A 517 -54.45 5.05 7.89
N ASP A 518 -55.43 5.95 7.93
CA ASP A 518 -56.39 6.08 6.83
C ASP A 518 -55.89 6.99 5.72
N MET A 519 -56.21 6.62 4.49
CA MET A 519 -55.81 7.41 3.33
C MET A 519 -56.82 8.51 3.01
N ALA A 520 -56.33 9.72 2.80
CA ALA A 520 -57.19 10.85 2.44
C ALA A 520 -57.51 10.82 0.95
N VAL A 521 -58.76 10.51 0.62
CA VAL A 521 -59.18 10.40 -0.77
C VAL A 521 -59.23 11.76 -1.45
N GLU B 3 -8.22 35.49 34.64
CA GLU B 3 -8.41 35.63 33.20
C GLU B 3 -9.88 35.89 32.86
N LYS B 4 -10.10 36.85 31.98
CA LYS B 4 -11.46 37.22 31.56
C LYS B 4 -11.48 37.50 30.06
N ASN B 5 -12.59 37.17 29.41
CA ASN B 5 -12.69 37.29 27.96
C ASN B 5 -12.86 38.72 27.46
N VAL B 6 -12.04 39.09 26.47
CA VAL B 6 -12.11 40.40 25.86
C VAL B 6 -12.41 40.26 24.36
N SER B 7 -13.62 40.63 23.97
CA SER B 7 -14.04 40.50 22.57
C SER B 7 -14.14 41.85 21.88
N ILE B 8 -13.92 41.85 20.57
CA ILE B 8 -14.05 43.07 19.78
C ILE B 8 -15.33 43.06 18.96
N VAL B 9 -16.10 44.14 19.04
CA VAL B 9 -17.31 44.27 18.24
C VAL B 9 -17.15 45.41 17.24
N VAL B 10 -17.32 45.12 15.96
CA VAL B 10 -17.09 46.11 14.92
C VAL B 10 -17.87 45.82 13.63
N ALA B 11 -18.42 46.89 13.04
CA ALA B 11 -19.06 46.80 11.74
C ALA B 11 -18.21 47.52 10.70
N ALA B 12 -17.62 46.75 9.79
CA ALA B 12 -16.76 47.32 8.76
C ALA B 12 -17.28 46.99 7.36
N SER B 13 -16.84 47.76 6.37
CA SER B 13 -17.21 47.49 4.99
C SER B 13 -16.58 46.19 4.53
N VAL B 14 -17.14 45.59 3.49
CA VAL B 14 -16.72 44.27 3.04
C VAL B 14 -15.27 44.22 2.53
N LEU B 15 -14.86 45.23 1.76
CA LEU B 15 -13.54 45.22 1.15
C LEU B 15 -12.51 46.05 1.92
N SER B 16 -12.67 47.37 1.90
CA SER B 16 -11.68 48.27 2.49
C SER B 16 -11.81 48.36 4.02
N SER B 17 -12.80 47.67 4.57
CA SER B 17 -13.01 47.62 6.02
C SER B 17 -13.18 48.99 6.66
N GLY B 18 -13.89 49.88 5.97
CA GLY B 18 -14.19 51.19 6.52
C GLY B 18 -15.27 51.08 7.59
N ILE B 19 -15.15 51.88 8.64
CA ILE B 19 -16.08 51.80 9.76
C ILE B 19 -16.79 53.12 10.05
N GLY B 20 -16.25 54.22 9.56
CA GLY B 20 -16.82 55.53 9.84
C GLY B 20 -16.45 56.60 8.84
N ILE B 21 -17.22 57.69 8.84
CA ILE B 21 -16.95 58.83 7.97
C ILE B 21 -17.41 60.14 8.62
N ASN B 22 -16.49 61.09 8.72
CA ASN B 22 -16.77 62.41 9.29
C ASN B 22 -17.37 62.35 10.70
N GLY B 23 -16.89 61.41 11.50
CA GLY B 23 -17.33 61.29 12.87
C GLY B 23 -18.65 60.56 13.04
N GLN B 24 -19.04 59.81 12.03
CA GLN B 24 -20.28 59.02 12.08
C GLN B 24 -20.23 57.82 11.15
N LEU B 25 -21.24 56.96 11.25
CA LEU B 25 -21.31 55.76 10.42
C LEU B 25 -21.78 56.09 9.01
N PRO B 26 -21.18 55.42 8.01
CA PRO B 26 -21.55 55.57 6.60
C PRO B 26 -22.77 54.74 6.22
N TRP B 27 -23.50 54.24 7.22
CA TRP B 27 -24.70 53.46 6.97
C TRP B 27 -25.65 53.51 8.16
N SER B 28 -26.90 53.09 7.94
CA SER B 28 -27.88 53.03 9.01
C SER B 28 -28.60 51.69 9.01
N ILE B 29 -28.09 50.75 9.82
CA ILE B 29 -28.69 49.42 9.92
C ILE B 29 -29.13 49.14 11.35
N SER B 30 -30.43 49.20 11.58
CA SER B 30 -30.98 49.02 12.93
C SER B 30 -30.70 47.62 13.47
N GLU B 31 -30.72 46.62 12.59
CA GLU B 31 -30.47 45.24 12.98
C GLU B 31 -29.03 45.09 13.50
N ASP B 32 -28.13 45.89 12.97
CA ASP B 32 -26.73 45.86 13.37
C ASP B 32 -26.56 46.44 14.77
N LEU B 33 -27.20 47.57 15.03
CA LEU B 33 -27.15 48.20 16.33
C LEU B 33 -27.80 47.30 17.37
N LYS B 34 -28.88 46.63 16.97
CA LYS B 34 -29.53 45.67 17.84
C LYS B 34 -28.59 44.51 18.14
N PHE B 35 -27.88 44.05 17.12
CA PHE B 35 -26.90 42.99 17.29
C PHE B 35 -25.82 43.38 18.29
N PHE B 36 -25.34 44.62 18.18
CA PHE B 36 -24.37 45.15 19.13
C PHE B 36 -24.94 45.13 20.54
N SER B 37 -26.18 45.59 20.66
CA SER B 37 -26.86 45.68 21.94
C SER B 37 -26.97 44.31 22.62
N LYS B 38 -27.39 43.31 21.85
CA LYS B 38 -27.59 41.97 22.40
C LYS B 38 -26.28 41.26 22.68
N ILE B 39 -25.29 41.49 21.82
CA ILE B 39 -23.98 40.84 21.97
C ILE B 39 -23.15 41.46 23.10
N THR B 40 -23.51 42.69 23.49
CA THR B 40 -22.81 43.35 24.59
C THR B 40 -23.56 43.19 25.91
N ASN B 41 -24.85 42.87 25.82
CA ASN B 41 -25.66 42.63 27.01
C ASN B 41 -25.65 41.16 27.41
N ASN B 42 -25.01 40.33 26.60
CA ASN B 42 -24.97 38.89 26.86
C ASN B 42 -24.09 38.57 28.06
N LYS B 43 -24.69 37.97 29.08
CA LYS B 43 -23.96 37.62 30.30
C LYS B 43 -24.64 36.48 31.05
N CYS B 44 -23.90 35.88 31.98
CA CYS B 44 -24.42 34.78 32.78
C CYS B 44 -24.85 35.25 34.17
N ASP B 45 -23.95 35.95 34.85
CA ASP B 45 -24.22 36.44 36.20
C ASP B 45 -25.06 37.72 36.14
N SER B 46 -26.17 37.73 36.87
CA SER B 46 -27.05 38.89 36.92
C SER B 46 -26.46 40.00 37.78
N ASN B 47 -25.57 39.63 38.70
CA ASN B 47 -24.93 40.59 39.58
C ASN B 47 -23.73 41.27 38.92
N LYS B 48 -23.42 40.86 37.70
CA LYS B 48 -22.29 41.44 36.97
C LYS B 48 -22.76 42.21 35.74
N LYS B 49 -21.86 43.04 35.20
CA LYS B 49 -22.14 43.82 34.00
C LYS B 49 -21.01 43.63 33.00
N ASN B 50 -21.20 44.13 31.78
CA ASN B 50 -20.15 44.08 30.77
C ASN B 50 -19.53 45.46 30.54
N ALA B 51 -18.21 45.50 30.45
CA ALA B 51 -17.49 46.75 30.26
C ALA B 51 -17.29 47.02 28.78
N LEU B 52 -17.55 48.27 28.37
CA LEU B 52 -17.43 48.65 26.97
C LEU B 52 -16.33 49.68 26.76
N ILE B 53 -15.23 49.24 26.16
CA ILE B 53 -14.11 50.13 25.88
C ILE B 53 -14.30 50.79 24.53
N MET B 54 -14.18 52.11 24.49
CA MET B 54 -14.32 52.86 23.25
C MET B 54 -13.46 54.11 23.28
N GLY B 55 -13.14 54.64 22.10
CA GLY B 55 -12.34 55.85 22.00
C GLY B 55 -13.14 57.08 22.43
N ARG B 56 -12.44 58.20 22.56
CA ARG B 56 -13.09 59.45 22.96
C ARG B 56 -14.02 59.96 21.87
N LYS B 57 -13.58 59.87 20.63
CA LYS B 57 -14.37 60.33 19.49
C LYS B 57 -15.60 59.47 19.29
N THR B 58 -15.48 58.18 19.59
CA THR B 58 -16.62 57.27 19.55
C THR B 58 -17.60 57.62 20.66
N TRP B 59 -17.04 57.98 21.81
CA TRP B 59 -17.84 58.42 22.96
C TRP B 59 -18.58 59.71 22.64
N ASP B 60 -18.00 60.52 21.77
CA ASP B 60 -18.64 61.75 21.31
C ASP B 60 -19.71 61.41 20.27
N SER B 61 -19.46 60.36 19.49
CA SER B 61 -20.35 59.94 18.42
C SER B 61 -21.71 59.49 18.94
N ILE B 62 -21.71 58.84 20.10
CA ILE B 62 -22.96 58.34 20.69
C ILE B 62 -23.66 59.40 21.54
N GLY B 63 -23.21 60.65 21.42
CA GLY B 63 -23.83 61.75 22.11
C GLY B 63 -23.45 61.85 23.57
N ARG B 64 -22.40 61.10 23.96
CA ARG B 64 -21.92 61.08 25.34
C ARG B 64 -23.00 60.70 26.34
N ARG B 65 -23.80 59.69 25.99
CA ARG B 65 -24.84 59.19 26.89
C ARG B 65 -24.64 57.68 27.10
N PRO B 66 -24.71 57.24 28.36
CA PRO B 66 -24.41 55.85 28.74
C PRO B 66 -25.41 54.84 28.17
N LEU B 67 -24.95 53.60 27.99
CA LEU B 67 -25.80 52.52 27.52
C LEU B 67 -26.29 51.71 28.72
N LYS B 68 -27.58 51.38 28.71
CA LYS B 68 -28.21 50.71 29.84
C LYS B 68 -27.62 49.32 30.08
N ASN B 69 -27.53 48.94 31.35
CA ASN B 69 -27.04 47.63 31.77
C ASN B 69 -25.60 47.34 31.35
N ARG B 70 -24.86 48.41 31.05
CA ARG B 70 -23.47 48.29 30.64
C ARG B 70 -22.63 49.43 31.19
N ILE B 71 -21.33 49.20 31.32
CA ILE B 71 -20.41 50.22 31.82
C ILE B 71 -19.46 50.67 30.71
N ILE B 72 -19.65 51.90 30.23
CA ILE B 72 -18.83 52.42 29.14
C ILE B 72 -17.49 52.93 29.66
N VAL B 73 -16.40 52.40 29.11
CA VAL B 73 -15.06 52.83 29.46
C VAL B 73 -14.47 53.68 28.35
N VAL B 74 -14.30 54.96 28.62
CA VAL B 74 -13.81 55.91 27.62
C VAL B 74 -12.30 56.11 27.72
N ILE B 75 -11.61 55.94 26.60
CA ILE B 75 -10.17 56.18 26.53
C ILE B 75 -9.92 57.59 26.04
N SER B 76 -9.32 58.41 26.90
CA SER B 76 -9.03 59.79 26.55
C SER B 76 -7.90 60.36 27.40
N SER B 77 -7.12 61.26 26.81
CA SER B 77 -6.02 61.91 27.50
C SER B 77 -6.44 63.27 28.03
N SER B 78 -7.64 63.70 27.69
CA SER B 78 -8.14 65.01 28.09
C SER B 78 -9.34 64.93 29.04
N LEU B 79 -10.20 63.94 28.83
CA LEU B 79 -11.40 63.79 29.64
C LEU B 79 -11.10 63.50 31.10
N PRO B 80 -11.59 64.37 32.00
CA PRO B 80 -11.39 64.24 33.45
C PRO B 80 -12.08 63.00 34.01
N GLN B 81 -11.47 62.40 35.03
CA GLN B 81 -12.05 61.21 35.66
C GLN B 81 -13.36 61.57 36.36
N ASP B 82 -14.45 61.52 35.62
CA ASP B 82 -15.77 61.85 36.14
C ASP B 82 -16.25 60.81 37.15
N GLU B 83 -16.26 61.21 38.42
CA GLU B 83 -16.72 60.33 39.49
C GLU B 83 -18.22 60.49 39.71
N ALA B 84 -18.82 61.41 38.97
CA ALA B 84 -20.25 61.67 39.07
C ALA B 84 -21.06 60.51 38.52
N ASP B 85 -20.93 60.27 37.22
CA ASP B 85 -21.64 59.18 36.55
C ASP B 85 -20.99 57.84 36.88
N PRO B 86 -21.73 56.95 37.56
CA PRO B 86 -21.22 55.65 37.98
C PRO B 86 -21.26 54.62 36.83
N ASN B 87 -21.81 55.02 35.69
CA ASN B 87 -21.92 54.12 34.55
C ASN B 87 -20.85 54.37 33.49
N VAL B 88 -20.13 55.48 33.64
CA VAL B 88 -19.08 55.84 32.70
C VAL B 88 -17.78 56.12 33.44
N VAL B 89 -16.68 55.58 32.93
CA VAL B 89 -15.37 55.77 33.56
C VAL B 89 -14.31 56.07 32.49
N VAL B 90 -13.36 56.93 32.83
CA VAL B 90 -12.32 57.35 31.90
C VAL B 90 -10.92 56.91 32.34
N PHE B 91 -10.18 56.32 31.41
CA PHE B 91 -8.79 55.94 31.66
C PHE B 91 -7.85 56.67 30.71
N ARG B 92 -6.59 56.81 31.12
CA ARG B 92 -5.61 57.56 30.34
C ARG B 92 -5.03 56.74 29.20
N ASN B 93 -4.95 55.43 29.38
CA ASN B 93 -4.45 54.55 28.33
C ASN B 93 -5.24 53.25 28.27
N LEU B 94 -5.11 52.53 27.16
CA LEU B 94 -5.86 51.30 26.94
C LEU B 94 -5.43 50.19 27.90
N GLU B 95 -4.13 50.11 28.17
CA GLU B 95 -3.60 49.07 29.04
C GLU B 95 -4.13 49.19 30.47
N ASP B 96 -4.08 50.41 31.01
CA ASP B 96 -4.57 50.66 32.37
C ASP B 96 -6.08 50.47 32.46
N SER B 97 -6.77 50.68 31.34
CA SER B 97 -8.22 50.54 31.30
C SER B 97 -8.62 49.09 31.53
N ILE B 98 -7.77 48.17 31.09
CA ILE B 98 -8.02 46.74 31.29
C ILE B 98 -7.48 46.31 32.66
N GLU B 99 -8.05 46.89 33.71
CA GLU B 99 -7.76 46.50 35.08
C GLU B 99 -8.90 45.63 35.57
N ASN B 100 -9.91 45.49 34.73
CA ASN B 100 -11.09 44.68 35.03
C ASN B 100 -10.73 43.22 35.28
N LEU B 101 -9.57 42.80 34.77
CA LEU B 101 -9.08 41.45 34.99
C LEU B 101 -8.68 41.28 36.45
N MET B 102 -7.73 42.10 36.88
CA MET B 102 -7.16 42.00 38.24
C MET B 102 -8.14 42.43 39.32
N ASN B 103 -8.92 43.47 39.05
CA ASN B 103 -9.86 43.98 40.04
C ASN B 103 -11.26 44.19 39.47
N ASP B 104 -12.16 44.69 40.30
CA ASP B 104 -13.56 44.91 39.91
C ASP B 104 -14.22 43.64 39.41
N ASP B 105 -14.68 42.81 40.33
CA ASP B 105 -15.30 41.53 39.98
C ASP B 105 -16.76 41.70 39.55
N SER B 106 -17.19 42.95 39.41
CA SER B 106 -18.55 43.24 38.96
C SER B 106 -18.62 43.18 37.43
N ILE B 107 -17.48 42.99 36.80
CA ILE B 107 -17.43 42.86 35.34
C ILE B 107 -17.25 41.40 34.94
N GLU B 108 -18.12 40.93 34.04
CA GLU B 108 -18.09 39.54 33.58
C GLU B 108 -17.38 39.42 32.24
N ASN B 109 -17.63 40.37 31.36
CA ASN B 109 -17.01 40.39 30.04
C ASN B 109 -16.54 41.78 29.65
N ILE B 110 -15.52 41.84 28.79
CA ILE B 110 -14.98 43.10 28.32
C ILE B 110 -15.10 43.20 26.81
N PHE B 111 -15.64 44.32 26.32
CA PHE B 111 -15.82 44.51 24.89
C PHE B 111 -15.14 45.79 24.39
N VAL B 112 -14.41 45.66 23.29
CA VAL B 112 -13.89 46.81 22.58
C VAL B 112 -14.92 47.19 21.51
N CYS B 113 -15.55 48.34 21.70
CA CYS B 113 -16.72 48.69 20.91
C CYS B 113 -16.45 49.57 19.70
N GLY B 114 -15.33 50.29 19.72
CA GLY B 114 -15.01 51.15 18.60
C GLY B 114 -13.81 52.05 18.74
N GLY B 115 -13.39 52.62 17.61
CA GLY B 115 -12.21 53.46 17.55
C GLY B 115 -11.08 52.76 16.83
N GLU B 116 -10.73 53.25 15.64
CA GLU B 116 -9.62 52.70 14.89
C GLU B 116 -8.32 52.83 15.67
N SER B 117 -8.15 53.98 16.30
CA SER B 117 -6.97 54.22 17.14
C SER B 117 -6.98 53.26 18.33
N ILE B 118 -8.17 52.84 18.74
CA ILE B 118 -8.31 51.89 19.83
C ILE B 118 -8.17 50.45 19.33
N TYR B 119 -8.86 50.14 18.24
CA TYR B 119 -8.78 48.81 17.63
C TYR B 119 -7.33 48.41 17.33
N ARG B 120 -6.62 49.33 16.68
CA ARG B 120 -5.26 49.06 16.20
C ARG B 120 -4.29 48.71 17.33
N ASP B 121 -4.34 49.45 18.43
CA ASP B 121 -3.45 49.17 19.55
C ASP B 121 -4.06 48.17 20.54
N ALA B 122 -5.30 47.75 20.28
CA ALA B 122 -5.90 46.65 21.02
C ALA B 122 -5.45 45.34 20.37
N LEU B 123 -5.15 45.42 19.07
CA LEU B 123 -4.61 44.29 18.33
C LEU B 123 -3.10 44.23 18.47
N LYS B 124 -2.46 45.38 18.44
CA LYS B 124 -1.00 45.47 18.49
C LYS B 124 -0.45 44.99 19.82
N ASP B 125 -1.16 45.28 20.90
CA ASP B 125 -0.72 44.89 22.24
C ASP B 125 -1.33 43.55 22.64
N ASN B 126 -2.09 42.95 21.74
CA ASN B 126 -2.68 41.62 21.93
C ASN B 126 -3.52 41.51 23.20
N PHE B 127 -4.70 42.11 23.18
CA PHE B 127 -5.61 42.05 24.32
C PHE B 127 -6.94 41.39 23.92
N VAL B 128 -7.10 41.15 22.62
CA VAL B 128 -8.37 40.67 22.09
C VAL B 128 -8.38 39.15 21.93
N ASP B 129 -9.43 38.53 22.44
CA ASP B 129 -9.61 37.08 22.34
C ASP B 129 -10.55 36.72 21.19
N ARG B 130 -11.63 37.49 21.05
CA ARG B 130 -12.65 37.21 20.06
C ARG B 130 -12.97 38.46 19.25
N ILE B 131 -13.43 38.28 18.02
CA ILE B 131 -13.79 39.39 17.15
C ILE B 131 -15.16 39.19 16.51
N TYR B 132 -16.09 40.11 16.78
CA TYR B 132 -17.40 40.05 16.14
C TYR B 132 -17.46 41.05 15.00
N LEU B 133 -17.14 40.58 13.79
CA LEU B 133 -17.08 41.46 12.63
C LEU B 133 -18.39 41.46 11.83
N THR B 134 -18.96 42.64 11.61
CA THR B 134 -20.16 42.77 10.81
C THR B 134 -19.83 43.40 9.46
N ARG B 135 -19.58 42.55 8.46
CA ARG B 135 -19.24 43.02 7.13
C ARG B 135 -20.44 43.65 6.43
N VAL B 136 -20.24 44.85 5.88
CA VAL B 136 -21.31 45.56 5.18
C VAL B 136 -20.96 45.71 3.70
N ALA B 137 -21.94 45.50 2.82
CA ALA B 137 -21.68 45.44 1.38
C ALA B 137 -21.88 46.77 0.65
N LEU B 138 -20.98 47.72 0.89
CA LEU B 138 -20.92 48.95 0.11
C LEU B 138 -19.52 49.54 0.14
N GLU B 139 -19.00 49.92 -1.03
CA GLU B 139 -17.62 50.36 -1.14
C GLU B 139 -17.44 51.58 -2.04
N ASP B 140 -18.50 51.96 -2.74
CA ASP B 140 -18.44 53.11 -3.64
C ASP B 140 -18.77 54.41 -2.91
N ILE B 141 -18.43 54.47 -1.63
CA ILE B 141 -18.64 55.66 -0.82
C ILE B 141 -17.32 56.13 -0.21
N GLU B 142 -17.39 57.13 0.67
CA GLU B 142 -16.18 57.72 1.25
C GLU B 142 -15.98 57.30 2.71
N PHE B 143 -14.74 56.94 3.03
CA PHE B 143 -14.38 56.59 4.41
C PHE B 143 -13.21 57.44 4.89
N ASP B 144 -13.10 57.60 6.20
CA ASP B 144 -11.95 58.28 6.79
C ASP B 144 -11.42 57.49 7.99
N THR B 145 -12.19 56.50 8.41
CA THR B 145 -11.82 55.66 9.54
C THR B 145 -12.01 54.20 9.17
N TYR B 146 -10.93 53.43 9.24
CA TYR B 146 -10.95 52.04 8.78
C TYR B 146 -10.74 51.05 9.92
N PHE B 147 -11.04 49.78 9.67
CA PHE B 147 -10.76 48.74 10.65
C PHE B 147 -9.48 48.02 10.25
N PRO B 148 -8.52 47.93 11.19
CA PRO B 148 -7.20 47.33 10.93
C PRO B 148 -7.32 45.89 10.46
N GLU B 149 -6.41 45.48 9.57
CA GLU B 149 -6.42 44.13 9.03
C GLU B 149 -6.20 43.10 10.14
N ILE B 150 -7.07 42.12 10.19
CA ILE B 150 -7.00 41.08 11.22
C ILE B 150 -5.73 40.24 11.07
N PRO B 151 -4.92 40.17 12.14
CA PRO B 151 -3.67 39.42 12.13
C PRO B 151 -3.90 37.92 11.93
N GLU B 152 -2.85 37.20 11.55
CA GLU B 152 -2.95 35.77 11.25
C GLU B 152 -3.19 34.92 12.48
N THR B 153 -3.10 35.52 13.66
CA THR B 153 -3.33 34.81 14.91
C THR B 153 -4.80 34.49 15.10
N PHE B 154 -5.65 35.15 14.34
CA PHE B 154 -7.09 34.92 14.40
C PHE B 154 -7.57 34.06 13.23
N LEU B 155 -8.61 33.26 13.48
CA LEU B 155 -9.20 32.43 12.45
C LEU B 155 -10.72 32.50 12.53
N PRO B 156 -11.38 32.62 11.37
CA PRO B 156 -12.84 32.66 11.31
C PRO B 156 -13.45 31.33 11.75
N VAL B 157 -14.49 31.39 12.57
CA VAL B 157 -15.16 30.19 13.06
C VAL B 157 -16.65 30.23 12.77
N TYR B 158 -17.12 31.35 12.24
CA TYR B 158 -18.55 31.51 11.94
C TYR B 158 -18.80 32.55 10.85
N MET B 159 -19.78 32.27 10.00
CA MET B 159 -20.19 33.22 8.97
C MET B 159 -21.69 33.07 8.68
N SER B 160 -22.48 34.01 9.20
CA SER B 160 -23.94 33.94 9.07
C SER B 160 -24.40 34.11 7.63
N GLN B 161 -25.69 33.88 7.40
CA GLN B 161 -26.28 34.10 6.09
C GLN B 161 -26.31 35.59 5.79
N THR B 162 -26.46 35.94 4.52
CA THR B 162 -26.52 37.35 4.12
C THR B 162 -27.89 37.95 4.44
N PHE B 163 -27.88 39.04 5.21
CA PHE B 163 -29.10 39.75 5.54
C PHE B 163 -29.22 41.04 4.76
N CYS B 164 -30.45 41.56 4.65
CA CYS B 164 -30.71 42.76 3.87
C CYS B 164 -31.50 43.80 4.63
N THR B 165 -31.00 45.04 4.63
CA THR B 165 -31.70 46.17 5.24
C THR B 165 -31.48 47.40 4.36
N LYS B 166 -32.58 47.96 3.86
CA LYS B 166 -32.53 49.08 2.91
C LYS B 166 -31.68 48.73 1.69
N ASN B 167 -31.91 47.54 1.15
CA ASN B 167 -31.17 47.03 -0.01
C ASN B 167 -29.67 46.93 0.21
N ILE B 168 -29.27 46.81 1.47
CA ILE B 168 -27.86 46.65 1.82
C ILE B 168 -27.59 45.26 2.40
N SER B 169 -26.66 44.54 1.79
CA SER B 169 -26.31 43.20 2.24
C SER B 169 -25.28 43.24 3.37
N TYR B 170 -25.42 42.34 4.34
CA TYR B 170 -24.45 42.27 5.43
C TYR B 170 -24.37 40.90 6.10
N ASP B 171 -23.20 40.59 6.65
CA ASP B 171 -22.95 39.32 7.31
C ASP B 171 -22.55 39.49 8.77
N PHE B 172 -22.52 38.38 9.50
CA PHE B 172 -22.03 38.36 10.87
C PHE B 172 -20.99 37.27 11.03
N MET B 173 -19.75 37.67 11.32
CA MET B 173 -18.66 36.70 11.46
C MET B 173 -17.99 36.77 12.82
N ILE B 174 -17.45 35.62 13.23
CA ILE B 174 -16.74 35.52 14.50
C ILE B 174 -15.31 35.02 14.25
N PHE B 175 -14.33 35.75 14.77
CA PHE B 175 -12.94 35.34 14.66
C PHE B 175 -12.39 34.97 16.03
N GLU B 176 -11.77 33.80 16.12
CA GLU B 176 -11.24 33.32 17.39
C GLU B 176 -9.72 33.26 17.34
N LYS B 177 -9.08 33.60 18.45
CA LYS B 177 -7.62 33.60 18.51
C LYS B 177 -7.11 32.22 18.90
N GLN B 178 -6.82 31.39 17.90
CA GLN B 178 -6.32 30.04 18.13
C GLN B 178 -4.98 29.82 17.44
N LEU B 193 -17.80 12.73 21.54
CA LEU B 193 -17.03 11.78 22.35
C LEU B 193 -16.07 10.97 21.49
N LYS B 194 -14.91 10.64 22.05
CA LYS B 194 -13.87 9.95 21.31
C LYS B 194 -14.32 8.55 20.89
N SER B 195 -15.19 7.95 21.70
CA SER B 195 -15.67 6.59 21.48
C SER B 195 -16.35 6.44 20.13
N ILE B 196 -17.29 7.34 19.83
CA ILE B 196 -18.03 7.29 18.58
C ILE B 196 -17.12 7.44 17.37
N ASP B 197 -16.23 8.42 17.42
CA ASP B 197 -15.28 8.66 16.34
C ASP B 197 -14.40 7.43 16.10
N ASP B 198 -13.86 6.88 17.17
CA ASP B 198 -13.01 5.69 17.10
C ASP B 198 -13.77 4.51 16.50
N THR B 199 -14.99 4.29 16.97
CA THR B 199 -15.82 3.20 16.49
C THR B 199 -16.11 3.33 15.00
N VAL B 200 -16.51 4.53 14.58
CA VAL B 200 -16.77 4.78 13.17
C VAL B 200 -15.52 4.55 12.32
N ASP B 201 -14.37 4.98 12.83
CA ASP B 201 -13.11 4.76 12.13
C ASP B 201 -12.81 3.28 11.96
N LEU B 202 -13.02 2.52 13.04
CA LEU B 202 -12.79 1.08 13.03
C LEU B 202 -13.71 0.37 12.06
N LEU B 203 -14.98 0.75 12.05
CA LEU B 203 -15.94 0.21 11.09
C LEU B 203 -15.52 0.58 9.67
N GLY B 204 -14.90 1.74 9.53
CA GLY B 204 -14.41 2.19 8.23
C GLY B 204 -13.18 1.41 7.81
N GLU B 205 -12.50 0.81 8.77
CA GLU B 205 -11.33 -0.01 8.48
C GLU B 205 -11.73 -1.44 8.12
N ILE B 206 -12.68 -2.00 8.87
CA ILE B 206 -13.18 -3.33 8.59
C ILE B 206 -13.89 -3.36 7.24
N PHE B 207 -15.06 -2.72 7.18
CA PHE B 207 -15.78 -2.57 5.93
C PHE B 207 -15.11 -1.47 5.11
N GLY B 208 -14.95 -1.70 3.81
CA GLY B 208 -14.31 -0.73 2.96
C GLY B 208 -15.33 0.19 2.32
N ILE B 209 -15.56 -0.01 1.02
CA ILE B 209 -16.56 0.76 0.30
C ILE B 209 -17.95 0.28 0.69
N ARG B 210 -18.00 -0.85 1.40
CA ARG B 210 -19.24 -1.39 1.92
C ARG B 210 -19.91 -0.40 2.86
N LYS B 211 -19.11 0.21 3.73
CA LYS B 211 -19.61 1.24 4.61
C LYS B 211 -19.83 2.52 3.81
N MET B 212 -21.09 2.95 3.73
CA MET B 212 -21.47 4.10 2.93
C MET B 212 -20.76 5.38 3.37
N GLY B 213 -20.39 5.43 4.65
CA GLY B 213 -19.66 6.57 5.18
C GLY B 213 -18.32 6.76 4.50
N ASN B 214 -17.73 5.65 4.05
CA ASN B 214 -16.47 5.69 3.33
C ASN B 214 -16.65 6.06 1.85
N ARG B 215 -17.89 5.98 1.38
CA ARG B 215 -18.20 6.37 0.01
C ARG B 215 -18.43 7.88 -0.05
N HIS B 216 -18.78 8.46 1.10
CA HIS B 216 -18.99 9.90 1.21
C HIS B 216 -18.02 10.49 2.22
N LYS B 217 -16.73 10.41 1.91
CA LYS B 217 -15.69 10.91 2.81
C LYS B 217 -15.73 12.43 2.94
N PHE B 218 -15.46 12.91 4.14
CA PHE B 218 -15.41 14.34 4.42
C PHE B 218 -14.20 14.94 3.69
N PRO B 219 -14.42 16.04 2.94
CA PRO B 219 -13.33 16.67 2.19
C PRO B 219 -12.15 17.05 3.07
N LYS B 220 -10.94 16.86 2.54
CA LYS B 220 -9.72 17.21 3.26
C LYS B 220 -9.56 18.72 3.38
N GLU B 221 -8.73 19.14 4.33
CA GLU B 221 -8.51 20.57 4.59
C GLU B 221 -7.93 21.29 3.37
N GLU B 222 -7.12 20.57 2.59
CA GLU B 222 -6.46 21.15 1.43
C GLU B 222 -7.45 21.58 0.35
N ILE B 223 -8.64 20.98 0.35
CA ILE B 223 -9.65 21.31 -0.64
C ILE B 223 -10.94 21.77 0.01
N TYR B 224 -10.87 22.14 1.28
CA TYR B 224 -12.03 22.61 2.02
C TYR B 224 -11.98 24.14 2.16
N ASN B 225 -12.96 24.82 1.58
CA ASN B 225 -13.00 26.28 1.62
C ASN B 225 -13.16 26.83 3.03
N THR B 226 -12.17 27.60 3.48
CA THR B 226 -12.11 28.14 4.84
C THR B 226 -12.30 27.03 5.88
N PRO B 227 -11.26 26.22 6.09
CA PRO B 227 -11.31 25.04 6.95
C PRO B 227 -11.56 25.40 8.41
N SER B 228 -11.15 26.59 8.82
CA SER B 228 -11.29 27.02 10.22
C SER B 228 -12.76 27.13 10.63
N ILE B 229 -13.61 27.52 9.69
CA ILE B 229 -15.05 27.56 9.94
C ILE B 229 -15.62 26.16 9.84
N ARG B 230 -15.87 25.53 10.98
CA ARG B 230 -16.32 24.14 11.01
C ARG B 230 -17.81 24.02 11.31
N PHE B 231 -18.24 24.63 12.40
CA PHE B 231 -19.62 24.50 12.87
C PHE B 231 -20.46 25.73 12.54
N GLY B 232 -19.79 26.78 12.07
CA GLY B 232 -20.48 28.03 11.78
C GLY B 232 -20.53 28.35 10.29
N ARG B 233 -20.64 27.32 9.47
CA ARG B 233 -20.72 27.50 8.02
C ARG B 233 -22.15 27.80 7.60
N GLU B 234 -22.67 28.93 8.06
CA GLU B 234 -24.08 29.28 7.86
C GLU B 234 -24.33 29.90 6.48
N HIS B 235 -23.32 30.58 5.94
CA HIS B 235 -23.45 31.22 4.63
C HIS B 235 -23.81 30.18 3.57
N TYR B 236 -24.74 30.54 2.69
CA TYR B 236 -25.32 29.58 1.75
C TYR B 236 -24.50 29.39 0.48
N GLU B 237 -23.38 30.11 0.35
CA GLU B 237 -22.46 29.86 -0.73
C GLU B 237 -21.64 28.61 -0.41
N PHE B 238 -21.61 28.27 0.87
CA PHE B 238 -20.96 27.05 1.34
C PHE B 238 -21.72 25.82 0.85
N GLN B 239 -22.99 26.00 0.53
CA GLN B 239 -23.80 24.92 -0.03
C GLN B 239 -23.26 24.50 -1.39
N TYR B 240 -22.61 25.45 -2.08
CA TYR B 240 -22.01 25.20 -3.38
C TYR B 240 -20.53 24.82 -3.25
N LEU B 241 -19.81 25.55 -2.40
CA LEU B 241 -18.38 25.34 -2.24
C LEU B 241 -18.06 23.99 -1.59
N ASP B 242 -18.84 23.62 -0.58
CA ASP B 242 -18.65 22.32 0.06
C ASP B 242 -19.02 21.20 -0.89
N LEU B 243 -19.96 21.45 -1.79
CA LEU B 243 -20.29 20.50 -2.84
C LEU B 243 -19.10 20.34 -3.78
N LEU B 244 -18.48 21.48 -4.13
CA LEU B 244 -17.30 21.48 -4.97
C LEU B 244 -16.20 20.63 -4.33
N SER B 245 -16.05 20.79 -3.02
CA SER B 245 -15.07 20.02 -2.26
C SER B 245 -15.41 18.54 -2.21
N ARG B 246 -16.71 18.24 -2.10
CA ARG B 246 -17.18 16.86 -2.05
C ARG B 246 -16.96 16.12 -3.36
N VAL B 247 -17.19 16.82 -4.48
CA VAL B 247 -16.93 16.25 -5.79
C VAL B 247 -15.42 16.13 -6.00
N LEU B 248 -14.69 17.09 -5.45
CA LEU B 248 -13.23 17.07 -5.54
C LEU B 248 -12.63 15.94 -4.69
N GLU B 249 -13.41 15.45 -3.73
CA GLU B 249 -12.92 14.42 -2.81
C GLU B 249 -13.34 13.00 -3.23
N ASN B 250 -14.64 12.81 -3.45
CA ASN B 250 -15.17 11.48 -3.74
C ASN B 250 -15.50 11.28 -5.22
N GLY B 251 -15.11 12.24 -6.04
CA GLY B 251 -15.42 12.20 -7.46
C GLY B 251 -14.76 11.07 -8.21
N ALA B 252 -15.58 10.15 -8.72
CA ALA B 252 -15.08 9.05 -9.53
C ALA B 252 -14.71 9.54 -10.92
N TYR B 253 -13.44 9.36 -11.28
CA TYR B 253 -12.95 9.77 -12.59
C TYR B 253 -13.57 8.89 -13.68
N ARG B 254 -14.49 9.47 -14.45
CA ARG B 254 -15.18 8.72 -15.49
C ARG B 254 -15.27 9.51 -16.79
N GLU B 255 -15.49 8.80 -17.89
CA GLU B 255 -15.59 9.42 -19.21
C GLU B 255 -17.03 9.82 -19.51
N ASN B 256 -17.22 10.47 -20.65
CA ASN B 256 -18.55 10.89 -21.08
C ASN B 256 -18.59 11.10 -22.59
N ARG B 257 -19.65 11.75 -23.07
CA ARG B 257 -19.81 11.98 -24.50
C ARG B 257 -18.73 12.88 -25.06
N THR B 258 -18.18 13.75 -24.21
CA THR B 258 -17.10 14.65 -24.62
C THR B 258 -15.75 14.00 -24.36
N GLY B 259 -14.70 14.54 -24.98
CA GLY B 259 -13.35 14.02 -24.81
C GLY B 259 -12.76 14.34 -23.45
N ILE B 260 -13.40 15.26 -22.74
CA ILE B 260 -12.92 15.66 -21.41
C ILE B 260 -13.63 14.86 -20.33
N SER B 261 -12.88 14.04 -19.60
CA SER B 261 -13.42 13.23 -18.53
C SER B 261 -13.71 14.06 -17.29
N THR B 262 -14.62 13.58 -16.45
CA THR B 262 -15.00 14.32 -15.25
C THR B 262 -14.86 13.48 -14.00
N TYR B 263 -14.68 14.14 -12.87
CA TYR B 263 -14.76 13.49 -11.57
C TYR B 263 -16.19 13.67 -11.09
N SER B 264 -16.92 12.57 -10.89
CA SER B 264 -18.35 12.64 -10.65
C SER B 264 -18.84 11.92 -9.41
N ILE B 265 -19.79 12.54 -8.70
CA ILE B 265 -20.52 11.88 -7.63
C ILE B 265 -22.02 12.00 -7.92
N PHE B 266 -22.81 11.18 -7.25
CA PHE B 266 -24.24 11.09 -7.55
C PHE B 266 -25.10 11.32 -6.31
N GLY B 267 -26.15 12.15 -6.49
CA GLY B 267 -27.08 12.44 -5.42
C GLY B 267 -26.59 13.51 -4.46
N GLN B 268 -26.84 14.77 -4.82
CA GLN B 268 -26.43 15.90 -3.99
C GLN B 268 -27.54 16.94 -3.91
N MET B 269 -27.33 17.97 -3.10
CA MET B 269 -28.29 19.07 -2.99
C MET B 269 -27.65 20.36 -2.48
N MET B 270 -28.27 21.48 -2.81
CA MET B 270 -27.83 22.80 -2.35
C MET B 270 -29.04 23.63 -1.94
N ARG B 271 -28.96 24.26 -0.78
CA ARG B 271 -30.06 25.13 -0.33
C ARG B 271 -29.65 26.60 -0.44
N PHE B 272 -30.63 27.46 -0.66
CA PHE B 272 -30.36 28.88 -0.83
C PHE B 272 -31.51 29.74 -0.28
N ASP B 273 -31.15 30.88 0.30
CA ASP B 273 -32.14 31.85 0.76
C ASP B 273 -32.29 32.94 -0.28
N MET B 274 -33.52 33.35 -0.55
CA MET B 274 -33.78 34.42 -1.51
C MET B 274 -34.56 35.58 -0.88
N ARG B 275 -34.96 35.39 0.38
CA ARG B 275 -35.70 36.42 1.11
C ARG B 275 -34.82 37.62 1.45
N GLU B 276 -33.65 37.36 2.00
CA GLU B 276 -32.77 38.42 2.47
C GLU B 276 -31.55 38.62 1.59
N SER B 277 -31.48 37.89 0.47
CA SER B 277 -30.35 38.00 -0.44
C SER B 277 -30.63 37.38 -1.81
N PHE B 278 -29.61 37.32 -2.64
CA PHE B 278 -29.70 36.70 -3.96
C PHE B 278 -28.53 35.77 -4.18
N PRO B 279 -28.80 34.47 -4.35
CA PRO B 279 -27.77 33.42 -4.45
C PRO B 279 -26.87 33.56 -5.67
N LEU B 280 -26.09 34.65 -5.72
CA LEU B 280 -25.09 34.84 -6.77
C LEU B 280 -23.70 34.75 -6.17
N LEU B 281 -22.90 33.83 -6.68
CA LEU B 281 -21.58 33.54 -6.12
C LEU B 281 -20.67 34.77 -6.10
N THR B 282 -19.94 34.92 -5.01
CA THR B 282 -19.05 36.06 -4.85
C THR B 282 -17.58 35.65 -5.00
N THR B 283 -17.32 34.35 -4.93
CA THR B 283 -15.97 33.83 -5.09
C THR B 283 -15.53 33.91 -6.55
N LYS B 284 -16.48 34.17 -7.44
CA LYS B 284 -16.19 34.31 -8.87
C LYS B 284 -17.20 35.25 -9.53
N LYS B 285 -16.69 36.17 -10.36
CA LYS B 285 -17.53 37.11 -11.07
C LYS B 285 -18.36 36.39 -12.15
N VAL B 286 -19.66 36.28 -11.89
CA VAL B 286 -20.57 35.56 -12.79
C VAL B 286 -21.26 36.50 -13.77
N ALA B 287 -21.23 36.14 -15.05
CA ALA B 287 -21.89 36.93 -16.09
C ALA B 287 -23.41 36.88 -15.95
N ILE B 288 -23.95 37.82 -15.18
CA ILE B 288 -25.38 37.85 -14.88
C ILE B 288 -26.27 38.18 -16.10
N ARG B 289 -25.76 39.04 -16.97
CA ARG B 289 -26.53 39.48 -18.14
C ARG B 289 -26.86 38.32 -19.06
N SER B 290 -25.89 37.44 -19.28
CA SER B 290 -26.08 36.27 -20.12
C SER B 290 -27.12 35.34 -19.50
N ILE B 291 -27.08 35.23 -18.18
CA ILE B 291 -28.03 34.42 -17.42
C ILE B 291 -29.45 34.92 -17.63
N PHE B 292 -29.65 36.21 -17.40
CA PHE B 292 -30.97 36.81 -17.59
C PHE B 292 -31.46 36.66 -19.03
N GLU B 293 -30.60 37.02 -19.98
CA GLU B 293 -30.96 36.97 -21.39
C GLU B 293 -31.35 35.56 -21.81
N GLU B 294 -30.63 34.57 -21.31
CA GLU B 294 -30.96 33.18 -21.58
C GLU B 294 -32.30 32.83 -20.95
N LEU B 295 -32.54 33.37 -19.76
CA LEU B 295 -33.77 33.07 -19.05
C LEU B 295 -35.01 33.59 -19.79
N ILE B 296 -34.98 34.86 -20.19
CA ILE B 296 -36.09 35.43 -20.95
C ILE B 296 -36.16 34.83 -22.35
N TRP B 297 -35.02 34.33 -22.84
CA TRP B 297 -34.99 33.61 -24.10
C TRP B 297 -35.78 32.31 -23.96
N PHE B 298 -35.70 31.70 -22.79
CA PHE B 298 -36.50 30.52 -22.48
C PHE B 298 -37.97 30.89 -22.34
N ILE B 299 -38.25 31.93 -21.56
CA ILE B 299 -39.61 32.35 -21.26
C ILE B 299 -40.44 32.63 -22.52
N LYS B 300 -39.82 33.26 -23.51
CA LYS B 300 -40.49 33.55 -24.77
C LYS B 300 -40.74 32.27 -25.58
N GLY B 301 -40.05 31.20 -25.21
CA GLY B 301 -40.18 29.93 -25.91
C GLY B 301 -39.35 29.93 -27.19
N ASP B 302 -38.37 30.83 -27.25
CA ASP B 302 -37.53 30.95 -28.42
C ASP B 302 -36.46 29.86 -28.44
N THR B 303 -36.24 29.29 -29.63
CA THR B 303 -35.25 28.23 -29.79
C THR B 303 -34.12 28.68 -30.72
N ASN B 304 -34.24 29.90 -31.23
CA ASN B 304 -33.23 30.46 -32.13
C ASN B 304 -31.98 30.89 -31.35
N GLY B 305 -30.88 30.19 -31.59
CA GLY B 305 -29.63 30.47 -30.92
C GLY B 305 -29.00 31.79 -31.34
N ASN B 306 -29.26 32.19 -32.58
CA ASN B 306 -28.71 33.42 -33.12
C ASN B 306 -29.16 34.64 -32.32
N HIS B 307 -30.39 34.60 -31.83
CA HIS B 307 -30.94 35.67 -31.01
C HIS B 307 -30.09 35.90 -29.76
N LEU B 308 -29.42 34.85 -29.30
CA LEU B 308 -28.53 34.95 -28.14
C LEU B 308 -27.18 35.51 -28.57
N ILE B 309 -26.74 35.11 -29.77
CA ILE B 309 -25.45 35.57 -30.29
C ILE B 309 -25.50 37.05 -30.67
N GLU B 310 -26.66 37.48 -31.18
CA GLU B 310 -26.86 38.88 -31.54
C GLU B 310 -26.76 39.78 -30.32
N LYS B 311 -27.12 39.24 -29.16
CA LYS B 311 -27.06 39.99 -27.91
C LYS B 311 -25.77 39.68 -27.14
N LYS B 312 -24.76 39.22 -27.87
CA LYS B 312 -23.45 38.92 -27.31
C LYS B 312 -23.49 37.90 -26.16
N VAL B 313 -24.30 36.85 -26.34
CA VAL B 313 -24.34 35.74 -25.39
C VAL B 313 -23.97 34.45 -26.11
N TYR B 314 -22.81 33.90 -25.79
CA TYR B 314 -22.26 32.76 -26.53
C TYR B 314 -22.23 31.47 -25.72
N ILE B 315 -23.23 31.28 -24.86
CA ILE B 315 -23.29 30.08 -24.02
C ILE B 315 -23.84 28.87 -24.78
N TRP B 316 -24.55 29.12 -25.88
CA TRP B 316 -25.09 28.05 -26.71
C TRP B 316 -24.38 27.97 -28.06
N SER B 317 -23.11 28.34 -28.07
CA SER B 317 -22.33 28.32 -29.32
C SER B 317 -21.82 26.93 -29.63
N GLY B 318 -21.15 26.31 -28.67
CA GLY B 318 -20.57 24.99 -28.86
C GLY B 318 -21.61 23.93 -29.12
N ASN B 319 -22.73 24.00 -28.40
CA ASN B 319 -23.82 23.06 -28.58
C ASN B 319 -24.77 23.49 -29.70
N GLY B 320 -24.35 24.48 -30.47
CA GLY B 320 -25.16 25.00 -31.56
C GLY B 320 -24.48 24.90 -32.91
N SER B 321 -23.15 24.82 -32.90
CA SER B 321 -22.36 24.78 -34.13
C SER B 321 -22.82 23.73 -35.14
N LYS B 322 -22.58 24.00 -36.41
CA LYS B 322 -23.00 23.10 -37.49
C LYS B 322 -22.34 21.74 -37.38
N GLU B 323 -21.08 21.74 -36.94
CA GLU B 323 -20.31 20.51 -36.79
C GLU B 323 -20.92 19.62 -35.70
N TYR B 324 -21.26 20.22 -34.57
CA TYR B 324 -21.86 19.50 -33.46
C TYR B 324 -23.23 18.93 -33.84
N LEU B 325 -24.00 19.72 -34.59
CA LEU B 325 -25.32 19.29 -35.04
C LEU B 325 -25.24 18.13 -36.01
N GLU B 326 -24.32 18.23 -36.97
CA GLU B 326 -24.13 17.16 -37.95
C GLU B 326 -23.58 15.91 -37.28
N ARG B 327 -22.82 16.11 -36.20
CA ARG B 327 -22.24 15.00 -35.46
C ARG B 327 -23.29 14.20 -34.69
N ILE B 328 -24.29 14.89 -34.14
CA ILE B 328 -25.33 14.24 -33.37
C ILE B 328 -26.52 13.82 -34.24
N GLY B 329 -26.34 13.85 -35.56
CA GLY B 329 -27.36 13.41 -36.48
C GLY B 329 -28.41 14.44 -36.81
N LEU B 330 -28.03 15.72 -36.75
CA LEU B 330 -28.94 16.81 -37.07
C LEU B 330 -28.32 17.73 -38.12
N GLY B 331 -27.82 17.13 -39.20
CA GLY B 331 -27.19 17.89 -40.27
C GLY B 331 -28.17 18.69 -41.10
N HIS B 332 -29.44 18.29 -41.06
CA HIS B 332 -30.49 18.99 -41.80
C HIS B 332 -30.84 20.30 -41.12
N ARG B 333 -30.42 20.43 -39.87
CA ARG B 333 -30.76 21.59 -39.05
C ARG B 333 -29.94 22.82 -39.44
N GLU B 334 -30.48 24.00 -39.16
CA GLU B 334 -29.82 25.26 -39.50
C GLU B 334 -28.63 25.52 -38.58
N GLU B 335 -27.85 26.55 -38.90
CA GLU B 335 -26.62 26.88 -38.20
C GLU B 335 -26.73 26.95 -36.67
N ASN B 336 -27.86 27.46 -36.18
CA ASN B 336 -28.04 27.61 -34.74
C ASN B 336 -29.43 27.22 -34.23
N ASP B 337 -30.12 26.38 -34.99
CA ASP B 337 -31.42 25.89 -34.58
C ASP B 337 -31.24 24.77 -33.56
N LEU B 338 -31.50 25.07 -32.29
CA LEU B 338 -31.25 24.11 -31.22
C LEU B 338 -32.38 23.11 -31.05
N GLY B 339 -33.52 23.37 -31.68
CA GLY B 339 -34.65 22.47 -31.61
C GLY B 339 -35.50 22.67 -30.38
N PRO B 340 -36.43 21.74 -30.13
CA PRO B 340 -37.38 21.80 -29.01
C PRO B 340 -36.69 21.66 -27.65
N ILE B 341 -35.81 22.61 -27.32
CA ILE B 341 -35.12 22.58 -26.03
C ILE B 341 -35.93 23.29 -24.95
N TYR B 342 -35.24 23.88 -23.98
CA TYR B 342 -35.89 24.64 -22.91
C TYR B 342 -36.72 25.77 -23.51
N GLY B 343 -37.85 26.05 -22.89
CA GLY B 343 -38.72 27.12 -23.36
C GLY B 343 -39.76 26.61 -24.33
N PHE B 344 -39.33 25.84 -25.33
CA PHE B 344 -40.27 25.25 -26.27
C PHE B 344 -41.12 24.21 -25.57
N GLN B 345 -40.56 23.58 -24.54
CA GLN B 345 -41.29 22.61 -23.74
C GLN B 345 -42.06 23.34 -22.65
N TRP B 346 -41.65 24.57 -22.36
CA TRP B 346 -42.34 25.40 -21.37
C TRP B 346 -43.61 25.99 -21.95
N ARG B 347 -43.55 26.38 -23.23
CA ARG B 347 -44.66 27.07 -23.87
C ARG B 347 -45.42 26.21 -24.88
N HIS B 348 -44.76 25.20 -25.42
CA HIS B 348 -45.38 24.34 -26.42
C HIS B 348 -45.01 22.87 -26.21
N TYR B 349 -45.39 22.32 -25.06
CA TYR B 349 -45.08 20.93 -24.75
C TYR B 349 -45.81 19.99 -25.70
N ASN B 350 -45.11 18.95 -26.15
CA ASN B 350 -45.65 18.00 -27.13
C ASN B 350 -46.05 18.64 -28.46
N GLY B 351 -45.51 19.82 -28.72
CA GLY B 351 -45.76 20.52 -29.96
C GLY B 351 -44.84 20.04 -31.07
N GLU B 352 -45.42 19.73 -32.24
CA GLU B 352 -44.63 19.26 -33.36
C GLU B 352 -43.65 20.32 -33.84
N TYR B 353 -42.36 20.09 -33.58
CA TYR B 353 -41.33 21.05 -33.94
C TYR B 353 -40.88 20.90 -35.39
N LYS B 354 -40.86 22.01 -36.12
CA LYS B 354 -40.36 22.02 -37.49
C LYS B 354 -39.00 22.72 -37.52
N THR B 355 -39.03 24.04 -37.69
CA THR B 355 -37.81 24.85 -37.62
C THR B 355 -37.99 25.96 -36.60
N MET B 356 -36.93 26.74 -36.39
CA MET B 356 -36.96 27.82 -35.40
C MET B 356 -37.67 29.06 -35.95
N HIS B 357 -38.01 29.04 -37.23
CA HIS B 357 -38.62 30.19 -37.88
C HIS B 357 -40.15 30.07 -37.91
N ASP B 358 -40.64 28.84 -37.77
CA ASP B 358 -42.08 28.59 -37.80
C ASP B 358 -42.79 29.23 -36.61
N ASP B 359 -44.08 29.51 -36.79
CA ASP B 359 -44.89 30.15 -35.75
C ASP B 359 -45.68 29.12 -34.95
N TYR B 360 -45.17 28.79 -33.77
CA TYR B 360 -45.77 27.76 -32.93
C TYR B 360 -46.82 28.31 -31.98
N THR B 361 -47.54 29.34 -32.41
CA THR B 361 -48.58 29.93 -31.57
C THR B 361 -49.79 28.99 -31.45
N GLY B 362 -50.29 28.85 -30.23
CA GLY B 362 -51.46 28.04 -29.97
C GLY B 362 -51.20 26.53 -29.92
N VAL B 363 -50.06 26.11 -30.44
CA VAL B 363 -49.73 24.68 -30.47
C VAL B 363 -48.98 24.25 -29.21
N GLY B 364 -49.09 22.97 -28.88
CA GLY B 364 -48.43 22.41 -27.72
C GLY B 364 -49.09 22.83 -26.42
N VAL B 365 -48.50 22.40 -25.30
CA VAL B 365 -49.03 22.73 -23.98
C VAL B 365 -48.21 23.84 -23.33
N ASP B 366 -48.87 24.96 -23.02
CA ASP B 366 -48.20 26.09 -22.39
C ASP B 366 -48.08 25.85 -20.88
N GLN B 367 -46.99 25.23 -20.48
CA GLN B 367 -46.76 24.92 -19.07
C GLN B 367 -46.60 26.17 -18.21
N LEU B 368 -45.92 27.18 -18.74
CA LEU B 368 -45.64 28.40 -17.98
C LEU B 368 -46.91 29.15 -17.61
N ALA B 369 -47.80 29.32 -18.59
CA ALA B 369 -49.05 30.03 -18.36
C ALA B 369 -49.91 29.34 -17.31
N LYS B 370 -50.07 28.02 -17.46
CA LYS B 370 -50.84 27.25 -16.50
C LYS B 370 -50.17 27.26 -15.12
N LEU B 371 -48.84 27.35 -15.12
CA LEU B 371 -48.07 27.41 -13.88
C LEU B 371 -48.37 28.71 -13.13
N ILE B 372 -48.30 29.83 -13.83
CA ILE B 372 -48.60 31.12 -13.24
C ILE B 372 -50.05 31.18 -12.75
N GLU B 373 -50.96 30.82 -13.64
CA GLU B 373 -52.39 30.86 -13.34
C GLU B 373 -52.73 29.99 -12.13
N THR B 374 -52.11 28.82 -12.04
CA THR B 374 -52.33 27.93 -10.90
C THR B 374 -51.69 28.51 -9.64
N LEU B 375 -50.54 29.17 -9.81
CA LEU B 375 -49.84 29.76 -8.69
C LEU B 375 -50.63 30.87 -8.02
N LYS B 376 -51.31 31.68 -8.82
CA LYS B 376 -52.08 32.80 -8.25
C LYS B 376 -53.55 32.46 -7.95
N ASN B 377 -54.10 31.47 -8.63
CA ASN B 377 -55.49 31.07 -8.39
C ASN B 377 -55.63 29.91 -7.38
N ASN B 378 -54.55 29.17 -7.19
CA ASN B 378 -54.53 28.07 -6.22
C ASN B 378 -53.13 27.83 -5.68
N PRO B 379 -52.72 28.66 -4.71
CA PRO B 379 -51.35 28.64 -4.17
C PRO B 379 -51.03 27.37 -3.39
N LYS B 380 -51.98 26.85 -2.62
CA LYS B 380 -51.74 25.69 -1.79
C LYS B 380 -51.82 24.37 -2.56
N ASP B 381 -51.81 24.45 -3.88
CA ASP B 381 -51.79 23.27 -4.72
C ASP B 381 -50.42 22.61 -4.62
N ARG B 382 -50.38 21.31 -4.90
CA ARG B 382 -49.13 20.56 -4.82
C ARG B 382 -48.70 20.06 -6.20
N ARG B 383 -49.22 20.69 -7.24
CA ARG B 383 -48.92 20.29 -8.61
C ARG B 383 -48.25 21.38 -9.44
N HIS B 384 -47.71 22.40 -8.77
CA HIS B 384 -47.01 23.48 -9.45
C HIS B 384 -45.71 22.97 -10.07
N ILE B 385 -45.81 22.37 -11.26
CA ILE B 385 -44.64 21.72 -11.87
C ILE B 385 -44.37 22.17 -13.31
N LEU B 386 -43.12 22.53 -13.57
CA LEU B 386 -42.66 22.88 -14.90
C LEU B 386 -41.58 21.89 -15.36
N THR B 387 -41.89 21.11 -16.39
CA THR B 387 -40.94 20.10 -16.88
C THR B 387 -40.41 20.42 -18.28
N ALA B 388 -39.28 19.81 -18.62
CA ALA B 388 -38.67 20.02 -19.93
C ALA B 388 -38.25 18.69 -20.56
N TRP B 389 -38.41 17.61 -19.79
CA TRP B 389 -38.03 16.28 -20.27
C TRP B 389 -39.14 15.65 -21.08
N ASN B 390 -38.99 15.67 -22.40
CA ASN B 390 -39.98 15.08 -23.30
C ASN B 390 -39.33 14.00 -24.16
N PRO B 391 -39.55 12.73 -23.79
CA PRO B 391 -39.00 11.55 -24.47
C PRO B 391 -39.25 11.54 -25.97
N SER B 392 -40.37 12.11 -26.39
CA SER B 392 -40.74 12.15 -27.80
C SER B 392 -39.92 13.19 -28.57
N ALA B 393 -39.36 14.16 -27.85
CA ALA B 393 -38.64 15.26 -28.49
C ALA B 393 -37.14 15.25 -28.19
N LEU B 394 -36.71 14.32 -27.33
CA LEU B 394 -35.30 14.23 -26.93
C LEU B 394 -34.35 14.05 -28.11
N SER B 395 -34.79 13.28 -29.11
CA SER B 395 -33.97 12.99 -30.27
C SER B 395 -33.76 14.22 -31.16
N GLN B 396 -34.72 15.14 -31.14
CA GLN B 396 -34.64 16.34 -31.96
C GLN B 396 -33.83 17.44 -31.30
N MET B 397 -33.73 17.40 -29.98
CA MET B 397 -33.02 18.41 -29.22
C MET B 397 -31.52 18.38 -29.46
N ALA B 398 -30.90 19.55 -29.49
CA ALA B 398 -29.46 19.66 -29.66
C ALA B 398 -28.75 19.17 -28.41
N LEU B 399 -29.43 19.31 -27.26
CA LEU B 399 -28.88 18.88 -25.99
C LEU B 399 -30.01 18.64 -24.99
N PRO B 400 -30.16 17.39 -24.52
CA PRO B 400 -31.19 17.00 -23.54
C PRO B 400 -31.15 17.88 -22.29
N PRO B 401 -32.31 18.08 -21.65
CA PRO B 401 -32.45 18.98 -20.50
C PRO B 401 -31.58 18.59 -19.32
N CYS B 402 -30.73 19.50 -18.87
CA CYS B 402 -29.92 19.27 -17.68
C CYS B 402 -30.73 19.65 -16.44
N HIS B 403 -31.14 20.92 -16.38
CA HIS B 403 -32.12 21.31 -15.37
C HIS B 403 -33.49 20.81 -15.81
N VAL B 404 -33.77 19.57 -15.45
CA VAL B 404 -34.90 18.82 -16.00
C VAL B 404 -36.27 19.31 -15.56
N LEU B 405 -36.57 19.19 -14.27
CA LEU B 405 -37.90 19.48 -13.77
C LEU B 405 -37.86 20.38 -12.54
N SER B 406 -38.79 21.33 -12.47
CA SER B 406 -38.88 22.23 -11.33
C SER B 406 -40.27 22.23 -10.71
N GLN B 407 -40.33 22.46 -9.41
CA GLN B 407 -41.60 22.54 -8.69
C GLN B 407 -41.62 23.78 -7.82
N TYR B 408 -42.77 24.45 -7.75
CA TYR B 408 -42.87 25.70 -7.00
C TYR B 408 -43.85 25.59 -5.85
N TYR B 409 -43.61 26.36 -4.80
CA TYR B 409 -44.35 26.22 -3.55
C TYR B 409 -44.67 27.58 -2.93
N VAL B 410 -45.95 27.86 -2.73
CA VAL B 410 -46.37 29.11 -2.11
C VAL B 410 -46.60 28.92 -0.61
N THR B 411 -45.73 29.50 0.20
CA THR B 411 -45.81 29.35 1.65
C THR B 411 -46.97 30.13 2.23
N ASN B 412 -47.22 29.95 3.52
CA ASN B 412 -48.33 30.62 4.20
C ASN B 412 -48.13 32.13 4.31
N ASP B 413 -46.87 32.56 4.34
CA ASP B 413 -46.55 33.98 4.43
C ASP B 413 -46.31 34.58 3.04
N ASN B 414 -46.99 34.03 2.04
CA ASN B 414 -46.94 34.53 0.67
C ASN B 414 -45.53 34.60 0.08
N CYS B 415 -44.73 33.55 0.30
CA CYS B 415 -43.42 33.46 -0.31
C CYS B 415 -43.38 32.35 -1.35
N LEU B 416 -42.54 32.53 -2.37
CA LEU B 416 -42.43 31.56 -3.45
C LEU B 416 -41.11 30.81 -3.39
N SER B 417 -41.17 29.52 -3.09
CA SER B 417 -39.97 28.69 -3.05
C SER B 417 -39.89 27.81 -4.29
N CYS B 418 -38.66 27.49 -4.70
CA CYS B 418 -38.43 26.75 -5.93
C CYS B 418 -37.50 25.57 -5.72
N ASN B 419 -37.92 24.40 -6.19
CA ASN B 419 -37.09 23.21 -6.20
C ASN B 419 -36.74 22.84 -7.64
N LEU B 420 -35.47 22.56 -7.89
CA LEU B 420 -35.04 22.20 -9.24
C LEU B 420 -34.21 20.93 -9.24
N TYR B 421 -34.60 19.97 -10.07
CA TYR B 421 -33.80 18.76 -10.23
C TYR B 421 -32.92 18.86 -11.47
N GLN B 422 -31.64 18.55 -11.31
CA GLN B 422 -30.68 18.67 -12.40
C GLN B 422 -29.96 17.34 -12.60
N ARG B 423 -30.18 16.72 -13.76
CA ARG B 423 -29.62 15.41 -14.04
C ARG B 423 -28.09 15.43 -14.14
N SER B 424 -27.57 16.50 -14.74
CA SER B 424 -26.13 16.64 -14.93
C SER B 424 -25.73 18.07 -14.59
N CYS B 425 -24.64 18.22 -13.85
CA CYS B 425 -24.24 19.53 -13.36
C CYS B 425 -22.77 19.81 -13.58
N ASP B 426 -22.48 20.82 -14.40
CA ASP B 426 -21.11 21.30 -14.55
C ASP B 426 -20.83 22.31 -13.45
N LEU B 427 -20.15 21.85 -12.40
CA LEU B 427 -19.88 22.67 -11.23
C LEU B 427 -18.96 23.85 -11.54
N GLY B 428 -18.35 23.83 -12.72
CA GLY B 428 -17.47 24.92 -13.14
C GLY B 428 -18.22 26.01 -13.88
N LEU B 429 -19.11 25.61 -14.78
CA LEU B 429 -19.83 26.57 -15.63
C LEU B 429 -21.34 26.54 -15.39
N GLY B 430 -21.93 25.36 -15.55
CA GLY B 430 -23.37 25.21 -15.49
C GLY B 430 -24.03 25.56 -14.18
N SER B 431 -23.42 25.12 -13.07
CA SER B 431 -24.02 25.28 -11.75
C SER B 431 -24.39 26.72 -11.34
N PRO B 432 -23.41 27.66 -11.35
CA PRO B 432 -23.76 29.01 -10.91
C PRO B 432 -24.83 29.64 -11.79
N PHE B 433 -24.71 29.40 -13.10
CA PHE B 433 -25.66 29.90 -14.07
C PHE B 433 -27.06 29.35 -13.80
N ASN B 434 -27.15 28.07 -13.43
CA ASN B 434 -28.44 27.46 -13.10
C ASN B 434 -29.05 28.04 -11.83
N ILE B 435 -28.22 28.16 -10.79
CA ILE B 435 -28.65 28.73 -9.52
C ILE B 435 -29.24 30.13 -9.73
N ALA B 436 -28.45 30.99 -10.37
CA ALA B 436 -28.87 32.36 -10.63
C ALA B 436 -30.11 32.40 -11.53
N SER B 437 -30.13 31.53 -12.55
CA SER B 437 -31.24 31.51 -13.50
C SER B 437 -32.57 31.17 -12.83
N TYR B 438 -32.58 30.10 -12.04
CA TYR B 438 -33.82 29.72 -11.37
C TYR B 438 -34.16 30.63 -10.19
N ALA B 439 -33.16 31.32 -9.66
CA ALA B 439 -33.41 32.34 -8.65
C ALA B 439 -34.18 33.50 -9.27
N ILE B 440 -33.66 34.01 -10.38
CA ILE B 440 -34.29 35.10 -11.12
C ILE B 440 -35.68 34.70 -11.60
N LEU B 441 -35.81 33.47 -12.09
CA LEU B 441 -37.09 32.95 -12.54
C LEU B 441 -38.10 32.89 -11.40
N THR B 442 -37.63 32.46 -10.23
CA THR B 442 -38.48 32.39 -9.05
C THR B 442 -38.95 33.78 -8.65
N MET B 443 -38.04 34.75 -8.73
CA MET B 443 -38.39 36.14 -8.42
C MET B 443 -39.40 36.71 -9.39
N MET B 444 -39.23 36.40 -10.67
CA MET B 444 -40.16 36.84 -11.71
C MET B 444 -41.55 36.28 -11.45
N LEU B 445 -41.62 34.95 -11.26
CA LEU B 445 -42.87 34.29 -10.96
C LEU B 445 -43.49 34.82 -9.67
N ALA B 446 -42.64 35.27 -8.75
CA ALA B 446 -43.11 35.85 -7.49
C ALA B 446 -43.76 37.21 -7.71
N GLN B 447 -43.12 38.05 -8.51
CA GLN B 447 -43.65 39.39 -8.77
C GLN B 447 -44.91 39.35 -9.61
N VAL B 448 -44.92 38.48 -10.61
CA VAL B 448 -46.08 38.36 -11.51
C VAL B 448 -47.30 37.81 -10.77
N CYS B 449 -47.06 36.87 -9.86
CA CYS B 449 -48.15 36.27 -9.09
C CYS B 449 -48.43 37.01 -7.78
N GLY B 450 -47.65 38.05 -7.52
CA GLY B 450 -47.85 38.88 -6.35
C GLY B 450 -47.34 38.27 -5.06
N TYR B 451 -46.20 37.58 -5.14
CA TYR B 451 -45.58 37.00 -3.96
C TYR B 451 -44.17 37.55 -3.75
N GLU B 452 -43.49 37.02 -2.76
CA GLU B 452 -42.10 37.39 -2.47
C GLU B 452 -41.20 36.16 -2.62
N PRO B 453 -39.93 36.38 -2.99
CA PRO B 453 -39.00 35.25 -3.13
C PRO B 453 -38.80 34.54 -1.81
N GLY B 454 -38.63 33.22 -1.86
CA GLY B 454 -38.46 32.43 -0.65
C GLY B 454 -37.15 31.68 -0.61
N GLU B 455 -37.22 30.37 -0.82
CA GLU B 455 -36.03 29.53 -0.77
C GLU B 455 -35.82 28.79 -2.08
N LEU B 456 -34.57 28.46 -2.38
CA LEU B 456 -34.22 27.75 -3.61
C LEU B 456 -33.44 26.48 -3.30
N ALA B 457 -34.04 25.33 -3.54
CA ALA B 457 -33.38 24.05 -3.32
C ALA B 457 -33.08 23.36 -4.64
N ILE B 458 -31.79 23.09 -4.89
CA ILE B 458 -31.38 22.42 -6.11
C ILE B 458 -30.85 21.02 -5.82
N PHE B 459 -31.58 20.03 -6.33
CA PHE B 459 -31.21 18.63 -6.16
C PHE B 459 -30.50 18.14 -7.41
N ILE B 460 -29.25 17.70 -7.23
CA ILE B 460 -28.39 17.35 -8.35
C ILE B 460 -28.18 15.85 -8.48
N GLY B 461 -28.35 15.32 -9.69
CA GLY B 461 -28.07 13.94 -9.98
C GLY B 461 -26.58 13.71 -10.16
N ASP B 462 -26.10 13.83 -11.39
CA ASP B 462 -24.69 13.62 -11.70
C ASP B 462 -23.89 14.91 -11.48
N ALA B 463 -23.41 15.10 -10.26
CA ALA B 463 -22.59 16.27 -9.93
C ALA B 463 -21.13 16.00 -10.28
N HIS B 464 -20.63 16.68 -11.31
CA HIS B 464 -19.30 16.38 -11.83
C HIS B 464 -18.45 17.62 -12.08
N ILE B 465 -17.13 17.43 -12.05
CA ILE B 465 -16.17 18.48 -12.38
C ILE B 465 -15.26 18.03 -13.51
N TYR B 466 -15.21 18.80 -14.60
CA TYR B 466 -14.35 18.48 -15.73
C TYR B 466 -12.88 18.62 -15.36
N GLU B 467 -12.04 17.74 -15.92
CA GLU B 467 -10.64 17.66 -15.55
C GLU B 467 -9.82 18.89 -15.97
N ASN B 468 -10.38 19.71 -16.84
CA ASN B 468 -9.70 20.94 -17.27
C ASN B 468 -10.09 22.15 -16.44
N HIS B 469 -10.87 21.91 -15.39
CA HIS B 469 -11.32 22.97 -14.49
C HIS B 469 -10.70 22.80 -13.10
N LEU B 470 -9.80 21.83 -12.97
CA LEU B 470 -9.23 21.48 -11.68
C LEU B 470 -8.52 22.64 -10.97
N THR B 471 -7.47 23.17 -11.60
CA THR B 471 -6.72 24.26 -11.01
C THR B 471 -7.58 25.50 -10.79
N GLN B 472 -8.53 25.72 -11.70
CA GLN B 472 -9.43 26.87 -11.61
C GLN B 472 -10.36 26.80 -10.40
N LEU B 473 -11.03 25.66 -10.23
CA LEU B 473 -11.95 25.49 -9.11
C LEU B 473 -11.21 25.37 -7.78
N LYS B 474 -10.03 24.78 -7.82
CA LYS B 474 -9.19 24.70 -6.62
C LYS B 474 -8.71 26.10 -6.25
N GLU B 475 -8.57 26.96 -7.26
CA GLU B 475 -8.25 28.36 -7.03
C GLU B 475 -9.44 29.09 -6.42
N GLN B 476 -10.64 28.76 -6.91
CA GLN B 476 -11.87 29.36 -6.41
C GLN B 476 -12.11 28.99 -4.95
N LEU B 477 -11.71 27.77 -4.58
CA LEU B 477 -11.88 27.29 -3.21
C LEU B 477 -10.96 28.02 -2.22
N SER B 478 -9.97 28.72 -2.75
CA SER B 478 -9.02 29.44 -1.91
C SER B 478 -9.52 30.84 -1.57
N ARG B 479 -10.78 31.12 -1.86
CA ARG B 479 -11.34 32.45 -1.64
C ARG B 479 -12.46 32.43 -0.60
N THR B 480 -12.27 33.18 0.48
CA THR B 480 -13.27 33.28 1.52
C THR B 480 -14.48 34.09 1.04
N PRO B 481 -15.67 33.48 1.09
CA PRO B 481 -16.92 34.05 0.57
C PRO B 481 -17.26 35.44 1.11
N ARG B 482 -17.96 36.21 0.29
CA ARG B 482 -18.44 37.52 0.66
C ARG B 482 -19.97 37.50 0.61
N PRO B 483 -20.63 38.44 1.31
CA PRO B 483 -22.10 38.46 1.35
C PRO B 483 -22.75 38.53 -0.03
N PHE B 484 -23.83 37.76 -0.20
CA PHE B 484 -24.58 37.74 -1.44
C PHE B 484 -25.14 39.11 -1.78
N PRO B 485 -25.22 39.45 -3.07
CA PRO B 485 -25.77 40.74 -3.51
C PRO B 485 -27.30 40.75 -3.41
N GLN B 486 -27.90 41.85 -3.85
CA GLN B 486 -29.35 41.97 -3.88
C GLN B 486 -29.82 42.14 -5.32
N LEU B 487 -30.99 41.61 -5.63
CA LEU B 487 -31.56 41.77 -6.97
C LEU B 487 -32.93 42.41 -6.86
N LYS B 488 -33.08 43.58 -7.47
CA LYS B 488 -34.35 44.29 -7.43
C LYS B 488 -34.85 44.64 -8.83
N PHE B 489 -36.17 44.53 -9.03
CA PHE B 489 -36.78 44.93 -10.29
C PHE B 489 -37.18 46.39 -10.24
N LYS B 490 -36.88 47.12 -11.30
CA LYS B 490 -37.14 48.56 -11.35
C LYS B 490 -38.60 48.87 -11.65
N ARG B 491 -39.30 47.91 -12.25
CA ARG B 491 -40.71 48.11 -12.59
C ARG B 491 -41.49 46.81 -12.50
N LYS B 492 -42.80 46.91 -12.27
CA LYS B 492 -43.66 45.74 -12.21
C LYS B 492 -44.32 45.52 -13.56
N VAL B 493 -44.12 44.33 -14.14
CA VAL B 493 -44.67 44.00 -15.45
C VAL B 493 -45.99 43.26 -15.34
N GLU B 494 -46.77 43.30 -16.42
CA GLU B 494 -48.05 42.58 -16.46
C GLU B 494 -47.85 41.19 -17.04
N ASN B 495 -46.91 41.08 -17.98
CA ASN B 495 -46.56 39.79 -18.57
C ASN B 495 -45.10 39.44 -18.27
N ILE B 496 -44.85 38.17 -17.95
CA ILE B 496 -43.52 37.72 -17.57
C ILE B 496 -42.54 37.82 -18.73
N GLU B 497 -43.06 37.92 -19.94
CA GLU B 497 -42.23 38.01 -21.13
C GLU B 497 -41.78 39.44 -21.41
N ASP B 498 -42.22 40.37 -20.57
CA ASP B 498 -41.91 41.79 -20.77
C ASP B 498 -40.68 42.27 -20.01
N PHE B 499 -40.00 41.35 -19.30
CA PHE B 499 -38.81 41.71 -18.56
C PHE B 499 -37.66 42.12 -19.46
N LYS B 500 -36.95 43.18 -19.07
CA LYS B 500 -35.81 43.66 -19.81
C LYS B 500 -34.57 43.73 -18.92
N TRP B 501 -33.39 43.75 -19.53
CA TRP B 501 -32.14 43.78 -18.76
C TRP B 501 -31.98 45.09 -18.01
N GLU B 502 -32.56 46.16 -18.54
CA GLU B 502 -32.49 47.47 -17.90
C GLU B 502 -33.37 47.52 -16.66
N ASP B 503 -34.31 46.59 -16.56
CA ASP B 503 -35.22 46.54 -15.42
C ASP B 503 -34.60 45.83 -14.23
N ILE B 504 -33.40 45.29 -14.42
CA ILE B 504 -32.71 44.55 -13.36
C ILE B 504 -31.66 45.42 -12.66
N GLU B 505 -31.74 45.48 -11.34
CA GLU B 505 -30.79 46.24 -10.54
C GLU B 505 -30.07 45.32 -9.55
N LEU B 506 -28.77 45.15 -9.77
CA LEU B 506 -27.94 44.32 -8.90
C LEU B 506 -27.17 45.19 -7.92
N ILE B 507 -27.51 45.08 -6.64
CA ILE B 507 -26.99 45.98 -5.62
C ILE B 507 -26.04 45.31 -4.64
N GLY B 508 -24.83 45.84 -4.54
CA GLY B 508 -23.87 45.38 -3.54
C GLY B 508 -23.13 44.12 -3.93
N TYR B 509 -22.82 43.99 -5.22
CA TYR B 509 -22.09 42.83 -5.70
C TYR B 509 -20.60 43.13 -5.86
N TYR B 510 -19.80 42.67 -4.90
CA TYR B 510 -18.36 42.86 -4.94
C TYR B 510 -17.63 41.52 -4.91
N PRO B 511 -17.61 40.81 -6.06
CA PRO B 511 -17.07 39.45 -6.12
C PRO B 511 -15.56 39.41 -6.37
N TYR B 512 -14.98 38.23 -6.19
CA TYR B 512 -13.59 37.99 -6.55
C TYR B 512 -13.46 38.01 -8.07
N PRO B 513 -12.24 38.23 -8.59
CA PRO B 513 -12.02 38.30 -10.04
C PRO B 513 -12.54 37.07 -10.79
N THR B 514 -12.89 37.26 -12.06
CA THR B 514 -13.45 36.20 -12.87
C THR B 514 -12.45 35.07 -13.08
N ILE B 515 -12.96 33.86 -13.30
CA ILE B 515 -12.12 32.70 -13.54
C ILE B 515 -12.46 32.09 -14.90
N LYS B 516 -11.52 32.19 -15.83
CA LYS B 516 -11.73 31.70 -17.19
C LYS B 516 -11.73 30.17 -17.24
N MET B 517 -12.82 29.60 -17.74
CA MET B 517 -12.93 28.15 -17.88
C MET B 517 -13.57 27.76 -19.20
N ASP B 518 -12.98 26.79 -19.87
CA ASP B 518 -13.42 26.36 -21.20
C ASP B 518 -14.56 25.36 -21.12
N MET B 519 -15.52 25.47 -22.04
CA MET B 519 -16.66 24.56 -22.08
C MET B 519 -16.37 23.32 -22.91
N ALA B 520 -16.69 22.15 -22.36
CA ALA B 520 -16.54 20.90 -23.09
C ALA B 520 -17.74 20.70 -24.01
N VAL B 521 -17.49 20.80 -25.32
CA VAL B 521 -18.56 20.70 -26.30
C VAL B 521 -19.10 19.28 -26.42
N GLU C 3 41.02 -20.86 7.51
CA GLU C 3 40.08 -21.61 8.33
C GLU C 3 39.69 -22.92 7.68
N LYS C 4 39.69 -24.00 8.46
CA LYS C 4 39.36 -25.32 7.95
C LYS C 4 38.52 -26.09 8.97
N ASN C 5 37.61 -26.93 8.47
CA ASN C 5 36.66 -27.63 9.33
C ASN C 5 37.27 -28.79 10.11
N VAL C 6 37.00 -28.81 11.42
CA VAL C 6 37.48 -29.87 12.30
C VAL C 6 36.31 -30.61 12.96
N SER C 7 36.08 -31.85 12.55
CA SER C 7 34.96 -32.64 13.06
C SER C 7 35.42 -33.78 13.97
N ILE C 8 34.57 -34.14 14.92
CA ILE C 8 34.85 -35.27 15.81
C ILE C 8 34.01 -36.49 15.45
N VAL C 9 34.67 -37.64 15.31
CA VAL C 9 33.97 -38.88 15.05
C VAL C 9 34.15 -39.82 16.24
N VAL C 10 33.04 -40.26 16.82
CA VAL C 10 33.09 -41.08 18.03
C VAL C 10 31.84 -41.95 18.21
N ALA C 11 32.05 -43.20 18.62
CA ALA C 11 30.96 -44.10 18.97
C ALA C 11 30.95 -44.36 20.47
N ALA C 12 29.94 -43.83 21.15
CA ALA C 12 29.82 -44.01 22.60
C ALA C 12 28.51 -44.69 22.96
N SER C 13 28.45 -45.26 24.16
CA SER C 13 27.22 -45.88 24.63
C SER C 13 26.16 -44.81 24.88
N VAL C 14 24.90 -45.23 24.89
CA VAL C 14 23.77 -44.30 24.98
C VAL C 14 23.73 -43.48 26.28
N LEU C 15 24.01 -44.13 27.40
CA LEU C 15 23.88 -43.47 28.70
C LEU C 15 25.20 -42.94 29.25
N SER C 16 26.09 -43.85 29.65
CA SER C 16 27.34 -43.46 30.28
C SER C 16 28.40 -43.02 29.29
N SER C 17 28.08 -43.11 28.00
CA SER C 17 28.97 -42.67 26.92
C SER C 17 30.33 -43.35 26.94
N GLY C 18 30.34 -44.65 27.25
CA GLY C 18 31.57 -45.43 27.22
C GLY C 18 32.01 -45.71 25.80
N ILE C 19 33.33 -45.68 25.57
CA ILE C 19 33.85 -45.86 24.22
C ILE C 19 34.85 -47.02 24.09
N GLY C 20 35.40 -47.48 25.22
CA GLY C 20 36.38 -48.54 25.19
C GLY C 20 36.54 -49.31 26.49
N ILE C 21 37.13 -50.49 26.39
CA ILE C 21 37.41 -51.32 27.56
C ILE C 21 38.66 -52.18 27.36
N ASN C 22 39.59 -52.07 28.29
CA ASN C 22 40.83 -52.85 28.27
C ASN C 22 41.63 -52.73 26.96
N GLY C 23 41.65 -51.52 26.41
CA GLY C 23 42.43 -51.25 25.20
C GLY C 23 41.74 -51.68 23.92
N GLN C 24 40.42 -51.89 23.98
CA GLN C 24 39.66 -52.26 22.79
C GLN C 24 38.19 -51.83 22.91
N LEU C 25 37.45 -51.99 21.83
CA LEU C 25 36.04 -51.61 21.80
C LEU C 25 35.18 -52.65 22.51
N PRO C 26 34.16 -52.18 23.25
CA PRO C 26 33.22 -53.07 23.95
C PRO C 26 32.12 -53.59 23.02
N TRP C 27 32.30 -53.42 21.72
CA TRP C 27 31.34 -53.91 20.73
C TRP C 27 32.01 -54.13 19.38
N SER C 28 31.32 -54.84 18.49
CA SER C 28 31.83 -55.08 17.15
C SER C 28 30.75 -54.79 16.11
N ILE C 29 30.76 -53.57 15.58
CA ILE C 29 29.77 -53.17 14.58
C ILE C 29 30.46 -52.77 13.27
N SER C 30 30.38 -53.64 12.28
CA SER C 30 31.03 -53.41 10.99
C SER C 30 30.46 -52.18 10.29
N GLU C 31 29.16 -51.96 10.44
CA GLU C 31 28.50 -50.81 9.84
C GLU C 31 29.03 -49.50 10.43
N ASP C 32 29.40 -49.55 11.71
CA ASP C 32 29.94 -48.38 12.39
C ASP C 32 31.34 -48.04 11.90
N LEU C 33 32.19 -49.06 11.81
CA LEU C 33 33.55 -48.88 11.31
C LEU C 33 33.53 -48.42 9.86
N LYS C 34 32.59 -48.97 9.08
CA LYS C 34 32.42 -48.56 7.69
C LYS C 34 31.96 -47.10 7.64
N PHE C 35 31.06 -46.74 8.55
CA PHE C 35 30.60 -45.36 8.65
C PHE C 35 31.77 -44.42 8.93
N PHE C 36 32.65 -44.85 9.83
CA PHE C 36 33.87 -44.11 10.13
C PHE C 36 34.72 -43.95 8.87
N SER C 37 34.89 -45.05 8.14
CA SER C 37 35.69 -45.06 6.92
C SER C 37 35.16 -44.07 5.88
N LYS C 38 33.85 -44.09 5.67
CA LYS C 38 33.25 -43.23 4.66
C LYS C 38 33.22 -41.77 5.10
N ILE C 39 33.00 -41.53 6.39
CA ILE C 39 32.95 -40.17 6.90
C ILE C 39 34.34 -39.55 7.00
N THR C 40 35.37 -40.39 7.01
CA THR C 40 36.74 -39.89 7.05
C THR C 40 37.38 -39.85 5.66
N ASN C 41 36.82 -40.61 4.72
CA ASN C 41 37.30 -40.59 3.34
C ASN C 41 36.56 -39.58 2.48
N ASN C 42 35.55 -38.94 3.06
CA ASN C 42 34.73 -37.97 2.34
C ASN C 42 35.50 -36.68 2.04
N LYS C 43 35.63 -36.35 0.76
CA LYS C 43 36.37 -35.17 0.34
C LYS C 43 35.88 -34.66 -1.02
N CYS C 44 36.24 -33.42 -1.35
CA CYS C 44 35.86 -32.82 -2.62
C CYS C 44 37.03 -32.86 -3.60
N ASP C 45 38.19 -32.36 -3.16
CA ASP C 45 39.38 -32.34 -4.00
C ASP C 45 40.06 -33.71 -3.99
N SER C 46 40.30 -34.25 -5.16
CA SER C 46 40.96 -35.56 -5.28
C SER C 46 42.45 -35.45 -4.97
N ASN C 47 43.00 -34.26 -5.13
CA ASN C 47 44.42 -34.02 -4.86
C ASN C 47 44.70 -33.78 -3.40
N LYS C 48 43.65 -33.75 -2.58
CA LYS C 48 43.78 -33.53 -1.15
C LYS C 48 43.40 -34.76 -0.34
N LYS C 49 43.81 -34.78 0.92
CA LYS C 49 43.48 -35.89 1.83
C LYS C 49 42.89 -35.37 3.13
N ASN C 50 42.39 -36.29 3.96
CA ASN C 50 41.88 -35.94 5.28
C ASN C 50 42.81 -36.41 6.39
N ALA C 51 43.04 -35.55 7.38
CA ALA C 51 43.91 -35.86 8.50
C ALA C 51 43.13 -36.45 9.67
N LEU C 52 43.66 -37.52 10.25
CA LEU C 52 43.00 -38.20 11.36
C LEU C 52 43.82 -38.12 12.64
N ILE C 53 43.35 -37.30 13.59
CA ILE C 53 44.04 -37.15 14.87
C ILE C 53 43.54 -38.18 15.88
N MET C 54 44.47 -38.89 16.50
CA MET C 54 44.12 -39.90 17.50
C MET C 54 45.19 -40.04 18.57
N GLY C 55 44.81 -40.57 19.72
CA GLY C 55 45.74 -40.79 20.81
C GLY C 55 46.70 -41.92 20.54
N ARG C 56 47.71 -42.07 21.39
CA ARG C 56 48.70 -43.12 21.23
C ARG C 56 48.11 -44.50 21.47
N LYS C 57 47.28 -44.62 22.50
CA LYS C 57 46.65 -45.90 22.84
C LYS C 57 45.64 -46.31 21.78
N THR C 58 44.98 -45.33 21.18
CA THR C 58 44.07 -45.59 20.06
C THR C 58 44.89 -46.06 18.86
N TRP C 59 46.06 -45.45 18.69
CA TRP C 59 46.99 -45.84 17.64
C TRP C 59 47.47 -47.28 17.85
N ASP C 60 47.51 -47.70 19.12
CA ASP C 60 47.87 -49.06 19.45
C ASP C 60 46.69 -49.99 19.19
N SER C 61 45.48 -49.48 19.37
CA SER C 61 44.26 -50.27 19.20
C SER C 61 44.06 -50.72 17.76
N ILE C 62 44.46 -49.89 16.81
CA ILE C 62 44.32 -50.21 15.39
C ILE C 62 45.50 -51.02 14.87
N GLY C 63 46.33 -51.51 15.80
CA GLY C 63 47.46 -52.35 15.43
C GLY C 63 48.63 -51.57 14.88
N ARG C 64 48.61 -50.26 15.06
CA ARG C 64 49.64 -49.36 14.58
C ARG C 64 49.87 -49.49 13.07
N ARG C 65 48.78 -49.57 12.32
CA ARG C 65 48.85 -49.65 10.86
C ARG C 65 48.02 -48.53 10.23
N PRO C 66 48.60 -47.85 9.23
CA PRO C 66 47.98 -46.67 8.62
C PRO C 66 46.69 -46.99 7.87
N LEU C 67 45.81 -46.00 7.77
CA LEU C 67 44.56 -46.14 7.03
C LEU C 67 44.73 -45.55 5.63
N LYS C 68 44.25 -46.28 4.62
CA LYS C 68 44.44 -45.86 3.23
C LYS C 68 43.74 -44.55 2.91
N ASN C 69 44.36 -43.77 2.03
CA ASN C 69 43.83 -42.48 1.58
C ASN C 69 43.61 -41.45 2.69
N ARG C 70 44.28 -41.67 3.82
CA ARG C 70 44.19 -40.75 4.96
C ARG C 70 45.53 -40.62 5.67
N ILE C 71 45.71 -39.52 6.38
CA ILE C 71 46.94 -39.27 7.12
C ILE C 71 46.68 -39.30 8.62
N ILE C 72 47.18 -40.33 9.29
CA ILE C 72 46.97 -40.49 10.72
C ILE C 72 47.96 -39.67 11.53
N VAL C 73 47.44 -38.81 12.40
CA VAL C 73 48.26 -37.98 13.27
C VAL C 73 48.20 -38.51 14.70
N VAL C 74 49.32 -39.05 15.18
CA VAL C 74 49.39 -39.64 16.51
C VAL C 74 49.93 -38.64 17.54
N ILE C 75 49.18 -38.46 18.62
CA ILE C 75 49.62 -37.60 19.71
C ILE C 75 50.31 -38.41 20.79
N SER C 76 51.60 -38.18 20.98
CA SER C 76 52.38 -38.91 21.98
C SER C 76 53.62 -38.14 22.40
N SER C 77 54.02 -38.30 23.65
CA SER C 77 55.20 -37.64 24.18
C SER C 77 56.41 -38.59 24.17
N SER C 78 56.16 -39.86 23.84
CA SER C 78 57.22 -40.86 23.83
C SER C 78 57.51 -41.39 22.44
N LEU C 79 56.46 -41.51 21.62
CA LEU C 79 56.60 -42.03 20.27
C LEU C 79 57.47 -41.11 19.41
N PRO C 80 58.56 -41.67 18.84
CA PRO C 80 59.49 -40.91 18.01
C PRO C 80 58.86 -40.40 16.73
N GLN C 81 59.29 -39.23 16.28
CA GLN C 81 58.80 -38.63 15.05
C GLN C 81 59.22 -39.46 13.84
N ASP C 82 58.41 -40.46 13.51
CA ASP C 82 58.71 -41.37 12.40
C ASP C 82 58.61 -40.68 11.05
N GLU C 83 59.76 -40.44 10.42
CA GLU C 83 59.80 -39.82 9.10
C GLU C 83 59.77 -40.87 7.99
N ALA C 84 59.76 -42.14 8.38
CA ALA C 84 59.71 -43.24 7.43
C ALA C 84 58.36 -43.30 6.71
N ASP C 85 57.31 -43.58 7.47
CA ASP C 85 55.96 -43.65 6.91
C ASP C 85 55.43 -42.25 6.63
N PRO C 86 55.16 -41.95 5.35
CA PRO C 86 54.67 -40.63 4.92
C PRO C 86 53.18 -40.46 5.18
N ASN C 87 52.52 -41.51 5.64
CA ASN C 87 51.08 -41.47 5.90
C ASN C 87 50.77 -41.31 7.39
N VAL C 88 51.81 -41.44 8.22
CA VAL C 88 51.66 -41.29 9.66
C VAL C 88 52.65 -40.27 10.20
N VAL C 89 52.18 -39.37 11.05
CA VAL C 89 53.01 -38.34 11.64
C VAL C 89 52.73 -38.20 13.13
N VAL C 90 53.76 -37.89 13.91
CA VAL C 90 53.63 -37.80 15.35
C VAL C 90 53.91 -36.39 15.88
N PHE C 91 53.01 -35.88 16.73
CA PHE C 91 53.19 -34.59 17.38
C PHE C 91 53.24 -34.74 18.90
N ARG C 92 53.87 -33.78 19.56
CA ARG C 92 54.06 -33.86 21.01
C ARG C 92 52.83 -33.43 21.79
N ASN C 93 52.06 -32.51 21.23
CA ASN C 93 50.82 -32.06 21.86
C ASN C 93 49.71 -31.82 20.85
N LEU C 94 48.48 -31.76 21.33
CA LEU C 94 47.31 -31.61 20.46
C LEU C 94 47.26 -30.25 19.78
N GLU C 95 47.64 -29.20 20.50
CA GLU C 95 47.59 -27.84 19.98
C GLU C 95 48.54 -27.64 18.80
N ASP C 96 49.78 -28.08 18.96
CA ASP C 96 50.79 -27.96 17.91
C ASP C 96 50.45 -28.84 16.71
N SER C 97 49.73 -29.94 16.97
CA SER C 97 49.34 -30.88 15.92
C SER C 97 48.38 -30.24 14.92
N ILE C 98 47.56 -29.30 15.40
CA ILE C 98 46.62 -28.61 14.52
C ILE C 98 47.30 -27.43 13.83
N GLU C 99 48.30 -27.75 13.01
CA GLU C 99 48.96 -26.77 12.17
C GLU C 99 48.45 -26.90 10.75
N ASN C 100 47.61 -27.91 10.53
CA ASN C 100 47.01 -28.16 9.22
C ASN C 100 46.15 -26.99 8.74
N LEU C 101 45.70 -26.17 9.68
CA LEU C 101 44.91 -25.00 9.36
C LEU C 101 45.77 -23.94 8.66
N MET C 102 46.81 -23.50 9.34
CA MET C 102 47.65 -22.41 8.85
C MET C 102 48.48 -22.79 7.63
N ASN C 103 49.00 -24.02 7.61
CA ASN C 103 49.82 -24.48 6.50
C ASN C 103 49.39 -25.85 5.98
N ASP C 104 50.12 -26.35 4.99
CA ASP C 104 49.82 -27.63 4.35
C ASP C 104 48.39 -27.65 3.78
N ASP C 105 48.24 -27.09 2.60
CA ASP C 105 46.93 -27.01 1.95
C ASP C 105 46.54 -28.31 1.24
N SER C 106 47.34 -29.35 1.45
CA SER C 106 47.04 -30.65 0.86
C SER C 106 46.02 -31.41 1.72
N ILE C 107 45.68 -30.83 2.86
CA ILE C 107 44.66 -31.41 3.74
C ILE C 107 43.36 -30.62 3.58
N GLU C 108 42.26 -31.33 3.37
CA GLU C 108 40.97 -30.67 3.16
C GLU C 108 40.13 -30.65 4.43
N ASN C 109 40.16 -31.73 5.19
CA ASN C 109 39.40 -31.82 6.43
C ASN C 109 40.20 -32.47 7.56
N ILE C 110 39.85 -32.11 8.79
CA ILE C 110 40.51 -32.67 9.96
C ILE C 110 39.50 -33.39 10.86
N PHE C 111 39.83 -34.62 11.24
CA PHE C 111 38.94 -35.41 12.08
C PHE C 111 39.63 -35.89 13.35
N VAL C 112 38.96 -35.71 14.49
CA VAL C 112 39.40 -36.31 15.74
C VAL C 112 38.72 -37.66 15.88
N CYS C 113 39.54 -38.72 15.82
CA CYS C 113 39.01 -40.08 15.69
C CYS C 113 38.89 -40.86 17.00
N GLY C 114 39.65 -40.45 18.02
CA GLY C 114 39.59 -41.16 19.29
C GLY C 114 40.57 -40.73 20.35
N GLY C 115 40.33 -41.21 21.57
CA GLY C 115 41.15 -40.86 22.71
C GLY C 115 40.40 -39.95 23.67
N GLU C 116 40.07 -40.47 24.84
CA GLU C 116 39.40 -39.69 25.86
C GLU C 116 40.25 -38.50 26.29
N SER C 117 41.55 -38.76 26.47
CA SER C 117 42.51 -37.71 26.80
C SER C 117 42.59 -36.69 25.68
N ILE C 118 42.32 -37.13 24.45
CA ILE C 118 42.33 -36.24 23.30
C ILE C 118 41.00 -35.50 23.15
N TYR C 119 39.90 -36.25 23.26
CA TYR C 119 38.56 -35.68 23.18
C TYR C 119 38.38 -34.56 24.21
N ARG C 120 38.75 -34.86 25.44
CA ARG C 120 38.51 -33.94 26.56
C ARG C 120 39.19 -32.59 26.39
N ASP C 121 40.45 -32.59 25.96
CA ASP C 121 41.16 -31.33 25.76
C ASP C 121 41.01 -30.78 24.34
N ALA C 122 40.30 -31.51 23.48
CA ALA C 122 39.91 -30.98 22.19
C ALA C 122 38.61 -30.20 22.36
N LEU C 123 37.83 -30.58 23.37
CA LEU C 123 36.62 -29.86 23.72
C LEU C 123 36.93 -28.70 24.66
N LYS C 124 37.83 -28.94 25.61
CA LYS C 124 38.17 -27.96 26.62
C LYS C 124 38.85 -26.73 26.00
N ASP C 125 39.69 -26.97 25.00
CA ASP C 125 40.41 -25.89 24.33
C ASP C 125 39.65 -25.35 23.12
N ASN C 126 38.47 -25.91 22.89
CA ASN C 126 37.59 -25.46 21.81
C ASN C 126 38.23 -25.48 20.43
N PHE C 127 38.39 -26.68 19.87
CA PHE C 127 38.96 -26.84 18.54
C PHE C 127 37.97 -27.53 17.61
N VAL C 128 36.87 -27.99 18.19
CA VAL C 128 35.90 -28.81 17.47
C VAL C 128 34.74 -27.99 16.89
N ASP C 129 34.46 -28.21 15.61
CA ASP C 129 33.34 -27.54 14.95
C ASP C 129 32.12 -28.45 14.87
N ARG C 130 32.34 -29.72 14.52
CA ARG C 130 31.25 -30.66 14.34
C ARG C 130 31.52 -31.97 15.07
N ILE C 131 30.47 -32.67 15.45
CA ILE C 131 30.60 -33.95 16.15
C ILE C 131 29.70 -35.02 15.55
N TYR C 132 30.32 -36.11 15.09
CA TYR C 132 29.56 -37.26 14.58
C TYR C 132 29.44 -38.34 15.63
N LEU C 133 28.36 -38.30 16.39
CA LEU C 133 28.15 -39.23 17.51
C LEU C 133 27.34 -40.46 17.13
N THR C 134 27.90 -41.63 17.38
CA THR C 134 27.20 -42.89 17.15
C THR C 134 26.80 -43.53 18.48
N ARG C 135 25.59 -43.24 18.94
CA ARG C 135 25.09 -43.80 20.19
C ARG C 135 24.82 -45.29 20.06
N VAL C 136 25.35 -46.07 20.99
CA VAL C 136 25.17 -47.52 20.97
C VAL C 136 24.38 -47.96 22.21
N ALA C 137 23.45 -48.89 22.00
CA ALA C 137 22.49 -49.26 23.05
C ALA C 137 22.90 -50.46 23.90
N LEU C 138 23.92 -50.27 24.75
CA LEU C 138 24.27 -51.27 25.76
C LEU C 138 24.99 -50.60 26.93
N GLU C 139 24.56 -50.90 28.15
CA GLU C 139 25.08 -50.22 29.33
C GLU C 139 25.36 -51.14 30.52
N ASP C 140 24.92 -52.39 30.43
CA ASP C 140 25.11 -53.34 31.52
C ASP C 140 26.45 -54.06 31.40
N ILE C 141 27.45 -53.37 30.87
CA ILE C 141 28.79 -53.93 30.75
C ILE C 141 29.80 -53.05 31.46
N GLU C 142 31.09 -53.38 31.30
CA GLU C 142 32.15 -52.65 32.00
C GLU C 142 32.92 -51.72 31.07
N PHE C 143 33.15 -50.50 31.53
CA PHE C 143 33.94 -49.51 30.78
C PHE C 143 35.11 -49.01 31.61
N ASP C 144 36.14 -48.52 30.93
CA ASP C 144 37.28 -47.88 31.58
C ASP C 144 37.64 -46.58 30.87
N THR C 145 37.04 -46.38 29.70
CA THR C 145 37.29 -45.18 28.91
C THR C 145 35.98 -44.59 28.42
N TYR C 146 35.70 -43.34 28.80
CA TYR C 146 34.43 -42.69 28.48
C TYR C 146 34.62 -41.51 27.54
N PHE C 147 33.50 -41.05 26.97
CA PHE C 147 33.50 -39.85 26.14
C PHE C 147 33.01 -38.67 26.95
N PRO C 148 33.79 -37.58 26.97
CA PRO C 148 33.47 -36.38 27.77
C PRO C 148 32.13 -35.77 27.39
N GLU C 149 31.43 -35.22 28.38
CA GLU C 149 30.12 -34.62 28.15
C GLU C 149 30.18 -33.45 27.18
N ILE C 150 29.31 -33.48 26.18
CA ILE C 150 29.26 -32.43 25.16
C ILE C 150 28.85 -31.10 25.77
N PRO C 151 29.69 -30.06 25.57
CA PRO C 151 29.40 -28.72 26.09
C PRO C 151 28.12 -28.13 25.50
N GLU C 152 27.58 -27.11 26.15
CA GLU C 152 26.32 -26.51 25.72
C GLU C 152 26.44 -25.71 24.43
N THR C 153 27.67 -25.51 23.97
CA THR C 153 27.91 -24.77 22.74
C THR C 153 27.50 -25.56 21.50
N PHE C 154 27.29 -26.86 21.66
CA PHE C 154 26.87 -27.72 20.56
C PHE C 154 25.37 -28.03 20.60
N LEU C 155 24.77 -28.18 19.43
CA LEU C 155 23.36 -28.53 19.32
C LEU C 155 23.16 -29.58 18.23
N PRO C 156 22.34 -30.62 18.53
CA PRO C 156 22.04 -31.66 17.56
C PRO C 156 21.23 -31.12 16.37
N VAL C 157 21.59 -31.52 15.17
CA VAL C 157 20.90 -31.06 13.97
C VAL C 157 20.42 -32.24 13.14
N TYR C 158 20.77 -33.44 13.56
CA TYR C 158 20.41 -34.66 12.84
C TYR C 158 20.37 -35.87 13.77
N MET C 159 19.42 -36.77 13.53
CA MET C 159 19.33 -38.01 14.28
C MET C 159 18.75 -39.12 13.40
N SER C 160 19.62 -40.01 12.93
CA SER C 160 19.22 -41.06 12.01
C SER C 160 18.27 -42.07 12.67
N GLN C 161 17.69 -42.92 11.84
CA GLN C 161 16.82 -44.00 12.33
C GLN C 161 17.66 -45.03 13.09
N THR C 162 16.99 -45.84 13.90
CA THR C 162 17.68 -46.87 14.67
C THR C 162 18.07 -48.06 13.81
N PHE C 163 19.36 -48.39 13.81
CA PHE C 163 19.87 -49.54 13.07
C PHE C 163 20.22 -50.68 14.03
N CYS C 164 20.30 -51.90 13.49
CA CYS C 164 20.56 -53.09 14.29
C CYS C 164 21.68 -53.95 13.73
N THR C 165 22.63 -54.31 14.59
CA THR C 165 23.71 -55.23 14.23
C THR C 165 24.01 -56.16 15.41
N LYS C 166 23.84 -57.45 15.19
CA LYS C 166 23.98 -58.46 16.24
C LYS C 166 23.07 -58.14 17.43
N ASN C 167 21.82 -57.80 17.11
CA ASN C 167 20.81 -57.44 18.11
C ASN C 167 21.18 -56.21 18.95
N ILE C 168 22.05 -55.37 18.40
CA ILE C 168 22.45 -54.14 19.08
C ILE C 168 21.94 -52.93 18.31
N SER C 169 21.20 -52.07 19.00
CA SER C 169 20.64 -50.86 18.40
C SER C 169 21.63 -49.71 18.42
N TYR C 170 21.63 -48.91 17.36
CA TYR C 170 22.50 -47.74 17.31
C TYR C 170 21.99 -46.64 16.36
N ASP C 171 22.36 -45.39 16.68
CA ASP C 171 21.96 -44.23 15.89
C ASP C 171 23.16 -43.47 15.36
N PHE C 172 22.92 -42.56 14.43
CA PHE C 172 23.97 -41.66 13.96
C PHE C 172 23.46 -40.23 14.02
N MET C 173 24.05 -39.43 14.90
CA MET C 173 23.62 -38.05 15.08
C MET C 173 24.77 -37.06 14.89
N ILE C 174 24.43 -35.84 14.49
CA ILE C 174 25.41 -34.79 14.26
C ILE C 174 25.17 -33.57 15.15
N PHE C 175 26.21 -33.13 15.85
CA PHE C 175 26.14 -31.94 16.68
C PHE C 175 26.96 -30.81 16.08
N GLU C 176 26.33 -29.64 15.93
CA GLU C 176 27.01 -28.49 15.34
C GLU C 176 27.19 -27.37 16.36
N LYS C 177 28.31 -26.69 16.28
CA LYS C 177 28.63 -25.61 17.21
C LYS C 177 28.05 -24.28 16.74
N GLN C 178 26.85 -23.95 17.21
CA GLN C 178 26.19 -22.71 16.85
C GLN C 178 25.86 -21.87 18.08
N LEU C 193 13.57 -19.83 -0.10
CA LEU C 193 13.72 -18.42 -0.41
C LEU C 193 12.69 -17.59 0.37
N LYS C 194 13.08 -16.37 0.72
CA LYS C 194 12.25 -15.52 1.57
C LYS C 194 10.94 -15.13 0.88
N SER C 195 10.96 -15.04 -0.44
CA SER C 195 9.80 -14.60 -1.21
C SER C 195 8.57 -15.49 -0.99
N ILE C 196 8.78 -16.81 -1.12
CA ILE C 196 7.70 -17.77 -0.94
C ILE C 196 7.12 -17.70 0.47
N ASP C 197 8.01 -17.66 1.47
CA ASP C 197 7.61 -17.58 2.87
C ASP C 197 6.78 -16.33 3.12
N ASP C 198 7.25 -15.19 2.60
CA ASP C 198 6.54 -13.93 2.74
C ASP C 198 5.16 -13.98 2.10
N THR C 199 5.09 -14.54 0.90
CA THR C 199 3.82 -14.65 0.18
C THR C 199 2.82 -15.50 0.96
N VAL C 200 3.29 -16.66 1.43
CA VAL C 200 2.45 -17.56 2.22
C VAL C 200 1.98 -16.90 3.50
N ASP C 201 2.87 -16.13 4.14
CA ASP C 201 2.52 -15.39 5.35
C ASP C 201 1.44 -14.35 5.09
N LEU C 202 1.59 -13.62 3.99
CA LEU C 202 0.62 -12.59 3.60
C LEU C 202 -0.74 -13.21 3.31
N LEU C 203 -0.75 -14.32 2.58
CA LEU C 203 -1.99 -15.04 2.32
C LEU C 203 -2.58 -15.56 3.62
N GLY C 204 -1.72 -15.87 4.58
CA GLY C 204 -2.15 -16.33 5.89
C GLY C 204 -2.72 -15.20 6.73
N GLU C 205 -2.36 -13.97 6.36
CA GLU C 205 -2.91 -12.80 7.03
C GLU C 205 -4.25 -12.40 6.43
N ILE C 206 -4.33 -12.46 5.09
CA ILE C 206 -5.57 -12.16 4.38
C ILE C 206 -6.64 -13.19 4.73
N PHE C 207 -6.44 -14.42 4.25
CA PHE C 207 -7.33 -15.51 4.60
C PHE C 207 -6.99 -16.00 5.99
N GLY C 208 -8.00 -16.26 6.81
CA GLY C 208 -7.78 -16.71 8.17
C GLY C 208 -7.80 -18.22 8.25
N ILE C 209 -8.87 -18.75 8.83
CA ILE C 209 -9.05 -20.20 8.93
C ILE C 209 -9.45 -20.75 7.55
N ARG C 210 -9.78 -19.84 6.63
CA ARG C 210 -10.09 -20.20 5.26
C ARG C 210 -8.90 -20.90 4.62
N LYS C 211 -7.71 -20.36 4.86
CA LYS C 211 -6.48 -20.98 4.39
C LYS C 211 -6.16 -22.20 5.24
N MET C 212 -6.15 -23.38 4.62
CA MET C 212 -5.93 -24.64 5.32
C MET C 212 -4.57 -24.67 6.01
N GLY C 213 -3.60 -23.94 5.46
CA GLY C 213 -2.28 -23.85 6.04
C GLY C 213 -2.30 -23.27 7.44
N ASN C 214 -3.26 -22.39 7.70
CA ASN C 214 -3.41 -21.79 9.02
C ASN C 214 -4.11 -22.71 10.01
N ARG C 215 -4.75 -23.76 9.49
CA ARG C 215 -5.41 -24.74 10.34
C ARG C 215 -4.40 -25.77 10.83
N HIS C 216 -3.32 -25.93 10.08
CA HIS C 216 -2.24 -26.84 10.45
C HIS C 216 -0.94 -26.08 10.63
N LYS C 217 -0.91 -25.17 11.59
CA LYS C 217 0.27 -24.36 11.85
C LYS C 217 1.43 -25.18 12.41
N PHE C 218 2.64 -24.82 12.00
CA PHE C 218 3.84 -25.48 12.51
C PHE C 218 4.04 -25.14 13.97
N PRO C 219 4.29 -26.16 14.81
CA PRO C 219 4.45 -26.02 16.26
C PRO C 219 5.55 -25.03 16.66
N LYS C 220 5.30 -24.28 17.73
CA LYS C 220 6.30 -23.34 18.24
C LYS C 220 7.46 -24.09 18.86
N GLU C 221 8.59 -23.40 19.02
CA GLU C 221 9.80 -23.99 19.57
C GLU C 221 9.59 -24.50 21.00
N GLU C 222 8.72 -23.82 21.74
CA GLU C 222 8.47 -24.15 23.14
C GLU C 222 7.85 -25.53 23.34
N ILE C 223 7.18 -26.04 22.31
CA ILE C 223 6.54 -27.35 22.39
C ILE C 223 7.06 -28.30 21.32
N TYR C 224 8.19 -27.97 20.73
CA TYR C 224 8.80 -28.81 19.70
C TYR C 224 9.98 -29.58 20.28
N ASN C 225 9.88 -30.91 20.30
CA ASN C 225 10.93 -31.74 20.88
C ASN C 225 12.24 -31.64 20.11
N THR C 226 13.28 -31.17 20.80
CA THR C 226 14.59 -30.92 20.21
C THR C 226 14.49 -30.06 18.96
N PRO C 227 14.25 -28.75 19.16
CA PRO C 227 14.00 -27.80 18.07
C PRO C 227 15.21 -27.64 17.15
N SER C 228 16.40 -27.85 17.69
CA SER C 228 17.64 -27.66 16.94
C SER C 228 17.71 -28.62 15.76
N ILE C 229 17.16 -29.81 15.93
CA ILE C 229 17.07 -30.78 14.84
C ILE C 229 15.91 -30.37 13.95
N ARG C 230 16.23 -29.74 12.83
CA ARG C 230 15.22 -29.19 11.94
C ARG C 230 14.99 -30.04 10.70
N PHE C 231 16.07 -30.32 9.97
CA PHE C 231 15.97 -31.05 8.71
C PHE C 231 16.42 -32.50 8.85
N GLY C 232 16.98 -32.83 10.01
CA GLY C 232 17.51 -34.17 10.24
C GLY C 232 16.73 -34.98 11.26
N ARG C 233 15.41 -34.80 11.29
CA ARG C 233 14.56 -35.53 12.21
C ARG C 233 14.20 -36.90 11.62
N GLU C 234 15.22 -37.74 11.43
CA GLU C 234 15.06 -39.02 10.76
C GLU C 234 14.55 -40.11 11.69
N HIS C 235 14.87 -40.00 12.98
CA HIS C 235 14.42 -40.96 13.98
C HIS C 235 12.91 -41.05 13.98
N TYR C 236 12.39 -42.28 14.06
CA TYR C 236 10.96 -42.49 13.88
C TYR C 236 10.12 -42.31 15.14
N GLU C 237 10.77 -41.98 16.26
CA GLU C 237 10.04 -41.61 17.46
C GLU C 237 9.56 -40.17 17.29
N PHE C 238 10.20 -39.45 16.38
CA PHE C 238 9.79 -38.10 16.03
C PHE C 238 8.44 -38.09 15.33
N GLN C 239 8.08 -39.23 14.75
CA GLN C 239 6.77 -39.38 14.11
C GLN C 239 5.67 -39.27 15.15
N TYR C 240 5.99 -39.63 16.39
CA TYR C 240 5.04 -39.57 17.49
C TYR C 240 5.16 -38.24 18.24
N LEU C 241 6.39 -37.81 18.49
CA LEU C 241 6.62 -36.58 19.24
C LEU C 241 6.16 -35.33 18.49
N ASP C 242 6.40 -35.29 17.18
CA ASP C 242 5.95 -34.18 16.36
C ASP C 242 4.42 -34.17 16.25
N LEU C 243 3.81 -35.35 16.31
CA LEU C 243 2.36 -35.45 16.35
C LEU C 243 1.86 -34.87 17.68
N LEU C 244 2.56 -35.20 18.76
CA LEU C 244 2.25 -34.68 20.08
C LEU C 244 2.31 -33.15 20.07
N SER C 245 3.33 -32.63 19.40
CA SER C 245 3.51 -31.18 19.26
C SER C 245 2.39 -30.57 18.40
N ARG C 246 1.97 -31.30 17.38
CA ARG C 246 0.92 -30.83 16.48
C ARG C 246 -0.42 -30.75 17.20
N VAL C 247 -0.70 -31.74 18.04
CA VAL C 247 -1.93 -31.73 18.83
C VAL C 247 -1.84 -30.65 19.92
N LEU C 248 -0.62 -30.45 20.42
CA LEU C 248 -0.39 -29.42 21.43
C LEU C 248 -0.50 -28.01 20.84
N GLU C 249 -0.38 -27.92 19.51
CA GLU C 249 -0.42 -26.63 18.82
C GLU C 249 -1.80 -26.29 18.26
N ASN C 250 -2.35 -27.20 17.45
CA ASN C 250 -3.60 -26.95 16.75
C ASN C 250 -4.79 -27.64 17.39
N GLY C 251 -4.59 -28.22 18.56
CA GLY C 251 -5.62 -29.00 19.22
C GLY C 251 -6.81 -28.17 19.65
N ALA C 252 -7.96 -28.45 19.04
CA ALA C 252 -9.20 -27.78 19.40
C ALA C 252 -9.72 -28.33 20.72
N TYR C 253 -9.86 -27.45 21.72
CA TYR C 253 -10.37 -27.84 23.03
C TYR C 253 -11.85 -28.21 22.93
N ARG C 254 -12.14 -29.50 23.04
CA ARG C 254 -13.51 -29.98 22.94
C ARG C 254 -13.84 -31.01 24.02
N GLU C 255 -15.14 -31.19 24.27
CA GLU C 255 -15.60 -32.13 25.29
C GLU C 255 -15.80 -33.52 24.68
N ASN C 256 -16.15 -34.47 25.54
CA ASN C 256 -16.39 -35.84 25.11
C ASN C 256 -17.28 -36.59 26.10
N ARG C 257 -17.35 -37.92 25.96
CA ARG C 257 -18.19 -38.73 26.82
C ARG C 257 -17.72 -38.70 28.27
N THR C 258 -16.42 -38.49 28.47
CA THR C 258 -15.87 -38.39 29.82
C THR C 258 -15.87 -36.94 30.29
N GLY C 259 -15.69 -36.74 31.59
CA GLY C 259 -15.68 -35.41 32.16
C GLY C 259 -14.42 -34.62 31.81
N ILE C 260 -13.41 -35.32 31.32
CA ILE C 260 -12.14 -34.69 30.95
C ILE C 260 -12.12 -34.32 29.47
N SER C 261 -12.06 -33.02 29.19
CA SER C 261 -12.02 -32.52 27.82
C SER C 261 -10.65 -32.72 27.19
N THR C 262 -10.60 -32.77 25.86
CA THR C 262 -9.35 -33.01 25.16
C THR C 262 -9.08 -31.93 24.12
N TYR C 263 -7.80 -31.72 23.82
CA TYR C 263 -7.41 -30.89 22.68
C TYR C 263 -7.21 -31.82 21.50
N SER C 264 -8.01 -31.64 20.44
CA SER C 264 -8.05 -32.63 19.36
C SER C 264 -7.81 -32.06 17.96
N ILE C 265 -7.08 -32.81 17.16
CA ILE C 265 -6.96 -32.53 15.73
C ILE C 265 -7.40 -33.77 14.95
N PHE C 266 -7.69 -33.60 13.67
CA PHE C 266 -8.25 -34.69 12.88
C PHE C 266 -7.45 -34.97 11.62
N GLY C 267 -7.19 -36.26 11.37
CA GLY C 267 -6.47 -36.68 10.18
C GLY C 267 -4.96 -36.57 10.32
N GLN C 268 -4.33 -37.59 10.89
CA GLN C 268 -2.89 -37.61 11.09
C GLN C 268 -2.33 -39.00 10.75
N MET C 269 -1.01 -39.12 10.77
CA MET C 269 -0.37 -40.42 10.54
C MET C 269 1.05 -40.49 11.12
N MET C 270 1.49 -41.71 11.41
CA MET C 270 2.83 -41.96 11.90
C MET C 270 3.44 -43.18 11.22
N ARG C 271 4.69 -43.05 10.77
CA ARG C 271 5.37 -44.17 10.13
C ARG C 271 6.44 -44.74 11.06
N PHE C 272 6.70 -46.03 10.93
CA PHE C 272 7.66 -46.71 11.80
C PHE C 272 8.42 -47.80 11.06
N ASP C 273 9.70 -47.96 11.42
CA ASP C 273 10.51 -49.03 10.88
C ASP C 273 10.56 -50.18 11.88
N MET C 274 10.41 -51.41 11.38
CA MET C 274 10.46 -52.58 12.23
C MET C 274 11.55 -53.55 11.78
N ARG C 275 12.19 -53.24 10.66
CA ARG C 275 13.26 -54.09 10.13
C ARG C 275 14.50 -54.01 11.00
N GLU C 276 14.92 -52.79 11.34
CA GLU C 276 16.16 -52.59 12.08
C GLU C 276 15.93 -52.18 13.54
N SER C 277 14.68 -52.15 13.96
CA SER C 277 14.35 -51.76 15.33
C SER C 277 12.94 -52.16 15.74
N PHE C 278 12.54 -51.72 16.93
CA PHE C 278 11.19 -51.97 17.44
C PHE C 278 10.62 -50.68 18.01
N PRO C 279 9.52 -50.20 17.41
CA PRO C 279 8.90 -48.91 17.75
C PRO C 279 8.37 -48.84 19.18
N LEU C 280 9.26 -48.91 20.16
CA LEU C 280 8.90 -48.75 21.55
C LEU C 280 9.49 -47.44 22.06
N LEU C 281 8.63 -46.55 22.54
CA LEU C 281 9.05 -45.21 22.96
C LEU C 281 10.11 -45.23 24.05
N THR C 282 11.09 -44.34 23.91
CA THR C 282 12.20 -44.26 24.87
C THR C 282 12.07 -43.01 25.73
N THR C 283 11.23 -42.07 25.29
CA THR C 283 11.00 -40.85 26.04
C THR C 283 10.17 -41.12 27.30
N LYS C 284 9.61 -42.31 27.37
CA LYS C 284 8.84 -42.76 28.52
C LYS C 284 8.93 -44.26 28.65
N LYS C 285 9.18 -44.75 29.86
CA LYS C 285 9.26 -46.19 30.09
C LYS C 285 7.89 -46.82 29.94
N VAL C 286 7.69 -47.56 28.85
CA VAL C 286 6.39 -48.15 28.55
C VAL C 286 6.31 -49.59 29.04
N ALA C 287 5.23 -49.92 29.76
CA ALA C 287 5.02 -51.26 30.27
C ALA C 287 4.75 -52.24 29.12
N ILE C 288 5.82 -52.84 28.59
CA ILE C 288 5.73 -53.72 27.45
C ILE C 288 4.97 -55.01 27.77
N ARG C 289 5.12 -55.49 28.99
CA ARG C 289 4.49 -56.74 29.43
C ARG C 289 2.97 -56.65 29.35
N SER C 290 2.41 -55.53 29.78
CA SER C 290 0.98 -55.31 29.73
C SER C 290 0.49 -55.25 28.29
N ILE C 291 1.31 -54.65 27.44
CA ILE C 291 1.01 -54.54 26.01
C ILE C 291 0.92 -55.93 25.38
N PHE C 292 1.95 -56.74 25.59
CA PHE C 292 1.97 -58.10 25.07
C PHE C 292 0.80 -58.93 25.61
N GLU C 293 0.61 -58.87 26.92
CA GLU C 293 -0.43 -59.66 27.58
C GLU C 293 -1.79 -59.30 27.00
N GLU C 294 -2.01 -58.01 26.76
CA GLU C 294 -3.25 -57.55 26.14
C GLU C 294 -3.35 -58.08 24.71
N LEU C 295 -2.23 -58.11 24.02
CA LEU C 295 -2.20 -58.57 22.63
C LEU C 295 -2.58 -60.04 22.50
N ILE C 296 -1.95 -60.91 23.28
CA ILE C 296 -2.29 -62.33 23.25
C ILE C 296 -3.66 -62.57 23.86
N TRP C 297 -4.09 -61.65 24.72
CA TRP C 297 -5.45 -61.68 25.25
C TRP C 297 -6.44 -61.47 24.10
N PHE C 298 -6.06 -60.61 23.16
CA PHE C 298 -6.85 -60.40 21.95
C PHE C 298 -6.81 -61.63 21.05
N ILE C 299 -5.59 -62.12 20.80
CA ILE C 299 -5.39 -63.24 19.88
C ILE C 299 -6.21 -64.48 20.26
N LYS C 300 -6.27 -64.76 21.56
CA LYS C 300 -7.05 -65.89 22.05
C LYS C 300 -8.56 -65.64 21.90
N GLY C 301 -8.93 -64.39 21.69
CA GLY C 301 -10.33 -64.02 21.55
C GLY C 301 -11.02 -63.90 22.89
N ASP C 302 -10.22 -63.72 23.94
CA ASP C 302 -10.74 -63.63 25.30
C ASP C 302 -11.33 -62.25 25.58
N THR C 303 -12.48 -62.24 26.24
CA THR C 303 -13.16 -60.99 26.57
C THR C 303 -13.25 -60.80 28.09
N ASN C 304 -12.76 -61.79 28.82
CA ASN C 304 -12.75 -61.73 30.27
C ASN C 304 -11.65 -60.78 30.77
N GLY C 305 -12.07 -59.68 31.37
CA GLY C 305 -11.13 -58.69 31.87
C GLY C 305 -10.33 -59.18 33.07
N ASN C 306 -10.93 -60.08 33.85
CA ASN C 306 -10.29 -60.61 35.04
C ASN C 306 -8.99 -61.33 34.71
N HIS C 307 -8.97 -61.99 33.56
CA HIS C 307 -7.78 -62.70 33.09
C HIS C 307 -6.59 -61.75 32.96
N LEU C 308 -6.87 -60.49 32.67
CA LEU C 308 -5.83 -59.48 32.58
C LEU C 308 -5.46 -58.98 33.98
N ILE C 309 -6.46 -58.89 34.85
CA ILE C 309 -6.26 -58.41 36.21
C ILE C 309 -5.49 -59.45 37.03
N GLU C 310 -5.77 -60.73 36.75
CA GLU C 310 -5.08 -61.83 37.42
C GLU C 310 -3.59 -61.81 37.09
N LYS C 311 -3.25 -61.30 35.92
CA LYS C 311 -1.86 -61.20 35.49
C LYS C 311 -1.31 -59.80 35.77
N LYS C 312 -1.95 -59.11 36.71
CA LYS C 312 -1.53 -57.77 37.14
C LYS C 312 -1.45 -56.76 36.00
N VAL C 313 -2.47 -56.79 35.13
CA VAL C 313 -2.60 -55.80 34.06
C VAL C 313 -3.94 -55.09 34.21
N TYR C 314 -3.89 -53.81 34.56
CA TYR C 314 -5.09 -53.06 34.92
C TYR C 314 -5.46 -52.00 33.88
N ILE C 315 -5.19 -52.29 32.62
CA ILE C 315 -5.48 -51.33 31.56
C ILE C 315 -6.96 -51.36 31.15
N TRP C 316 -7.63 -52.47 31.46
CA TRP C 316 -9.05 -52.60 31.17
C TRP C 316 -9.89 -52.63 32.44
N SER C 317 -9.42 -51.95 33.48
CA SER C 317 -10.13 -51.93 34.76
C SER C 317 -11.26 -50.91 34.74
N GLY C 318 -10.95 -49.68 34.35
CA GLY C 318 -11.92 -48.59 34.32
C GLY C 318 -13.08 -48.83 33.39
N ASN C 319 -12.80 -49.41 32.23
CA ASN C 319 -13.85 -49.71 31.25
C ASN C 319 -14.54 -51.03 31.54
N GLY C 320 -14.26 -51.60 32.71
CA GLY C 320 -14.84 -52.87 33.09
C GLY C 320 -15.65 -52.81 34.37
N SER C 321 -15.36 -51.83 35.22
CA SER C 321 -16.01 -51.69 36.53
C SER C 321 -17.54 -51.76 36.47
N LYS C 322 -18.14 -52.21 37.56
CA LYS C 322 -19.59 -52.37 37.65
C LYS C 322 -20.31 -51.03 37.48
N GLU C 323 -19.72 -49.98 38.02
CA GLU C 323 -20.29 -48.64 37.94
C GLU C 323 -20.32 -48.14 36.50
N TYR C 324 -19.20 -48.31 35.80
CA TYR C 324 -19.10 -47.89 34.41
C TYR C 324 -20.04 -48.68 33.51
N LEU C 325 -20.14 -49.98 33.78
CA LEU C 325 -21.02 -50.84 32.99
C LEU C 325 -22.48 -50.48 33.20
N GLU C 326 -22.86 -50.27 34.46
CA GLU C 326 -24.23 -49.88 34.77
C GLU C 326 -24.53 -48.50 34.19
N ARG C 327 -23.49 -47.67 34.10
CA ARG C 327 -23.64 -46.33 33.56
C ARG C 327 -23.90 -46.34 32.05
N ILE C 328 -23.24 -47.25 31.34
CA ILE C 328 -23.38 -47.34 29.89
C ILE C 328 -24.51 -48.29 29.48
N GLY C 329 -25.35 -48.65 30.44
CA GLY C 329 -26.51 -49.48 30.17
C GLY C 329 -26.22 -50.96 30.12
N LEU C 330 -25.19 -51.37 30.84
CA LEU C 330 -24.81 -52.79 30.90
C LEU C 330 -24.73 -53.27 32.34
N GLY C 331 -25.77 -52.97 33.12
CA GLY C 331 -25.81 -53.38 34.52
C GLY C 331 -26.02 -54.86 34.68
N HIS C 332 -26.55 -55.49 33.63
CA HIS C 332 -26.80 -56.92 33.61
C HIS C 332 -25.48 -57.67 33.47
N ARG C 333 -24.46 -56.96 33.05
CA ARG C 333 -23.16 -57.55 32.77
C ARG C 333 -22.39 -57.87 34.05
N GLU C 334 -21.49 -58.84 33.98
CA GLU C 334 -20.71 -59.27 35.13
C GLU C 334 -19.66 -58.20 35.49
N GLU C 335 -18.99 -58.40 36.62
CA GLU C 335 -18.03 -57.43 37.16
C GLU C 335 -16.98 -56.95 36.16
N ASN C 336 -16.52 -57.85 35.28
CA ASN C 336 -15.48 -57.49 34.32
C ASN C 336 -15.70 -58.05 32.92
N ASP C 337 -16.96 -58.34 32.59
CA ASP C 337 -17.30 -58.84 31.26
C ASP C 337 -17.35 -57.69 30.26
N LEU C 338 -16.35 -57.60 29.41
CA LEU C 338 -16.23 -56.48 28.48
C LEU C 338 -17.08 -56.64 27.22
N GLY C 339 -17.59 -57.84 26.98
CA GLY C 339 -18.43 -58.08 25.83
C GLY C 339 -17.67 -58.34 24.54
N PRO C 340 -18.37 -58.37 23.41
CA PRO C 340 -17.79 -58.65 22.09
C PRO C 340 -16.84 -57.58 21.60
N ILE C 341 -15.74 -57.35 22.35
CA ILE C 341 -14.76 -56.35 21.96
C ILE C 341 -13.68 -56.95 21.06
N TYR C 342 -12.47 -56.41 21.16
CA TYR C 342 -11.34 -56.92 20.38
C TYR C 342 -11.11 -58.40 20.68
N GLY C 343 -10.72 -59.15 19.65
CA GLY C 343 -10.46 -60.56 19.81
C GLY C 343 -11.69 -61.40 19.53
N PHE C 344 -12.81 -61.02 20.12
CA PHE C 344 -14.07 -61.69 19.87
C PHE C 344 -14.51 -61.41 18.44
N GLN C 345 -14.15 -60.25 17.92
CA GLN C 345 -14.45 -59.90 16.54
C GLN C 345 -13.38 -60.43 15.60
N TRP C 346 -12.21 -60.73 16.16
CA TRP C 346 -11.10 -61.29 15.40
C TRP C 346 -11.31 -62.78 15.16
N ARG C 347 -11.85 -63.47 16.16
CA ARG C 347 -11.97 -64.92 16.13
C ARG C 347 -13.41 -65.38 15.91
N HIS C 348 -14.37 -64.54 16.29
CA HIS C 348 -15.78 -64.91 16.19
C HIS C 348 -16.61 -63.72 15.71
N TYR C 349 -16.31 -63.24 14.50
CA TYR C 349 -17.03 -62.09 13.97
C TYR C 349 -18.51 -62.41 13.73
N ASN C 350 -19.37 -61.47 14.07
CA ASN C 350 -20.83 -61.64 13.97
C ASN C 350 -21.36 -62.79 14.83
N GLY C 351 -20.58 -63.21 15.82
CA GLY C 351 -21.02 -64.26 16.72
C GLY C 351 -21.88 -63.70 17.84
N GLU C 352 -23.03 -64.32 18.08
CA GLU C 352 -23.94 -63.86 19.12
C GLU C 352 -23.31 -63.99 20.50
N TYR C 353 -23.00 -62.84 21.10
CA TYR C 353 -22.33 -62.82 22.41
C TYR C 353 -23.31 -62.99 23.56
N LYS C 354 -22.99 -63.90 24.47
CA LYS C 354 -23.77 -64.09 25.68
C LYS C 354 -23.00 -63.52 26.87
N THR C 355 -22.16 -64.36 27.48
CA THR C 355 -21.29 -63.93 28.56
C THR C 355 -19.85 -64.28 28.25
N MET C 356 -18.94 -63.89 29.14
CA MET C 356 -17.52 -64.14 28.95
C MET C 356 -17.15 -65.59 29.32
N HIS C 357 -18.11 -66.31 29.87
CA HIS C 357 -17.88 -67.67 30.32
C HIS C 357 -18.28 -68.70 29.26
N ASP C 358 -19.15 -68.30 28.35
CA ASP C 358 -19.63 -69.20 27.29
C ASP C 358 -18.50 -69.58 26.34
N ASP C 359 -18.64 -70.74 25.72
CA ASP C 359 -17.63 -71.26 24.80
C ASP C 359 -18.00 -70.95 23.35
N TYR C 360 -17.38 -69.91 22.80
CA TYR C 360 -17.69 -69.45 21.45
C TYR C 360 -16.81 -70.12 20.39
N THR C 361 -16.42 -71.36 20.65
CA THR C 361 -15.57 -72.08 19.70
C THR C 361 -16.33 -72.47 18.43
N GLY C 362 -15.70 -72.25 17.28
CA GLY C 362 -16.29 -72.61 16.00
C GLY C 362 -17.34 -71.65 15.48
N VAL C 363 -17.84 -70.79 16.37
CA VAL C 363 -18.88 -69.83 15.98
C VAL C 363 -18.26 -68.53 15.47
N GLY C 364 -19.00 -67.82 14.63
CA GLY C 364 -18.54 -66.57 14.07
C GLY C 364 -17.48 -66.78 13.01
N VAL C 365 -16.94 -65.68 12.49
CA VAL C 365 -15.91 -65.76 11.47
C VAL C 365 -14.52 -65.50 12.06
N ASP C 366 -13.64 -66.50 11.93
CA ASP C 366 -12.28 -66.37 12.45
C ASP C 366 -11.44 -65.56 11.46
N GLN C 367 -11.42 -64.25 11.65
CA GLN C 367 -10.69 -63.35 10.76
C GLN C 367 -9.18 -63.57 10.83
N LEU C 368 -8.67 -63.81 12.03
CA LEU C 368 -7.23 -63.96 12.23
C LEU C 368 -6.67 -65.18 11.49
N ALA C 369 -7.37 -66.31 11.64
CA ALA C 369 -6.96 -67.56 11.01
C ALA C 369 -6.94 -67.42 9.48
N LYS C 370 -8.03 -66.90 8.94
CA LYS C 370 -8.13 -66.67 7.50
C LYS C 370 -7.09 -65.66 7.03
N LEU C 371 -6.75 -64.73 7.90
CA LEU C 371 -5.74 -63.73 7.59
C LEU C 371 -4.38 -64.39 7.43
N ILE C 372 -4.02 -65.24 8.39
CA ILE C 372 -2.75 -65.97 8.32
C ILE C 372 -2.71 -66.87 7.09
N GLU C 373 -3.76 -67.68 6.93
CA GLU C 373 -3.85 -68.63 5.82
C GLU C 373 -3.73 -67.92 4.47
N THR C 374 -4.38 -66.78 4.34
CA THR C 374 -4.33 -66.00 3.10
C THR C 374 -2.95 -65.37 2.92
N LEU C 375 -2.35 -64.96 4.03
CA LEU C 375 -1.02 -64.37 4.00
C LEU C 375 0.04 -65.34 3.50
N LYS C 376 -0.07 -66.60 3.90
CA LYS C 376 0.94 -67.58 3.50
C LYS C 376 0.59 -68.32 2.20
N ASN C 377 -0.69 -68.38 1.86
CA ASN C 377 -1.10 -69.04 0.61
C ASN C 377 -1.25 -68.07 -0.55
N ASN C 378 -1.41 -66.79 -0.25
CA ASN C 378 -1.51 -65.76 -1.28
C ASN C 378 -1.03 -64.41 -0.75
N PRO C 379 0.29 -64.22 -0.70
CA PRO C 379 0.89 -63.03 -0.10
C PRO C 379 0.60 -61.74 -0.87
N LYS C 380 0.60 -61.82 -2.19
CA LYS C 380 0.40 -60.63 -3.02
C LYS C 380 -1.07 -60.23 -3.16
N ASP C 381 -1.92 -60.81 -2.32
CA ASP C 381 -3.33 -60.45 -2.29
C ASP C 381 -3.48 -59.05 -1.70
N ARG C 382 -4.58 -58.39 -2.04
CA ARG C 382 -4.82 -57.03 -1.55
C ARG C 382 -6.03 -56.98 -0.61
N ARG C 383 -6.39 -58.12 -0.05
CA ARG C 383 -7.54 -58.21 0.84
C ARG C 383 -7.17 -58.66 2.26
N HIS C 384 -5.89 -58.58 2.59
CA HIS C 384 -5.42 -58.96 3.92
C HIS C 384 -5.91 -57.96 4.97
N ILE C 385 -7.14 -58.13 5.43
CA ILE C 385 -7.76 -57.16 6.32
C ILE C 385 -8.36 -57.77 7.59
N LEU C 386 -8.01 -57.19 8.73
CA LEU C 386 -8.57 -57.58 10.02
C LEU C 386 -9.36 -56.41 10.61
N THR C 387 -10.67 -56.58 10.75
CA THR C 387 -11.53 -55.52 11.26
C THR C 387 -12.13 -55.87 12.60
N ALA C 388 -12.57 -54.85 13.34
CA ALA C 388 -13.18 -55.03 14.64
C ALA C 388 -14.47 -54.22 14.79
N TRP C 389 -14.76 -53.41 13.78
CA TRP C 389 -15.95 -52.56 13.82
C TRP C 389 -17.18 -53.30 13.33
N ASN C 390 -18.01 -53.73 14.28
CA ASN C 390 -19.24 -54.42 13.96
C ASN C 390 -20.46 -53.67 14.50
N PRO C 391 -21.15 -52.93 13.62
CA PRO C 391 -22.31 -52.10 13.95
C PRO C 391 -23.40 -52.87 14.70
N SER C 392 -23.53 -54.15 14.43
CA SER C 392 -24.55 -54.97 15.07
C SER C 392 -24.19 -55.30 16.51
N ALA C 393 -22.90 -55.22 16.84
CA ALA C 393 -22.43 -55.61 18.15
C ALA C 393 -21.92 -54.43 19.00
N LEU C 394 -21.90 -53.25 18.40
CA LEU C 394 -21.40 -52.05 19.08
C LEU C 394 -22.11 -51.76 20.41
N SER C 395 -23.41 -52.01 20.45
CA SER C 395 -24.21 -51.73 21.64
C SER C 395 -23.86 -52.65 22.80
N GLN C 396 -23.37 -53.84 22.48
CA GLN C 396 -23.03 -54.82 23.51
C GLN C 396 -21.61 -54.60 24.05
N MET C 397 -20.77 -53.97 23.25
CA MET C 397 -19.38 -53.74 23.62
C MET C 397 -19.25 -52.74 24.76
N ALA C 398 -18.28 -52.99 25.65
CA ALA C 398 -18.02 -52.08 26.76
C ALA C 398 -17.37 -50.80 26.25
N LEU C 399 -16.66 -50.92 25.13
CA LEU C 399 -16.01 -49.78 24.50
C LEU C 399 -15.74 -50.07 23.03
N PRO C 400 -16.35 -49.28 22.13
CA PRO C 400 -16.18 -49.41 20.68
C PRO C 400 -14.72 -49.40 20.27
N PRO C 401 -14.38 -50.09 19.17
CA PRO C 401 -12.99 -50.27 18.72
C PRO C 401 -12.29 -48.94 18.42
N CYS C 402 -11.17 -48.71 19.08
CA CYS C 402 -10.36 -47.53 18.81
C CYS C 402 -9.42 -47.83 17.64
N HIS C 403 -8.57 -48.84 17.80
CA HIS C 403 -7.81 -49.36 16.67
C HIS C 403 -8.76 -50.21 15.83
N VAL C 404 -9.46 -49.55 14.92
CA VAL C 404 -10.60 -50.14 14.22
C VAL C 404 -10.23 -51.23 13.22
N LEU C 405 -9.51 -50.85 12.17
CA LEU C 405 -9.25 -51.78 11.06
C LEU C 405 -7.79 -51.78 10.67
N SER C 406 -7.26 -52.96 10.38
CA SER C 406 -5.87 -53.10 9.97
C SER C 406 -5.74 -53.86 8.64
N GLN C 407 -4.72 -53.51 7.86
CA GLN C 407 -4.45 -54.18 6.60
C GLN C 407 -2.98 -54.57 6.53
N TYR C 408 -2.69 -55.74 5.98
CA TYR C 408 -1.33 -56.25 5.93
C TYR C 408 -0.82 -56.43 4.50
N TYR C 409 0.49 -56.29 4.33
CA TYR C 409 1.10 -56.25 3.01
C TYR C 409 2.40 -57.02 2.97
N VAL C 410 2.48 -58.02 2.10
CA VAL C 410 3.70 -58.80 1.96
C VAL C 410 4.55 -58.28 0.81
N THR C 411 5.69 -57.69 1.14
CA THR C 411 6.57 -57.09 0.13
C THR C 411 7.29 -58.15 -0.70
N ASN C 412 8.00 -57.71 -1.73
CA ASN C 412 8.71 -58.61 -2.62
C ASN C 412 9.90 -59.30 -1.96
N ASP C 413 10.47 -58.64 -0.95
CA ASP C 413 11.60 -59.21 -0.22
C ASP C 413 11.14 -59.93 1.04
N ASN C 414 9.93 -60.48 0.99
CA ASN C 414 9.37 -61.28 2.08
C ASN C 414 9.30 -60.56 3.43
N CYS C 415 8.90 -59.29 3.41
CA CYS C 415 8.67 -58.54 4.63
C CYS C 415 7.19 -58.26 4.83
N LEU C 416 6.77 -58.16 6.08
CA LEU C 416 5.36 -57.93 6.40
C LEU C 416 5.13 -56.53 6.96
N SER C 417 4.41 -55.72 6.20
CA SER C 417 4.08 -54.36 6.61
C SER C 417 2.63 -54.29 7.10
N CYS C 418 2.38 -53.38 8.03
CA CYS C 418 1.07 -53.26 8.65
C CYS C 418 0.55 -51.82 8.67
N ASN C 419 -0.69 -51.64 8.22
CA ASN C 419 -1.37 -50.36 8.32
C ASN C 419 -2.53 -50.47 9.30
N LEU C 420 -2.64 -49.51 10.21
CA LEU C 420 -3.72 -49.52 11.19
C LEU C 420 -4.45 -48.20 11.25
N TYR C 421 -5.77 -48.24 11.11
CA TYR C 421 -6.57 -47.03 11.26
C TYR C 421 -7.17 -46.95 12.66
N GLN C 422 -7.02 -45.79 13.30
CA GLN C 422 -7.48 -45.59 14.66
C GLN C 422 -8.42 -44.39 14.75
N ARG C 423 -9.67 -44.65 15.09
CA ARG C 423 -10.69 -43.60 15.14
C ARG C 423 -10.43 -42.57 16.24
N SER C 424 -9.96 -43.05 17.39
CA SER C 424 -9.69 -42.18 18.53
C SER C 424 -8.36 -42.55 19.16
N CYS C 425 -7.54 -41.56 19.48
CA CYS C 425 -6.20 -41.81 19.98
C CYS C 425 -5.84 -40.98 21.21
N ASP C 426 -5.62 -41.67 22.32
CA ASP C 426 -5.10 -41.03 23.51
C ASP C 426 -3.58 -41.00 23.42
N LEU C 427 -3.03 -39.85 23.03
CA LEU C 427 -1.59 -39.71 22.83
C LEU C 427 -0.78 -39.91 24.10
N GLY C 428 -1.47 -39.91 25.25
CA GLY C 428 -0.81 -40.13 26.53
C GLY C 428 -0.74 -41.59 26.92
N LEU C 429 -1.85 -42.30 26.72
CA LEU C 429 -1.95 -43.69 27.16
C LEU C 429 -2.13 -44.66 26.00
N GLY C 430 -3.19 -44.45 25.21
CA GLY C 430 -3.56 -45.37 24.15
C GLY C 430 -2.54 -45.52 23.04
N SER C 431 -1.97 -44.41 22.59
CA SER C 431 -1.07 -44.40 21.43
C SER C 431 0.14 -45.35 21.52
N PRO C 432 0.99 -45.21 22.57
CA PRO C 432 2.17 -46.07 22.61
C PRO C 432 1.80 -47.55 22.69
N PHE C 433 0.77 -47.85 23.48
CA PHE C 433 0.26 -49.21 23.61
C PHE C 433 -0.20 -49.75 22.26
N ASN C 434 -0.88 -48.92 21.47
CA ASN C 434 -1.33 -49.33 20.15
C ASN C 434 -0.17 -49.61 19.20
N ILE C 435 0.79 -48.68 19.18
CA ILE C 435 1.99 -48.83 18.34
C ILE C 435 2.69 -50.14 18.65
N ALA C 436 3.02 -50.35 19.93
CA ALA C 436 3.71 -51.54 20.35
C ALA C 436 2.90 -52.82 20.10
N SER C 437 1.60 -52.75 20.36
CA SER C 437 0.72 -53.90 20.17
C SER C 437 0.69 -54.37 18.72
N TYR C 438 0.48 -53.43 17.81
CA TYR C 438 0.43 -53.81 16.39
C TYR C 438 1.81 -54.11 15.81
N ALA C 439 2.85 -53.58 16.44
CA ALA C 439 4.22 -53.95 16.07
C ALA C 439 4.47 -55.41 16.40
N ILE C 440 4.21 -55.77 17.65
CA ILE C 440 4.38 -57.15 18.11
C ILE C 440 3.49 -58.10 17.32
N LEU C 441 2.26 -57.67 17.05
CA LEU C 441 1.33 -58.47 16.26
C LEU C 441 1.86 -58.69 14.85
N THR C 442 2.44 -57.64 14.27
CA THR C 442 3.04 -57.74 12.94
C THR C 442 4.20 -58.73 12.95
N MET C 443 5.00 -58.69 14.00
CA MET C 443 6.13 -59.62 14.13
C MET C 443 5.65 -61.07 14.28
N MET C 444 4.59 -61.26 15.07
CA MET C 444 4.01 -62.59 15.26
C MET C 444 3.49 -63.14 13.94
N LEU C 445 2.67 -62.35 13.26
CA LEU C 445 2.14 -62.74 11.96
C LEU C 445 3.26 -62.99 10.95
N ALA C 446 4.37 -62.28 11.13
CA ALA C 446 5.54 -62.46 10.26
C ALA C 446 6.19 -63.82 10.51
N GLN C 447 6.37 -64.17 11.77
CA GLN C 447 7.02 -65.44 12.11
C GLN C 447 6.14 -66.64 11.76
N VAL C 448 4.85 -66.51 12.02
CA VAL C 448 3.89 -67.58 11.74
C VAL C 448 3.76 -67.83 10.24
N CYS C 449 3.78 -66.76 9.46
CA CYS C 449 3.66 -66.88 8.01
C CYS C 449 5.03 -67.01 7.35
N GLY C 450 6.08 -66.97 8.16
CA GLY C 450 7.44 -67.16 7.67
C GLY C 450 8.03 -65.94 6.99
N TYR C 451 7.71 -64.76 7.52
CA TYR C 451 8.27 -63.52 6.98
C TYR C 451 9.07 -62.76 8.03
N GLU C 452 9.53 -61.57 7.65
CA GLU C 452 10.25 -60.69 8.57
C GLU C 452 9.47 -59.39 8.71
N PRO C 453 9.59 -58.72 9.88
CA PRO C 453 8.89 -57.45 10.09
C PRO C 453 9.34 -56.38 9.11
N GLY C 454 8.42 -55.52 8.69
CA GLY C 454 8.70 -54.47 7.73
C GLY C 454 8.44 -53.08 8.27
N GLU C 455 7.35 -52.47 7.82
CA GLU C 455 7.01 -51.11 8.23
C GLU C 455 5.64 -51.06 8.91
N LEU C 456 5.47 -50.06 9.78
CA LEU C 456 4.20 -49.88 10.49
C LEU C 456 3.66 -48.47 10.29
N ALA C 457 2.54 -48.36 9.58
CA ALA C 457 1.91 -47.07 9.35
C ALA C 457 0.60 -46.97 10.12
N ILE C 458 0.51 -45.99 11.00
CA ILE C 458 -0.69 -45.77 11.80
C ILE C 458 -1.40 -44.48 11.39
N PHE C 459 -2.60 -44.63 10.84
CA PHE C 459 -3.42 -43.50 10.42
C PHE C 459 -4.44 -43.18 11.50
N ILE C 460 -4.35 -41.98 12.04
CA ILE C 460 -5.18 -41.58 13.19
C ILE C 460 -6.27 -40.60 12.81
N GLY C 461 -7.49 -40.89 13.24
CA GLY C 461 -8.61 -39.98 13.06
C GLY C 461 -8.58 -38.85 14.07
N ASP C 462 -9.24 -39.07 15.20
CA ASP C 462 -9.30 -38.06 16.25
C ASP C 462 -8.08 -38.15 17.17
N ALA C 463 -7.02 -37.44 16.80
CA ALA C 463 -5.80 -37.42 17.62
C ALA C 463 -5.95 -36.36 18.70
N HIS C 464 -6.05 -36.80 19.95
CA HIS C 464 -6.37 -35.88 21.04
C HIS C 464 -5.50 -36.06 22.27
N ILE C 465 -5.37 -34.99 23.05
CA ILE C 465 -4.67 -35.04 24.33
C ILE C 465 -5.58 -34.57 25.46
N TYR C 466 -5.76 -35.42 26.46
CA TYR C 466 -6.57 -35.07 27.62
C TYR C 466 -5.89 -33.96 28.43
N GLU C 467 -6.69 -33.06 28.99
CA GLU C 467 -6.16 -31.88 29.67
C GLU C 467 -5.44 -32.21 30.97
N ASN C 468 -5.61 -33.42 31.46
CA ASN C 468 -4.92 -33.85 32.68
C ASN C 468 -3.60 -34.56 32.38
N HIS C 469 -3.23 -34.59 31.10
CA HIS C 469 -1.96 -35.19 30.68
C HIS C 469 -1.05 -34.12 30.10
N LEU C 470 -1.48 -32.86 30.18
CA LEU C 470 -0.76 -31.75 29.57
C LEU C 470 0.67 -31.59 30.11
N THR C 471 0.78 -31.34 31.41
CA THR C 471 2.08 -31.15 32.04
C THR C 471 2.97 -32.39 31.88
N GLN C 472 2.34 -33.56 31.90
CA GLN C 472 3.05 -34.83 31.77
C GLN C 472 3.68 -34.97 30.38
N LEU C 473 2.89 -34.73 29.35
CA LEU C 473 3.37 -34.86 27.98
C LEU C 473 4.36 -33.74 27.63
N LYS C 474 4.16 -32.57 28.23
CA LYS C 474 5.10 -31.47 28.08
C LYS C 474 6.42 -31.81 28.76
N GLU C 475 6.34 -32.63 29.81
CA GLU C 475 7.52 -33.15 30.47
C GLU C 475 8.21 -34.16 29.57
N GLN C 476 7.42 -34.99 28.89
CA GLN C 476 7.96 -35.99 27.98
C GLN C 476 8.65 -35.33 26.78
N LEU C 477 8.12 -34.19 26.35
CA LEU C 477 8.67 -33.46 25.20
C LEU C 477 10.04 -32.84 25.48
N SER C 478 10.39 -32.76 26.76
CA SER C 478 11.66 -32.17 27.16
C SER C 478 12.78 -33.21 27.17
N ARG C 479 12.49 -34.37 26.61
CA ARG C 479 13.45 -35.48 26.61
C ARG C 479 13.89 -35.86 25.20
N THR C 480 15.20 -35.77 24.95
CA THR C 480 15.76 -36.14 23.66
C THR C 480 15.72 -37.66 23.47
N PRO C 481 15.06 -38.12 22.39
CA PRO C 481 14.84 -39.55 22.11
C PRO C 481 16.12 -40.38 22.07
N ARG C 482 15.98 -41.66 22.40
CA ARG C 482 17.08 -42.61 22.35
C ARG C 482 16.73 -43.70 21.35
N PRO C 483 17.74 -44.42 20.83
CA PRO C 483 17.49 -45.47 19.82
C PRO C 483 16.50 -46.55 20.29
N PHE C 484 15.62 -46.94 19.39
CA PHE C 484 14.63 -47.98 19.66
C PHE C 484 15.29 -49.29 20.03
N PRO C 485 14.66 -50.06 20.93
CA PRO C 485 15.20 -51.36 21.33
C PRO C 485 14.95 -52.42 20.25
N GLN C 486 15.34 -53.65 20.53
CA GLN C 486 15.11 -54.76 19.62
C GLN C 486 14.19 -55.79 20.27
N LEU C 487 13.36 -56.44 19.46
CA LEU C 487 12.47 -57.47 19.96
C LEU C 487 12.71 -58.78 19.24
N LYS C 488 13.11 -59.81 20.00
CA LYS C 488 13.38 -61.11 19.42
C LYS C 488 12.58 -62.21 20.11
N PHE C 489 12.09 -63.16 19.33
CA PHE C 489 11.38 -64.32 19.86
C PHE C 489 12.36 -65.44 20.16
N LYS C 490 12.21 -66.08 21.32
CA LYS C 490 13.14 -67.11 21.75
C LYS C 490 12.88 -68.46 21.07
N ARG C 491 11.65 -68.65 20.57
CA ARG C 491 11.29 -69.89 19.90
C ARG C 491 10.24 -69.67 18.82
N LYS C 492 10.22 -70.55 17.83
CA LYS C 492 9.23 -70.48 16.76
C LYS C 492 8.05 -71.39 17.07
N VAL C 493 6.86 -70.80 17.12
CA VAL C 493 5.65 -71.56 17.45
C VAL C 493 4.91 -72.02 16.20
N GLU C 494 4.08 -73.04 16.37
CA GLU C 494 3.28 -73.55 15.26
C GLU C 494 1.92 -72.83 15.23
N ASN C 495 1.42 -72.48 16.40
CA ASN C 495 0.20 -71.71 16.50
C ASN C 495 0.47 -70.36 17.15
N ILE C 496 -0.14 -69.32 16.61
CA ILE C 496 0.11 -67.96 17.08
C ILE C 496 -0.43 -67.73 18.50
N GLU C 497 -1.34 -68.60 18.93
CA GLU C 497 -1.95 -68.47 20.24
C GLU C 497 -1.07 -69.10 21.33
N ASP C 498 0.07 -69.66 20.93
CA ASP C 498 0.95 -70.34 21.88
C ASP C 498 2.06 -69.43 22.41
N PHE C 499 2.04 -68.16 22.01
CA PHE C 499 3.05 -67.21 22.47
C PHE C 499 2.95 -66.94 23.97
N LYS C 500 4.10 -66.88 24.62
CA LYS C 500 4.17 -66.62 26.06
C LYS C 500 5.09 -65.43 26.33
N TRP C 501 4.95 -64.83 27.50
CA TRP C 501 5.76 -63.67 27.88
C TRP C 501 7.23 -64.03 28.04
N GLU C 502 7.49 -65.27 28.41
CA GLU C 502 8.86 -65.76 28.59
C GLU C 502 9.56 -65.92 27.24
N ASP C 503 8.77 -65.99 26.18
CA ASP C 503 9.30 -66.18 24.83
C ASP C 503 9.77 -64.85 24.21
N ILE C 504 9.55 -63.76 24.94
CA ILE C 504 9.90 -62.43 24.45
C ILE C 504 11.22 -61.91 25.01
N GLU C 505 12.10 -61.47 24.12
CA GLU C 505 13.38 -60.91 24.51
C GLU C 505 13.53 -59.47 24.01
N LEU C 506 13.53 -58.54 24.96
CA LEU C 506 13.68 -57.11 24.64
C LEU C 506 15.10 -56.64 24.93
N ILE C 507 15.84 -56.30 23.88
CA ILE C 507 17.26 -56.00 24.00
C ILE C 507 17.57 -54.53 23.73
N GLY C 508 18.22 -53.88 24.70
CA GLY C 508 18.70 -52.52 24.53
C GLY C 508 17.66 -51.44 24.77
N TYR C 509 16.77 -51.68 25.74
CA TYR C 509 15.74 -50.71 26.08
C TYR C 509 16.16 -49.89 27.29
N TYR C 510 16.62 -48.66 27.05
CA TYR C 510 17.04 -47.77 28.12
C TYR C 510 16.24 -46.46 28.07
N PRO C 511 14.98 -46.50 28.53
CA PRO C 511 14.08 -45.35 28.41
C PRO C 511 14.23 -44.37 29.57
N TYR C 512 13.65 -43.19 29.41
CA TYR C 512 13.54 -42.21 30.48
C TYR C 512 12.56 -42.74 31.53
N PRO C 513 12.64 -42.23 32.77
CA PRO C 513 11.76 -42.68 33.85
C PRO C 513 10.27 -42.60 33.49
N THR C 514 9.46 -43.43 34.13
CA THR C 514 8.04 -43.52 33.83
C THR C 514 7.30 -42.22 34.11
N ILE C 515 6.21 -42.02 33.39
CA ILE C 515 5.36 -40.85 33.57
C ILE C 515 3.95 -41.29 33.94
N LYS C 516 3.55 -41.01 35.17
CA LYS C 516 2.24 -41.42 35.66
C LYS C 516 1.13 -40.59 35.02
N MET C 517 0.19 -41.28 34.38
CA MET C 517 -0.95 -40.61 33.75
C MET C 517 -2.24 -41.38 33.98
N ASP C 518 -3.28 -40.65 34.37
CA ASP C 518 -4.57 -41.25 34.74
C ASP C 518 -5.48 -41.48 33.53
N MET C 519 -6.21 -42.58 33.56
CA MET C 519 -7.12 -42.94 32.48
C MET C 519 -8.51 -42.32 32.69
N ALA C 520 -9.04 -41.69 31.64
CA ALA C 520 -10.37 -41.12 31.70
C ALA C 520 -11.43 -42.19 31.47
N VAL C 521 -12.19 -42.52 32.51
CA VAL C 521 -13.20 -43.56 32.43
C VAL C 521 -14.41 -43.13 31.60
N GLU D 3 21.61 -2.43 -7.99
CA GLU D 3 20.66 -3.46 -8.38
C GLU D 3 19.47 -3.50 -7.44
N LYS D 4 18.27 -3.57 -8.01
CA LYS D 4 17.04 -3.60 -7.22
C LYS D 4 16.04 -4.58 -7.83
N ASN D 5 15.25 -5.23 -6.99
CA ASN D 5 14.32 -6.26 -7.44
C ASN D 5 13.08 -5.69 -8.11
N VAL D 6 12.75 -6.22 -9.29
CA VAL D 6 11.58 -5.79 -10.03
C VAL D 6 10.60 -6.94 -10.27
N SER D 7 9.46 -6.89 -9.57
CA SER D 7 8.47 -7.96 -9.66
C SER D 7 7.21 -7.51 -10.40
N ILE D 8 6.54 -8.46 -11.05
CA ILE D 8 5.28 -8.18 -11.74
C ILE D 8 4.09 -8.72 -10.96
N VAL D 9 3.08 -7.88 -10.77
CA VAL D 9 1.85 -8.29 -10.11
C VAL D 9 0.70 -8.23 -11.10
N VAL D 10 0.01 -9.36 -11.30
CA VAL D 10 -1.05 -9.43 -12.30
C VAL D 10 -2.07 -10.53 -12.01
N ALA D 11 -3.35 -10.20 -12.22
CA ALA D 11 -4.42 -11.19 -12.12
C ALA D 11 -4.99 -11.47 -13.49
N ALA D 12 -4.74 -12.69 -14.00
CA ALA D 12 -5.22 -13.07 -15.32
C ALA D 12 -6.12 -14.30 -15.24
N SER D 13 -6.92 -14.51 -16.29
CA SER D 13 -7.77 -15.69 -16.36
C SER D 13 -6.92 -16.94 -16.51
N VAL D 14 -7.49 -18.10 -16.17
CA VAL D 14 -6.75 -19.35 -16.13
C VAL D 14 -6.21 -19.78 -17.50
N LEU D 15 -7.03 -19.66 -18.54
CA LEU D 15 -6.67 -20.15 -19.87
C LEU D 15 -6.12 -19.06 -20.79
N SER D 16 -6.98 -18.16 -21.22
CA SER D 16 -6.61 -17.15 -22.21
C SER D 16 -5.84 -15.98 -21.59
N SER D 17 -5.67 -16.02 -20.27
CA SER D 17 -4.91 -15.02 -19.54
C SER D 17 -5.42 -13.59 -19.73
N GLY D 18 -6.73 -13.43 -19.77
CA GLY D 18 -7.35 -12.12 -19.87
C GLY D 18 -7.25 -11.38 -18.55
N ILE D 19 -7.03 -10.06 -18.62
CA ILE D 19 -6.85 -9.27 -17.41
C ILE D 19 -7.84 -8.11 -17.28
N GLY D 20 -8.47 -7.74 -18.38
CA GLY D 20 -9.39 -6.61 -18.36
C GLY D 20 -10.42 -6.61 -19.48
N ILE D 21 -11.47 -5.83 -19.28
CA ILE D 21 -12.53 -5.67 -20.29
C ILE D 21 -13.17 -4.29 -20.21
N ASN D 22 -13.18 -3.58 -21.33
CA ASN D 22 -13.78 -2.24 -21.43
C ASN D 22 -13.24 -1.25 -20.41
N GLY D 23 -11.94 -1.33 -20.14
CA GLY D 23 -11.29 -0.39 -19.25
C GLY D 23 -11.48 -0.72 -17.77
N GLN D 24 -11.86 -1.95 -17.48
CA GLN D 24 -12.04 -2.39 -16.09
C GLN D 24 -11.83 -3.89 -15.96
N LEU D 25 -11.83 -4.37 -14.71
CA LEU D 25 -11.63 -5.79 -14.44
C LEU D 25 -12.91 -6.59 -14.71
N PRO D 26 -12.76 -7.79 -15.28
CA PRO D 26 -13.88 -8.69 -15.55
C PRO D 26 -14.31 -9.49 -14.31
N TRP D 27 -13.81 -9.08 -13.14
CA TRP D 27 -14.18 -9.73 -11.88
C TRP D 27 -14.00 -8.78 -10.71
N SER D 28 -14.58 -9.15 -9.56
CA SER D 28 -14.46 -8.36 -8.35
C SER D 28 -14.08 -9.24 -7.16
N ILE D 29 -12.79 -9.33 -6.88
CA ILE D 29 -12.29 -10.16 -5.79
C ILE D 29 -11.52 -9.31 -4.78
N SER D 30 -12.14 -9.05 -3.64
CA SER D 30 -11.54 -8.20 -2.61
C SER D 30 -10.25 -8.81 -2.07
N GLU D 31 -10.22 -10.13 -1.96
CA GLU D 31 -9.03 -10.83 -1.48
C GLU D 31 -7.85 -10.64 -2.43
N ASP D 32 -8.16 -10.51 -3.73
CA ASP D 32 -7.13 -10.31 -4.74
C ASP D 32 -6.53 -8.91 -4.66
N LEU D 33 -7.40 -7.91 -4.55
CA LEU D 33 -6.96 -6.52 -4.41
C LEU D 33 -6.18 -6.35 -3.11
N LYS D 34 -6.63 -7.03 -2.06
CA LYS D 34 -5.93 -7.01 -0.79
C LYS D 34 -4.56 -7.66 -0.92
N PHE D 35 -4.49 -8.75 -1.68
CA PHE D 35 -3.22 -9.41 -1.96
C PHE D 35 -2.27 -8.46 -2.67
N PHE D 36 -2.80 -7.72 -3.63
CA PHE D 36 -2.03 -6.71 -4.34
C PHE D 36 -1.50 -5.67 -3.36
N SER D 37 -2.38 -5.20 -2.48
CA SER D 37 -2.04 -4.19 -1.50
C SER D 37 -0.90 -4.65 -0.58
N LYS D 38 -1.00 -5.87 -0.08
CA LYS D 38 -0.01 -6.40 0.85
C LYS D 38 1.32 -6.72 0.15
N ILE D 39 1.23 -7.20 -1.08
CA ILE D 39 2.44 -7.55 -1.83
C ILE D 39 3.16 -6.30 -2.35
N THR D 40 2.44 -5.19 -2.42
CA THR D 40 3.04 -3.94 -2.85
C THR D 40 3.46 -3.07 -1.66
N ASN D 41 2.90 -3.34 -0.49
CA ASN D 41 3.27 -2.62 0.73
C ASN D 41 4.39 -3.32 1.50
N ASN D 42 4.78 -4.49 1.01
CA ASN D 42 5.81 -5.28 1.67
C ASN D 42 7.20 -4.66 1.52
N LYS D 43 7.83 -4.34 2.65
CA LYS D 43 9.15 -3.72 2.64
C LYS D 43 9.90 -4.00 3.93
N CYS D 44 11.21 -3.77 3.92
CA CYS D 44 12.04 -3.98 5.10
C CYS D 44 12.35 -2.65 5.79
N ASP D 45 12.86 -1.70 5.02
CA ASP D 45 13.20 -0.38 5.55
C ASP D 45 11.95 0.49 5.66
N SER D 46 11.72 1.05 6.85
CA SER D 46 10.56 1.91 7.07
C SER D 46 10.74 3.27 6.41
N ASN D 47 11.99 3.66 6.20
CA ASN D 47 12.29 4.95 5.57
C ASN D 47 12.19 4.90 4.05
N LYS D 48 11.92 3.71 3.52
CA LYS D 48 11.81 3.52 2.08
C LYS D 48 10.38 3.20 1.65
N LYS D 49 10.10 3.33 0.36
CA LYS D 49 8.79 3.01 -0.18
C LYS D 49 8.93 2.11 -1.40
N ASN D 50 7.81 1.59 -1.88
CA ASN D 50 7.80 0.76 -3.08
C ASN D 50 7.21 1.51 -4.27
N ALA D 51 7.86 1.40 -5.43
CA ALA D 51 7.41 2.08 -6.64
C ALA D 51 6.48 1.18 -7.45
N LEU D 52 5.37 1.76 -7.90
CA LEU D 52 4.38 1.01 -8.68
C LEU D 52 4.26 1.55 -10.10
N ILE D 53 4.77 0.79 -11.06
CA ILE D 53 4.70 1.18 -12.47
C ILE D 53 3.41 0.68 -13.10
N MET D 54 2.70 1.59 -13.77
CA MET D 54 1.45 1.23 -14.44
C MET D 54 1.22 2.09 -15.67
N GLY D 55 0.40 1.59 -16.60
CA GLY D 55 0.07 2.32 -17.80
C GLY D 55 -0.86 3.49 -17.55
N ARG D 56 -1.05 4.32 -18.57
CA ARG D 56 -1.92 5.49 -18.46
C ARG D 56 -3.38 5.07 -18.29
N LYS D 57 -3.79 4.07 -19.06
CA LYS D 57 -5.16 3.58 -19.01
C LYS D 57 -5.43 2.90 -17.67
N THR D 58 -4.41 2.25 -17.12
CA THR D 58 -4.48 1.66 -15.80
C THR D 58 -4.60 2.76 -14.75
N TRP D 59 -3.86 3.84 -14.97
CA TRP D 59 -3.91 5.01 -14.10
C TRP D 59 -5.29 5.66 -14.12
N ASP D 60 -5.97 5.55 -15.27
CA ASP D 60 -7.32 6.05 -15.40
C ASP D 60 -8.31 5.09 -14.73
N SER D 61 -7.98 3.81 -14.79
CA SER D 61 -8.84 2.77 -14.24
C SER D 61 -9.02 2.88 -12.73
N ILE D 62 -7.96 3.30 -12.04
CA ILE D 62 -8.00 3.44 -10.59
C ILE D 62 -8.55 4.80 -10.17
N GLY D 63 -9.12 5.53 -11.11
CA GLY D 63 -9.73 6.81 -10.83
C GLY D 63 -8.73 7.94 -10.66
N ARG D 64 -7.49 7.69 -11.08
CA ARG D 64 -6.40 8.65 -10.96
C ARG D 64 -6.19 9.14 -9.53
N ARG D 65 -6.23 8.21 -8.58
CA ARG D 65 -6.00 8.53 -7.18
C ARG D 65 -4.87 7.67 -6.63
N PRO D 66 -3.92 8.31 -5.91
CA PRO D 66 -2.71 7.64 -5.43
C PRO D 66 -2.98 6.56 -4.39
N LEU D 67 -2.08 5.59 -4.29
CA LEU D 67 -2.17 4.54 -3.30
C LEU D 67 -1.29 4.88 -2.10
N LYS D 68 -1.82 4.69 -0.90
CA LYS D 68 -1.12 5.09 0.32
C LYS D 68 0.16 4.30 0.53
N ASN D 69 1.17 4.96 1.10
CA ASN D 69 2.46 4.35 1.43
C ASN D 69 3.22 3.80 0.21
N ARG D 70 2.85 4.27 -0.97
CA ARG D 70 3.49 3.83 -2.21
C ARG D 70 3.61 4.97 -3.21
N ILE D 71 4.58 4.84 -4.12
CA ILE D 71 4.79 5.86 -5.15
C ILE D 71 4.42 5.31 -6.53
N ILE D 72 3.33 5.83 -7.08
CA ILE D 72 2.83 5.38 -8.38
C ILE D 72 3.58 6.04 -9.53
N VAL D 73 4.16 5.21 -10.41
CA VAL D 73 4.84 5.71 -11.59
C VAL D 73 3.98 5.46 -12.82
N VAL D 74 3.46 6.52 -13.41
CA VAL D 74 2.57 6.40 -14.56
C VAL D 74 3.33 6.55 -15.88
N ILE D 75 3.14 5.57 -16.76
CA ILE D 75 3.75 5.62 -18.08
C ILE D 75 2.78 6.20 -19.10
N SER D 76 3.11 7.37 -19.64
CA SER D 76 2.26 8.04 -20.62
C SER D 76 3.06 9.01 -21.48
N SER D 77 2.64 9.16 -22.73
CA SER D 77 3.30 10.08 -23.65
C SER D 77 2.56 11.41 -23.74
N SER D 78 1.41 11.49 -23.09
CA SER D 78 0.59 12.70 -23.14
C SER D 78 0.49 13.39 -21.78
N LEU D 79 0.44 12.60 -20.72
CA LEU D 79 0.29 13.12 -19.36
C LEU D 79 1.51 13.97 -18.97
N PRO D 80 1.26 15.24 -18.60
CA PRO D 80 2.31 16.18 -18.20
C PRO D 80 3.00 15.74 -16.91
N GLN D 81 4.29 16.01 -16.80
CA GLN D 81 5.04 15.66 -15.60
C GLN D 81 4.55 16.47 -14.40
N ASP D 82 3.53 15.96 -13.74
CA ASP D 82 2.94 16.63 -12.58
C ASP D 82 3.89 16.62 -11.39
N GLU D 83 4.45 17.79 -11.07
CA GLU D 83 5.36 17.91 -9.93
C GLU D 83 4.57 18.26 -8.67
N ALA D 84 3.27 18.42 -8.83
CA ALA D 84 2.39 18.73 -7.70
C ALA D 84 2.29 17.56 -6.74
N ASP D 85 1.73 16.45 -7.22
CA ASP D 85 1.58 15.25 -6.40
C ASP D 85 2.93 14.56 -6.24
N PRO D 86 3.42 14.48 -4.99
CA PRO D 86 4.72 13.86 -4.71
C PRO D 86 4.64 12.34 -4.66
N ASN D 87 3.42 11.80 -4.77
CA ASN D 87 3.21 10.37 -4.72
C ASN D 87 3.03 9.76 -6.10
N VAL D 88 2.86 10.62 -7.10
CA VAL D 88 2.68 10.17 -8.48
C VAL D 88 3.66 10.89 -9.41
N VAL D 89 4.31 10.12 -10.28
CA VAL D 89 5.27 10.67 -11.23
C VAL D 89 5.06 10.06 -12.62
N VAL D 90 5.26 10.87 -13.66
CA VAL D 90 5.02 10.42 -15.03
C VAL D 90 6.30 10.40 -15.87
N PHE D 91 6.52 9.29 -16.57
CA PHE D 91 7.65 9.17 -17.48
C PHE D 91 7.18 8.92 -18.91
N ARG D 92 8.02 9.29 -19.89
CA ARG D 92 7.64 9.19 -21.29
C ARG D 92 7.79 7.77 -21.84
N ASN D 93 8.73 7.01 -21.30
CA ASN D 93 8.93 5.63 -21.71
C ASN D 93 9.26 4.73 -20.53
N LEU D 94 9.12 3.42 -20.73
CA LEU D 94 9.34 2.45 -19.66
C LEU D 94 10.80 2.38 -19.24
N GLU D 95 11.70 2.48 -20.21
CA GLU D 95 13.13 2.37 -19.95
C GLU D 95 13.62 3.51 -19.06
N ASP D 96 13.24 4.74 -19.40
CA ASP D 96 13.64 5.91 -18.64
C ASP D 96 13.00 5.92 -17.25
N SER D 97 11.82 5.29 -17.15
CA SER D 97 11.11 5.22 -15.88
C SER D 97 11.86 4.41 -14.83
N ILE D 98 12.62 3.42 -15.30
CA ILE D 98 13.42 2.59 -14.40
C ILE D 98 14.77 3.26 -14.12
N GLU D 99 14.71 4.43 -13.49
CA GLU D 99 15.90 5.13 -13.05
C GLU D 99 16.06 4.91 -11.55
N ASN D 100 15.07 4.23 -10.97
CA ASN D 100 15.07 3.90 -9.55
C ASN D 100 16.26 3.03 -9.15
N LEU D 101 16.83 2.33 -10.13
CA LEU D 101 18.00 1.50 -9.89
C LEU D 101 19.23 2.36 -9.60
N MET D 102 19.58 3.21 -10.56
CA MET D 102 20.80 4.02 -10.47
C MET D 102 20.71 5.12 -9.42
N ASN D 103 19.54 5.75 -9.31
CA ASN D 103 19.36 6.83 -8.35
C ASN D 103 18.10 6.66 -7.51
N ASP D 104 17.85 7.65 -6.63
CA ASP D 104 16.71 7.63 -5.73
C ASP D 104 16.69 6.37 -4.86
N ASP D 105 17.46 6.40 -3.78
CA ASP D 105 17.58 5.26 -2.88
C ASP D 105 16.42 5.16 -1.89
N SER D 106 15.40 6.00 -2.08
CA SER D 106 14.21 5.97 -1.22
C SER D 106 13.24 4.87 -1.65
N ILE D 107 13.55 4.20 -2.76
CA ILE D 107 12.75 3.08 -3.23
C ILE D 107 13.46 1.76 -2.93
N GLU D 108 12.73 0.83 -2.32
CA GLU D 108 13.29 -0.46 -1.94
C GLU D 108 12.95 -1.54 -2.96
N ASN D 109 11.72 -1.51 -3.47
CA ASN D 109 11.27 -2.49 -4.46
C ASN D 109 10.47 -1.84 -5.58
N ILE D 110 10.50 -2.47 -6.75
CA ILE D 110 9.77 -1.97 -7.91
C ILE D 110 8.76 -3.01 -8.41
N PHE D 111 7.52 -2.58 -8.61
CA PHE D 111 6.47 -3.47 -9.07
C PHE D 111 5.79 -2.97 -10.34
N VAL D 112 5.62 -3.87 -11.30
CA VAL D 112 4.82 -3.58 -12.47
C VAL D 112 3.38 -4.04 -12.18
N CYS D 113 2.47 -3.08 -12.09
CA CYS D 113 1.14 -3.32 -11.56
C CYS D 113 0.08 -3.59 -12.62
N GLY D 114 0.32 -3.14 -13.85
CA GLY D 114 -0.66 -3.35 -14.90
C GLY D 114 -0.40 -2.70 -16.23
N GLY D 115 -1.16 -3.14 -17.23
CA GLY D 115 -1.01 -2.65 -18.59
C GLY D 115 -0.42 -3.70 -19.51
N GLU D 116 -1.23 -4.20 -20.44
CA GLU D 116 -0.76 -5.17 -21.42
C GLU D 116 0.36 -4.57 -22.26
N SER D 117 0.18 -3.32 -22.67
CA SER D 117 1.19 -2.60 -23.43
C SER D 117 2.45 -2.40 -22.58
N ILE D 118 2.26 -2.35 -21.27
CA ILE D 118 3.38 -2.20 -20.35
C ILE D 118 4.01 -3.56 -20.04
N TYR D 119 3.17 -4.55 -19.74
CA TYR D 119 3.65 -5.91 -19.47
C TYR D 119 4.50 -6.44 -20.61
N ARG D 120 3.99 -6.31 -21.83
CA ARG D 120 4.63 -6.88 -23.01
C ARG D 120 6.04 -6.35 -23.25
N ASP D 121 6.23 -5.04 -23.12
CA ASP D 121 7.56 -4.47 -23.30
C ASP D 121 8.36 -4.42 -22.01
N ALA D 122 7.76 -4.85 -20.91
CA ALA D 122 8.50 -5.05 -19.67
C ALA D 122 9.13 -6.44 -19.70
N LEU D 123 8.49 -7.34 -20.43
CA LEU D 123 9.03 -8.68 -20.63
C LEU D 123 10.00 -8.72 -21.82
N LYS D 124 9.65 -7.99 -22.88
CA LYS D 124 10.45 -8.00 -24.10
C LYS D 124 11.85 -7.41 -23.88
N ASP D 125 11.93 -6.38 -23.05
CA ASP D 125 13.20 -5.72 -22.78
C ASP D 125 13.90 -6.32 -21.56
N ASN D 126 13.29 -7.35 -20.98
CA ASN D 126 13.85 -8.08 -19.84
C ASN D 126 14.20 -7.18 -18.65
N PHE D 127 13.17 -6.75 -17.94
CA PHE D 127 13.34 -5.92 -16.75
C PHE D 127 12.75 -6.60 -15.53
N VAL D 128 12.07 -7.72 -15.77
CA VAL D 128 11.33 -8.41 -14.73
C VAL D 128 12.12 -9.55 -14.09
N ASP D 129 12.16 -9.56 -12.76
CA ASP D 129 12.84 -10.61 -12.01
C ASP D 129 11.85 -11.66 -11.51
N ARG D 130 10.71 -11.19 -11.00
CA ARG D 130 9.71 -12.06 -10.40
C ARG D 130 8.32 -11.75 -10.95
N ILE D 131 7.44 -12.75 -10.92
CA ILE D 131 6.08 -12.57 -11.41
C ILE D 131 5.05 -13.14 -10.43
N TYR D 132 4.16 -12.28 -9.96
CA TYR D 132 3.08 -12.71 -9.07
C TYR D 132 1.80 -12.87 -9.86
N LEU D 133 1.53 -14.09 -10.32
CA LEU D 133 0.37 -14.36 -11.16
C LEU D 133 -0.82 -14.85 -10.34
N THR D 134 -1.95 -14.18 -10.48
CA THR D 134 -3.17 -14.60 -9.81
C THR D 134 -4.14 -15.19 -10.83
N ARG D 135 -4.10 -16.50 -11.00
CA ARG D 135 -4.96 -17.18 -11.95
C ARG D 135 -6.41 -17.18 -11.47
N VAL D 136 -7.32 -16.75 -12.34
CA VAL D 136 -8.74 -16.71 -12.00
C VAL D 136 -9.51 -17.68 -12.89
N ALA D 137 -10.46 -18.41 -12.30
CA ALA D 137 -11.14 -19.49 -13.00
C ALA D 137 -12.46 -19.09 -13.67
N LEU D 138 -12.36 -18.31 -14.74
CA LEU D 138 -13.52 -18.04 -15.59
C LEU D 138 -13.07 -17.67 -17.00
N GLU D 139 -13.70 -18.29 -18.00
CA GLU D 139 -13.27 -18.14 -19.39
C GLU D 139 -14.43 -17.96 -20.36
N ASP D 140 -15.66 -18.15 -19.87
CA ASP D 140 -16.84 -18.02 -20.73
C ASP D 140 -17.35 -16.58 -20.76
N ILE D 141 -16.43 -15.63 -20.64
CA ILE D 141 -16.78 -14.22 -20.72
C ILE D 141 -15.97 -13.53 -21.82
N GLU D 142 -16.08 -12.20 -21.90
CA GLU D 142 -15.43 -11.43 -22.95
C GLU D 142 -14.21 -10.67 -22.43
N PHE D 143 -13.11 -10.75 -23.19
CA PHE D 143 -11.90 -10.01 -22.86
C PHE D 143 -11.47 -9.14 -24.03
N ASP D 144 -10.73 -8.07 -23.73
CA ASP D 144 -10.14 -7.23 -24.77
C ASP D 144 -8.69 -6.91 -24.44
N THR D 145 -8.29 -7.25 -23.22
CA THR D 145 -6.92 -7.01 -22.76
C THR D 145 -6.37 -8.26 -22.09
N TYR D 146 -5.28 -8.80 -22.63
CA TYR D 146 -4.71 -10.05 -22.14
C TYR D 146 -3.33 -9.86 -21.53
N PHE D 147 -2.87 -10.87 -20.81
CA PHE D 147 -1.52 -10.89 -20.26
C PHE D 147 -0.61 -11.73 -21.14
N PRO D 148 0.52 -11.14 -21.58
CA PRO D 148 1.45 -11.80 -22.48
C PRO D 148 1.98 -13.12 -21.93
N GLU D 149 2.22 -14.09 -22.80
CA GLU D 149 2.70 -15.40 -22.39
C GLU D 149 4.07 -15.30 -21.71
N ILE D 150 4.18 -15.91 -20.53
CA ILE D 150 5.42 -15.88 -19.77
C ILE D 150 6.53 -16.61 -20.52
N PRO D 151 7.66 -15.92 -20.76
CA PRO D 151 8.79 -16.50 -21.49
C PRO D 151 9.40 -17.69 -20.76
N GLU D 152 10.18 -18.50 -21.48
CA GLU D 152 10.75 -19.72 -20.93
C GLU D 152 11.86 -19.45 -19.91
N THR D 153 12.27 -18.19 -19.80
CA THR D 153 13.30 -17.81 -18.85
C THR D 153 12.78 -17.85 -17.41
N PHE D 154 11.47 -17.89 -17.27
CA PHE D 154 10.83 -17.96 -15.97
C PHE D 154 10.35 -19.37 -15.65
N LEU D 155 10.39 -19.72 -14.36
CA LEU D 155 9.90 -21.01 -13.88
C LEU D 155 9.09 -20.83 -12.61
N PRO D 156 7.94 -21.52 -12.53
CA PRO D 156 7.08 -21.47 -11.34
C PRO D 156 7.78 -22.07 -10.13
N VAL D 157 7.66 -21.40 -8.98
CA VAL D 157 8.29 -21.86 -7.75
C VAL D 157 7.27 -22.00 -6.63
N TYR D 158 6.04 -21.58 -6.90
CA TYR D 158 4.98 -21.63 -5.88
C TYR D 158 3.59 -21.68 -6.51
N MET D 159 2.70 -22.43 -5.88
CA MET D 159 1.30 -22.49 -6.31
C MET D 159 0.40 -22.72 -5.09
N SER D 160 -0.26 -21.65 -4.65
CA SER D 160 -1.10 -21.69 -3.46
C SER D 160 -2.32 -22.60 -3.65
N GLN D 161 -3.01 -22.87 -2.56
CA GLN D 161 -4.24 -23.65 -2.61
C GLN D 161 -5.32 -22.85 -3.33
N THR D 162 -6.36 -23.53 -3.78
CA THR D 162 -7.45 -22.87 -4.48
C THR D 162 -8.37 -22.15 -3.50
N PHE D 163 -8.55 -20.85 -3.72
CA PHE D 163 -9.45 -20.05 -2.90
C PHE D 163 -10.75 -19.75 -3.65
N CYS D 164 -11.79 -19.39 -2.91
CA CYS D 164 -13.09 -19.14 -3.50
C CYS D 164 -13.70 -17.82 -3.03
N THR D 165 -14.13 -17.02 -4.00
CA THR D 165 -14.83 -15.76 -3.70
C THR D 165 -15.95 -15.56 -4.72
N LYS D 166 -17.18 -15.46 -4.23
CA LYS D 166 -18.36 -15.37 -5.09
C LYS D 166 -18.42 -16.53 -6.06
N ASN D 167 -18.17 -17.73 -5.56
CA ASN D 167 -18.16 -18.96 -6.35
C ASN D 167 -17.12 -18.94 -7.48
N ILE D 168 -16.09 -18.12 -7.32
CA ILE D 168 -15.01 -18.06 -8.30
C ILE D 168 -13.71 -18.58 -7.69
N SER D 169 -13.10 -19.56 -8.35
CA SER D 169 -11.86 -20.17 -7.88
C SER D 169 -10.64 -19.39 -8.35
N TYR D 170 -9.63 -19.30 -7.49
CA TYR D 170 -8.38 -18.62 -7.87
C TYR D 170 -7.15 -19.09 -7.11
N ASP D 171 -5.99 -18.96 -7.75
CA ASP D 171 -4.72 -19.37 -7.18
C ASP D 171 -3.73 -18.21 -7.10
N PHE D 172 -2.63 -18.42 -6.38
CA PHE D 172 -1.54 -17.46 -6.30
C PHE D 172 -0.21 -18.14 -6.64
N MET D 173 0.40 -17.74 -7.73
CA MET D 173 1.65 -18.35 -8.17
C MET D 173 2.80 -17.35 -8.30
N ILE D 174 4.02 -17.84 -8.11
CA ILE D 174 5.21 -17.02 -8.23
C ILE D 174 6.13 -17.61 -9.30
N PHE D 175 6.54 -16.79 -10.26
CA PHE D 175 7.47 -17.23 -11.29
C PHE D 175 8.80 -16.50 -11.12
N GLU D 176 9.88 -17.28 -11.05
CA GLU D 176 11.21 -16.70 -10.86
C GLU D 176 12.09 -16.95 -12.08
N LYS D 177 12.93 -15.98 -12.42
CA LYS D 177 13.80 -16.11 -13.59
C LYS D 177 15.10 -16.81 -13.22
N GLN D 178 15.13 -18.13 -13.39
CA GLN D 178 16.30 -18.92 -13.08
C GLN D 178 16.76 -19.71 -14.31
N LEU D 193 21.69 -27.79 4.97
CA LEU D 193 23.15 -27.82 5.01
C LEU D 193 23.70 -29.12 4.42
N LYS D 194 24.87 -29.02 3.78
CA LYS D 194 25.45 -30.14 3.05
C LYS D 194 25.85 -31.33 3.92
N SER D 195 26.23 -31.06 5.16
CA SER D 195 26.70 -32.11 6.07
C SER D 195 25.67 -33.20 6.29
N ILE D 196 24.44 -32.79 6.62
CA ILE D 196 23.36 -33.72 6.88
C ILE D 196 23.04 -34.57 5.65
N ASP D 197 22.95 -33.90 4.49
CA ASP D 197 22.68 -34.58 3.23
C ASP D 197 23.75 -35.62 2.92
N ASP D 198 25.01 -35.22 3.09
CA ASP D 198 26.13 -36.13 2.86
C ASP D 198 26.07 -37.34 3.78
N THR D 199 25.81 -37.11 5.06
CA THR D 199 25.72 -38.19 6.03
C THR D 199 24.60 -39.16 5.67
N VAL D 200 23.43 -38.62 5.34
CA VAL D 200 22.29 -39.45 4.95
C VAL D 200 22.62 -40.26 3.70
N ASP D 201 23.32 -39.66 2.75
CA ASP D 201 23.75 -40.36 1.55
C ASP D 201 24.70 -41.50 1.87
N LEU D 202 25.65 -41.24 2.77
CA LEU D 202 26.62 -42.25 3.18
C LEU D 202 25.95 -43.43 3.87
N LEU D 203 25.02 -43.13 4.77
CA LEU D 203 24.25 -44.17 5.43
C LEU D 203 23.40 -44.93 4.41
N GLY D 204 22.97 -44.24 3.37
CA GLY D 204 22.20 -44.85 2.30
C GLY D 204 23.07 -45.73 1.41
N GLU D 205 24.37 -45.49 1.42
CA GLU D 205 25.31 -46.32 0.68
C GLU D 205 25.69 -47.56 1.49
N ILE D 206 25.94 -47.36 2.77
CA ILE D 206 26.27 -48.47 3.67
C ILE D 206 25.09 -49.43 3.79
N PHE D 207 24.04 -48.97 4.46
CA PHE D 207 22.80 -49.74 4.55
C PHE D 207 22.04 -49.61 3.24
N GLY D 208 21.49 -50.71 2.76
CA GLY D 208 20.77 -50.70 1.51
C GLY D 208 19.29 -50.49 1.74
N ILE D 209 18.50 -51.54 1.56
CA ILE D 209 17.07 -51.49 1.81
C ILE D 209 16.82 -51.48 3.32
N ARG D 210 17.86 -51.74 4.09
CA ARG D 210 17.78 -51.69 5.55
C ARG D 210 17.38 -50.29 6.01
N LYS D 211 17.97 -49.28 5.39
CA LYS D 211 17.61 -47.90 5.69
C LYS D 211 16.26 -47.59 5.05
N MET D 212 15.27 -47.29 5.88
CA MET D 212 13.90 -47.05 5.42
C MET D 212 13.82 -45.87 4.46
N GLY D 213 14.74 -44.92 4.60
CA GLY D 213 14.81 -43.78 3.70
C GLY D 213 15.03 -44.19 2.25
N ASN D 214 15.73 -45.32 2.07
CA ASN D 214 15.99 -45.83 0.73
C ASN D 214 14.80 -46.59 0.17
N ARG D 215 13.85 -46.93 1.04
CA ARG D 215 12.62 -47.60 0.62
C ARG D 215 11.61 -46.56 0.14
N HIS D 216 11.78 -45.32 0.61
CA HIS D 216 10.91 -44.23 0.21
C HIS D 216 11.74 -43.14 -0.48
N LYS D 217 12.35 -43.49 -1.61
CA LYS D 217 13.19 -42.54 -2.34
C LYS D 217 12.39 -41.40 -2.95
N PHE D 218 12.97 -40.20 -2.94
CA PHE D 218 12.35 -39.03 -3.55
C PHE D 218 12.31 -39.19 -5.07
N PRO D 219 11.13 -38.96 -5.68
CA PRO D 219 10.91 -39.14 -7.12
C PRO D 219 11.88 -38.30 -7.96
N LYS D 220 12.34 -38.86 -9.07
CA LYS D 220 13.22 -38.15 -9.99
C LYS D 220 12.48 -37.05 -10.74
N GLU D 221 13.25 -36.10 -11.28
CA GLU D 221 12.69 -34.96 -12.00
C GLU D 221 11.89 -35.39 -13.23
N GLU D 222 12.31 -36.48 -13.86
CA GLU D 222 11.67 -36.96 -15.08
C GLU D 222 10.21 -37.38 -14.85
N ILE D 223 9.89 -37.73 -13.60
CA ILE D 223 8.55 -38.16 -13.26
C ILE D 223 7.93 -37.30 -12.16
N TYR D 224 8.53 -36.13 -11.93
CA TYR D 224 8.04 -35.20 -10.92
C TYR D 224 7.27 -34.06 -11.56
N ASN D 225 5.99 -33.97 -11.25
CA ASN D 225 5.12 -32.94 -11.82
C ASN D 225 5.53 -31.52 -11.43
N THR D 226 5.88 -30.72 -12.44
CA THR D 226 6.37 -29.35 -12.24
C THR D 226 7.54 -29.32 -11.24
N PRO D 227 8.72 -29.76 -11.69
CA PRO D 227 9.91 -29.91 -10.83
C PRO D 227 10.40 -28.59 -10.27
N SER D 228 10.16 -27.49 -10.98
CA SER D 228 10.62 -26.18 -10.54
C SER D 228 9.97 -25.76 -9.23
N ILE D 229 8.72 -26.15 -9.02
CA ILE D 229 8.03 -25.92 -7.76
C ILE D 229 8.47 -26.96 -6.74
N ARG D 230 9.38 -26.56 -5.86
CA ARG D 230 9.98 -27.49 -4.90
C ARG D 230 9.39 -27.31 -3.49
N PHE D 231 9.45 -26.08 -2.99
CA PHE D 231 9.03 -25.79 -1.62
C PHE D 231 7.65 -25.14 -1.58
N GLY D 232 7.12 -24.78 -2.74
CA GLY D 232 5.84 -24.10 -2.81
C GLY D 232 4.74 -24.94 -3.42
N ARG D 233 4.80 -26.25 -3.17
CA ARG D 233 3.79 -27.16 -3.71
C ARG D 233 2.57 -27.19 -2.78
N GLU D 234 1.91 -26.04 -2.66
CA GLU D 234 0.81 -25.87 -1.72
C GLU D 234 -0.52 -26.40 -2.26
N HIS D 235 -0.68 -26.36 -3.59
CA HIS D 235 -1.89 -26.85 -4.25
C HIS D 235 -2.12 -28.31 -3.88
N TYR D 236 -3.38 -28.66 -3.59
CA TYR D 236 -3.68 -30.00 -3.06
C TYR D 236 -3.87 -31.07 -4.13
N GLU D 237 -3.72 -30.71 -5.40
CA GLU D 237 -3.69 -31.71 -6.45
C GLU D 237 -2.31 -32.36 -6.45
N PHE D 238 -1.35 -31.66 -5.86
CA PHE D 238 -0.01 -32.19 -5.69
C PHE D 238 0.01 -33.37 -4.71
N GLN D 239 -0.99 -33.44 -3.85
CA GLN D 239 -1.13 -34.55 -2.92
C GLN D 239 -1.34 -35.86 -3.67
N TYR D 240 -1.92 -35.75 -4.87
CA TYR D 240 -2.18 -36.91 -5.72
C TYR D 240 -1.05 -37.12 -6.71
N LEU D 241 -0.58 -36.03 -7.32
CA LEU D 241 0.46 -36.12 -8.33
C LEU D 241 1.80 -36.58 -7.76
N ASP D 242 2.14 -36.08 -6.57
CA ASP D 242 3.36 -36.50 -5.90
C ASP D 242 3.25 -37.96 -5.47
N LEU D 243 2.03 -38.40 -5.17
CA LEU D 243 1.80 -39.80 -4.87
C LEU D 243 2.06 -40.64 -6.12
N LEU D 244 1.59 -40.14 -7.26
CA LEU D 244 1.84 -40.80 -8.54
C LEU D 244 3.34 -40.93 -8.80
N SER D 245 4.08 -39.86 -8.50
CA SER D 245 5.53 -39.87 -8.67
C SER D 245 6.18 -40.87 -7.72
N ARG D 246 5.65 -40.95 -6.51
CA ARG D 246 6.17 -41.86 -5.49
C ARG D 246 5.96 -43.32 -5.88
N VAL D 247 4.80 -43.62 -6.45
CA VAL D 247 4.50 -44.97 -6.92
C VAL D 247 5.34 -45.29 -8.16
N LEU D 248 5.57 -44.29 -9.00
CA LEU D 248 6.39 -44.47 -10.19
C LEU D 248 7.87 -44.65 -9.82
N GLU D 249 8.24 -44.22 -8.62
CA GLU D 249 9.63 -44.30 -8.19
C GLU D 249 9.93 -45.55 -7.37
N ASN D 250 9.15 -45.77 -6.31
CA ASN D 250 9.41 -46.86 -5.39
C ASN D 250 8.48 -48.05 -5.57
N GLY D 251 7.68 -48.00 -6.63
CA GLY D 251 6.67 -49.02 -6.88
C GLY D 251 7.23 -50.40 -7.18
N ALA D 252 6.95 -51.35 -6.30
CA ALA D 252 7.37 -52.73 -6.51
C ALA D 252 6.47 -53.40 -7.54
N TYR D 253 7.07 -53.85 -8.63
CA TYR D 253 6.33 -54.54 -9.69
C TYR D 253 5.83 -55.89 -9.19
N ARG D 254 4.52 -55.98 -8.95
CA ARG D 254 3.94 -57.21 -8.43
C ARG D 254 2.66 -57.59 -9.16
N GLU D 255 2.29 -58.87 -9.06
CA GLU D 255 1.11 -59.40 -9.72
C GLU D 255 -0.13 -59.27 -8.84
N ASN D 256 -1.27 -59.64 -9.38
CA ASN D 256 -2.53 -59.59 -8.64
C ASN D 256 -3.57 -60.54 -9.23
N ARG D 257 -4.82 -60.37 -8.83
CA ARG D 257 -5.91 -61.24 -9.30
C ARG D 257 -6.13 -61.10 -10.81
N THR D 258 -5.82 -59.93 -11.35
CA THR D 258 -5.97 -59.67 -12.78
C THR D 258 -4.66 -60.02 -13.50
N GLY D 259 -4.74 -60.16 -14.82
CA GLY D 259 -3.57 -60.48 -15.63
C GLY D 259 -2.61 -59.31 -15.76
N ILE D 260 -3.07 -58.12 -15.39
CA ILE D 260 -2.25 -56.92 -15.47
C ILE D 260 -1.54 -56.65 -14.16
N SER D 261 -0.22 -56.73 -14.16
CA SER D 261 0.58 -56.48 -12.96
C SER D 261 0.68 -54.99 -12.67
N THR D 262 0.93 -54.65 -11.41
CA THR D 262 1.00 -53.26 -10.99
C THR D 262 2.30 -52.94 -10.27
N TYR D 263 2.69 -51.67 -10.30
CA TYR D 263 3.77 -51.18 -9.45
C TYR D 263 3.14 -50.63 -8.18
N SER D 264 3.48 -51.23 -7.05
CA SER D 264 2.77 -50.93 -5.81
C SER D 264 3.67 -50.51 -4.63
N ILE D 265 3.18 -49.54 -3.87
CA ILE D 265 3.78 -49.16 -2.59
C ILE D 265 2.69 -49.24 -1.52
N PHE D 266 3.11 -49.27 -0.26
CA PHE D 266 2.17 -49.49 0.84
C PHE D 266 2.26 -48.40 1.89
N GLY D 267 1.10 -47.90 2.33
CA GLY D 267 1.04 -46.88 3.35
C GLY D 267 1.26 -45.48 2.81
N GLN D 268 0.19 -44.85 2.33
CA GLN D 268 0.26 -43.50 1.79
C GLN D 268 -0.92 -42.66 2.26
N MET D 269 -0.92 -41.38 1.92
CA MET D 269 -2.03 -40.49 2.25
C MET D 269 -2.11 -39.26 1.37
N MET D 270 -3.31 -38.71 1.24
CA MET D 270 -3.54 -37.48 0.48
C MET D 270 -4.49 -36.58 1.24
N ARG D 271 -4.16 -35.29 1.34
CA ARG D 271 -5.02 -34.34 2.03
C ARG D 271 -5.70 -33.41 1.02
N PHE D 272 -6.89 -32.94 1.36
CA PHE D 272 -7.65 -32.08 0.46
C PHE D 272 -8.47 -31.04 1.22
N ASP D 273 -8.56 -29.85 0.65
CA ASP D 273 -9.40 -28.79 1.22
C ASP D 273 -10.73 -28.76 0.49
N MET D 274 -11.81 -28.63 1.26
CA MET D 274 -13.15 -28.56 0.68
C MET D 274 -13.88 -27.28 1.07
N ARG D 275 -13.25 -26.49 1.93
CA ARG D 275 -13.83 -25.22 2.37
C ARG D 275 -13.82 -24.19 1.24
N GLU D 276 -12.67 -24.03 0.60
CA GLU D 276 -12.50 -23.00 -0.43
C GLU D 276 -12.45 -23.57 -1.84
N SER D 277 -12.65 -24.88 -1.97
CA SER D 277 -12.60 -25.52 -3.28
C SER D 277 -13.23 -26.92 -3.28
N PHE D 278 -13.12 -27.60 -4.41
CA PHE D 278 -13.61 -28.96 -4.55
C PHE D 278 -12.56 -29.84 -5.20
N PRO D 279 -12.07 -30.86 -4.48
CA PRO D 279 -10.97 -31.72 -4.92
C PRO D 279 -11.28 -32.53 -6.17
N LEU D 280 -11.49 -31.85 -7.30
CA LEU D 280 -11.67 -32.52 -8.58
C LEU D 280 -10.46 -32.23 -9.46
N LEU D 281 -9.77 -33.28 -9.90
CA LEU D 281 -8.53 -33.15 -10.66
C LEU D 281 -8.70 -32.34 -11.93
N THR D 282 -7.72 -31.48 -12.21
CA THR D 282 -7.76 -30.63 -13.39
C THR D 282 -6.80 -31.10 -14.46
N THR D 283 -5.85 -31.96 -14.08
CA THR D 283 -4.90 -32.51 -15.03
C THR D 283 -5.56 -33.52 -15.95
N LYS D 284 -6.78 -33.92 -15.60
CA LYS D 284 -7.58 -34.83 -16.40
C LYS D 284 -9.06 -34.57 -16.17
N LYS D 285 -9.82 -34.48 -17.26
CA LYS D 285 -11.26 -34.26 -17.17
C LYS D 285 -11.96 -35.49 -16.60
N VAL D 286 -12.44 -35.38 -15.37
CA VAL D 286 -13.07 -36.51 -14.69
C VAL D 286 -14.59 -36.49 -14.85
N ALA D 287 -15.15 -37.63 -15.23
CA ALA D 287 -16.60 -37.76 -15.39
C ALA D 287 -17.32 -37.67 -14.05
N ILE D 288 -17.69 -36.44 -13.67
CA ILE D 288 -18.32 -36.18 -12.38
C ILE D 288 -19.72 -36.78 -12.25
N ARG D 289 -20.46 -36.81 -13.34
CA ARG D 289 -21.84 -37.32 -13.33
C ARG D 289 -21.90 -38.79 -12.92
N SER D 290 -20.98 -39.59 -13.45
CA SER D 290 -20.89 -41.00 -13.13
C SER D 290 -20.57 -41.19 -11.65
N ILE D 291 -19.69 -40.32 -11.14
CA ILE D 291 -19.30 -40.33 -9.74
C ILE D 291 -20.51 -40.09 -8.85
N PHE D 292 -21.24 -39.01 -9.14
CA PHE D 292 -22.43 -38.68 -8.38
C PHE D 292 -23.46 -39.80 -8.44
N GLU D 293 -23.74 -40.27 -9.65
CA GLU D 293 -24.75 -41.31 -9.84
C GLU D 293 -24.40 -42.57 -9.07
N GLU D 294 -23.12 -42.93 -9.06
CA GLU D 294 -22.65 -44.07 -8.28
C GLU D 294 -22.84 -43.79 -6.79
N LEU D 295 -22.58 -42.55 -6.39
CA LEU D 295 -22.69 -42.17 -4.98
C LEU D 295 -24.13 -42.29 -4.46
N ILE D 296 -25.08 -41.70 -5.17
CA ILE D 296 -26.48 -41.81 -4.77
C ILE D 296 -27.00 -43.22 -4.97
N TRP D 297 -26.37 -43.96 -5.88
CA TRP D 297 -26.68 -45.38 -6.05
C TRP D 297 -26.30 -46.13 -4.79
N PHE D 298 -25.20 -45.72 -4.16
CA PHE D 298 -24.78 -46.27 -2.88
C PHE D 298 -25.74 -45.84 -1.77
N ILE D 299 -26.02 -44.55 -1.71
CA ILE D 299 -26.85 -43.97 -0.65
C ILE D 299 -28.22 -44.64 -0.54
N LYS D 300 -28.84 -44.93 -1.68
CA LYS D 300 -30.13 -45.59 -1.71
C LYS D 300 -30.01 -47.05 -1.26
N GLY D 301 -28.80 -47.57 -1.26
CA GLY D 301 -28.55 -48.95 -0.88
C GLY D 301 -28.85 -49.91 -2.02
N ASP D 302 -28.87 -49.37 -3.23
CA ASP D 302 -29.17 -50.17 -4.41
C ASP D 302 -27.97 -50.99 -4.84
N THR D 303 -28.20 -52.25 -5.21
CA THR D 303 -27.14 -53.15 -5.63
C THR D 303 -27.32 -53.57 -7.08
N ASN D 304 -28.40 -53.10 -7.70
CA ASN D 304 -28.68 -53.40 -9.09
C ASN D 304 -27.78 -52.61 -10.03
N GLY D 305 -26.90 -53.31 -10.73
CA GLY D 305 -25.97 -52.66 -11.64
C GLY D 305 -26.66 -52.08 -12.86
N ASN D 306 -27.77 -52.69 -13.26
CA ASN D 306 -28.52 -52.23 -14.42
C ASN D 306 -29.04 -50.81 -14.24
N HIS D 307 -29.43 -50.48 -13.01
CA HIS D 307 -29.90 -49.14 -12.68
C HIS D 307 -28.80 -48.11 -12.95
N LEU D 308 -27.56 -48.56 -12.81
CA LEU D 308 -26.41 -47.71 -13.10
C LEU D 308 -26.12 -47.68 -14.59
N ILE D 309 -26.33 -48.82 -15.26
CA ILE D 309 -26.09 -48.92 -16.70
C ILE D 309 -27.16 -48.16 -17.49
N GLU D 310 -28.40 -48.20 -16.99
CA GLU D 310 -29.50 -47.48 -17.63
C GLU D 310 -29.27 -45.97 -17.66
N LYS D 311 -28.50 -45.48 -16.69
CA LYS D 311 -28.18 -44.06 -16.61
C LYS D 311 -26.84 -43.76 -17.27
N LYS D 312 -26.43 -44.66 -18.16
CA LYS D 312 -25.18 -44.52 -18.92
C LYS D 312 -23.93 -44.39 -18.05
N VAL D 313 -23.86 -45.21 -17.01
CA VAL D 313 -22.68 -45.30 -16.16
C VAL D 313 -22.16 -46.73 -16.18
N TYR D 314 -21.00 -46.94 -16.81
CA TYR D 314 -20.49 -48.28 -17.05
C TYR D 314 -19.23 -48.59 -16.24
N ILE D 315 -19.15 -48.05 -15.03
CA ILE D 315 -17.99 -48.27 -14.18
C ILE D 315 -18.05 -49.62 -13.45
N TRP D 316 -19.25 -50.18 -13.35
CA TRP D 316 -19.42 -51.48 -12.73
C TRP D 316 -19.80 -52.56 -13.74
N SER D 317 -19.31 -52.39 -14.97
CA SER D 317 -19.59 -53.34 -16.04
C SER D 317 -18.70 -54.57 -15.96
N GLY D 318 -17.40 -54.34 -15.86
CA GLY D 318 -16.42 -55.41 -15.80
C GLY D 318 -16.60 -56.30 -14.58
N ASN D 319 -16.90 -55.67 -13.45
CA ASN D 319 -17.13 -56.40 -12.21
C ASN D 319 -18.58 -56.89 -12.10
N GLY D 320 -19.32 -56.77 -13.20
CA GLY D 320 -20.72 -57.16 -13.22
C GLY D 320 -21.02 -58.23 -14.26
N SER D 321 -20.19 -58.32 -15.28
CA SER D 321 -20.39 -59.26 -16.40
C SER D 321 -20.63 -60.70 -15.94
N LYS D 322 -21.37 -61.45 -16.76
CA LYS D 322 -21.72 -62.83 -16.44
C LYS D 322 -20.48 -63.70 -16.33
N GLU D 323 -19.49 -63.44 -17.17
CA GLU D 323 -18.26 -64.21 -17.18
C GLU D 323 -17.49 -64.01 -15.88
N TYR D 324 -17.38 -62.77 -15.43
CA TYR D 324 -16.68 -62.45 -14.20
C TYR D 324 -17.39 -63.05 -12.98
N LEU D 325 -18.72 -62.99 -13.00
CA LEU D 325 -19.52 -63.54 -11.91
C LEU D 325 -19.39 -65.06 -11.82
N GLU D 326 -19.49 -65.71 -12.97
CA GLU D 326 -19.35 -67.17 -13.02
C GLU D 326 -17.93 -67.59 -12.66
N ARG D 327 -16.96 -66.74 -12.97
CA ARG D 327 -15.56 -67.03 -12.68
C ARG D 327 -15.26 -66.98 -11.18
N ILE D 328 -15.90 -66.03 -10.48
CA ILE D 328 -15.68 -65.88 -9.04
C ILE D 328 -16.63 -66.73 -8.21
N GLY D 329 -17.32 -67.67 -8.86
CA GLY D 329 -18.19 -68.59 -8.17
C GLY D 329 -19.58 -68.06 -7.89
N LEU D 330 -20.04 -67.14 -8.73
CA LEU D 330 -21.38 -66.57 -8.58
C LEU D 330 -22.18 -66.70 -9.86
N GLY D 331 -22.20 -67.90 -10.43
CA GLY D 331 -22.92 -68.15 -11.67
C GLY D 331 -24.43 -68.16 -11.45
N HIS D 332 -24.83 -68.38 -10.21
CA HIS D 332 -26.25 -68.39 -9.86
C HIS D 332 -26.81 -66.97 -9.84
N ARG D 333 -25.90 -65.99 -9.79
CA ARG D 333 -26.28 -64.60 -9.67
C ARG D 333 -26.79 -64.05 -11.00
N GLU D 334 -27.61 -63.01 -10.94
CA GLU D 334 -28.20 -62.40 -12.14
C GLU D 334 -27.16 -61.64 -12.94
N GLU D 335 -27.54 -61.19 -14.14
CA GLU D 335 -26.63 -60.53 -15.08
C GLU D 335 -25.81 -59.38 -14.49
N ASN D 336 -26.40 -58.61 -13.59
CA ASN D 336 -25.69 -57.46 -13.02
C ASN D 336 -25.91 -57.31 -11.51
N ASP D 337 -26.25 -58.40 -10.85
CA ASP D 337 -26.42 -58.39 -9.40
C ASP D 337 -25.06 -58.45 -8.72
N LEU D 338 -24.62 -57.32 -8.19
CA LEU D 338 -23.29 -57.21 -7.60
C LEU D 338 -23.24 -57.75 -6.18
N GLY D 339 -24.41 -57.96 -5.58
CA GLY D 339 -24.48 -58.50 -4.24
C GLY D 339 -24.35 -57.43 -3.17
N PRO D 340 -24.20 -57.86 -1.91
CA PRO D 340 -24.11 -56.97 -0.75
C PRO D 340 -22.84 -56.12 -0.74
N ILE D 341 -22.69 -55.26 -1.75
CA ILE D 341 -21.53 -54.38 -1.84
C ILE D 341 -21.78 -53.07 -1.09
N TYR D 342 -21.17 -51.99 -1.57
CA TYR D 342 -21.37 -50.67 -0.98
C TYR D 342 -22.85 -50.30 -1.01
N GLY D 343 -23.30 -49.61 0.03
CA GLY D 343 -24.69 -49.19 0.10
C GLY D 343 -25.56 -50.19 0.82
N PHE D 344 -25.44 -51.46 0.44
CA PHE D 344 -26.19 -52.51 1.11
C PHE D 344 -25.65 -52.69 2.53
N GLN D 345 -24.36 -52.40 2.70
CA GLN D 345 -23.74 -52.45 4.02
C GLN D 345 -23.95 -51.13 4.75
N TRP D 346 -24.26 -50.08 3.99
CA TRP D 346 -24.53 -48.77 4.56
C TRP D 346 -25.94 -48.71 5.15
N ARG D 347 -26.89 -49.36 4.49
CA ARG D 347 -28.28 -49.27 4.90
C ARG D 347 -28.79 -50.56 5.54
N HIS D 348 -28.15 -51.68 5.22
CA HIS D 348 -28.59 -52.97 5.73
C HIS D 348 -27.41 -53.86 6.11
N TYR D 349 -26.62 -53.42 7.08
CA TYR D 349 -25.45 -54.18 7.52
C TYR D 349 -25.86 -55.49 8.17
N ASN D 350 -25.11 -56.56 7.85
CA ASN D 350 -25.42 -57.92 8.33
C ASN D 350 -26.80 -58.41 7.89
N GLY D 351 -27.34 -57.80 6.83
CA GLY D 351 -28.62 -58.20 6.29
C GLY D 351 -28.50 -59.36 5.34
N GLU D 352 -29.34 -60.38 5.52
CA GLU D 352 -29.32 -61.56 4.66
C GLU D 352 -29.66 -61.19 3.23
N TYR D 353 -28.66 -61.25 2.36
CA TYR D 353 -28.84 -60.87 0.96
C TYR D 353 -29.44 -62.02 0.15
N LYS D 354 -30.50 -61.70 -0.61
CA LYS D 354 -31.12 -62.66 -1.50
C LYS D 354 -30.77 -62.32 -2.94
N THR D 355 -31.60 -61.48 -3.56
CA THR D 355 -31.33 -60.96 -4.89
C THR D 355 -31.40 -59.44 -4.86
N MET D 356 -31.12 -58.81 -6.01
CA MET D 356 -31.12 -57.35 -6.08
C MET D 356 -32.53 -56.80 -6.22
N HIS D 357 -33.51 -57.68 -6.40
CA HIS D 357 -34.89 -57.27 -6.60
C HIS D 357 -35.70 -57.28 -5.31
N ASP D 358 -35.23 -58.05 -4.33
CA ASP D 358 -35.92 -58.16 -3.04
C ASP D 358 -35.93 -56.84 -2.29
N ASP D 359 -36.93 -56.66 -1.43
CA ASP D 359 -37.07 -55.42 -0.66
C ASP D 359 -36.51 -55.60 0.74
N TYR D 360 -35.29 -55.10 0.95
CA TYR D 360 -34.59 -55.26 2.22
C TYR D 360 -34.89 -54.13 3.21
N THR D 361 -36.11 -53.60 3.15
CA THR D 361 -36.49 -52.51 4.04
C THR D 361 -36.63 -52.99 5.48
N GLY D 362 -36.09 -52.23 6.42
CA GLY D 362 -36.17 -52.56 7.82
C GLY D 362 -35.15 -53.61 8.25
N VAL D 363 -34.57 -54.29 7.28
CA VAL D 363 -33.60 -55.34 7.54
C VAL D 363 -32.18 -54.78 7.61
N GLY D 364 -31.31 -55.46 8.36
CA GLY D 364 -29.93 -55.02 8.51
C GLY D 364 -29.78 -53.80 9.38
N VAL D 365 -28.54 -53.31 9.50
CA VAL D 365 -28.26 -52.13 10.29
C VAL D 365 -28.07 -50.91 9.39
N ASP D 366 -28.91 -49.89 9.57
CA ASP D 366 -28.82 -48.68 8.78
C ASP D 366 -27.71 -47.79 9.31
N GLN D 367 -26.50 -47.99 8.80
CA GLN D 367 -25.34 -47.22 9.24
C GLN D 367 -25.44 -45.74 8.89
N LEU D 368 -25.95 -45.45 7.69
CA LEU D 368 -26.03 -44.07 7.21
C LEU D 368 -26.97 -43.20 8.04
N ALA D 369 -28.16 -43.73 8.33
CA ALA D 369 -29.15 -43.00 9.10
C ALA D 369 -28.63 -42.68 10.50
N LYS D 370 -28.08 -43.70 11.16
CA LYS D 370 -27.51 -43.54 12.48
C LYS D 370 -26.32 -42.59 12.45
N LEU D 371 -25.61 -42.58 11.32
CA LEU D 371 -24.47 -41.70 11.12
C LEU D 371 -24.91 -40.25 11.10
N ILE D 372 -25.93 -39.96 10.30
CA ILE D 372 -26.48 -38.61 10.22
C ILE D 372 -27.05 -38.16 11.56
N GLU D 373 -27.89 -39.00 12.14
CA GLU D 373 -28.55 -38.71 13.41
C GLU D 373 -27.52 -38.43 14.51
N THR D 374 -26.46 -39.22 14.53
CA THR D 374 -25.40 -39.04 15.53
C THR D 374 -24.62 -37.76 15.23
N LEU D 375 -24.43 -37.47 13.95
CA LEU D 375 -23.70 -36.27 13.55
C LEU D 375 -24.41 -34.99 13.98
N LYS D 376 -25.73 -34.97 13.88
CA LYS D 376 -26.46 -33.75 14.24
C LYS D 376 -26.92 -33.69 15.70
N ASN D 377 -27.07 -34.86 16.34
CA ASN D 377 -27.46 -34.89 17.75
C ASN D 377 -26.28 -34.97 18.71
N ASN D 378 -25.13 -35.40 18.20
CA ASN D 378 -23.92 -35.47 19.01
C ASN D 378 -22.67 -35.34 18.14
N PRO D 379 -22.34 -34.10 17.73
CA PRO D 379 -21.25 -33.82 16.79
C PRO D 379 -19.87 -34.13 17.36
N LYS D 380 -19.66 -33.86 18.65
CA LYS D 380 -18.35 -34.04 19.27
C LYS D 380 -18.08 -35.50 19.65
N ASP D 381 -18.91 -36.41 19.16
CA ASP D 381 -18.72 -37.83 19.37
C ASP D 381 -17.52 -38.32 18.57
N ARG D 382 -16.91 -39.41 19.00
CA ARG D 382 -15.74 -39.95 18.32
C ARG D 382 -16.01 -41.32 17.68
N ARG D 383 -17.29 -41.62 17.44
CA ARG D 383 -17.69 -42.88 16.85
C ARG D 383 -18.42 -42.72 15.52
N HIS D 384 -18.29 -41.55 14.90
CA HIS D 384 -18.92 -41.30 13.60
C HIS D 384 -18.25 -42.12 12.52
N ILE D 385 -18.65 -43.39 12.39
CA ILE D 385 -17.98 -44.31 11.48
C ILE D 385 -18.93 -45.06 10.54
N LEU D 386 -18.60 -45.05 9.25
CA LEU D 386 -19.33 -45.80 8.24
C LEU D 386 -18.42 -46.85 7.62
N THR D 387 -18.74 -48.12 7.84
CA THR D 387 -17.92 -49.22 7.33
C THR D 387 -18.67 -50.05 6.28
N ALA D 388 -17.90 -50.78 5.47
CA ALA D 388 -18.49 -51.62 4.42
C ALA D 388 -17.86 -53.02 4.42
N TRP D 389 -16.84 -53.20 5.26
CA TRP D 389 -16.13 -54.48 5.33
C TRP D 389 -16.86 -55.47 6.24
N ASN D 390 -17.58 -56.41 5.63
CA ASN D 390 -18.28 -57.44 6.37
C ASN D 390 -17.79 -58.82 5.97
N PRO D 391 -16.93 -59.43 6.81
CA PRO D 391 -16.32 -60.74 6.58
C PRO D 391 -17.34 -61.84 6.27
N SER D 392 -18.54 -61.72 6.84
CA SER D 392 -19.59 -62.71 6.62
C SER D 392 -20.22 -62.57 5.24
N ALA D 393 -20.08 -61.39 4.64
CA ALA D 393 -20.73 -61.13 3.35
C ALA D 393 -19.74 -60.96 2.20
N LEU D 394 -18.45 -60.99 2.51
CA LEU D 394 -17.40 -60.81 1.51
C LEU D 394 -17.48 -61.81 0.36
N SER D 395 -17.85 -63.04 0.69
CA SER D 395 -17.93 -64.12 -0.30
C SER D 395 -19.07 -63.91 -1.30
N GLN D 396 -20.10 -63.20 -0.86
CA GLN D 396 -21.27 -62.96 -1.71
C GLN D 396 -21.06 -61.76 -2.63
N MET D 397 -20.17 -60.86 -2.22
CA MET D 397 -19.91 -59.63 -2.96
C MET D 397 -19.20 -59.89 -4.29
N ALA D 398 -19.55 -59.11 -5.31
CA ALA D 398 -18.91 -59.22 -6.61
C ALA D 398 -17.48 -58.67 -6.52
N LEU D 399 -17.28 -57.73 -5.60
CA LEU D 399 -15.97 -57.12 -5.38
C LEU D 399 -15.90 -56.52 -3.99
N PRO D 400 -14.99 -57.04 -3.15
CA PRO D 400 -14.76 -56.57 -1.78
C PRO D 400 -14.48 -55.07 -1.72
N PRO D 401 -14.85 -54.42 -0.61
CA PRO D 401 -14.75 -52.97 -0.46
C PRO D 401 -13.32 -52.45 -0.60
N CYS D 402 -13.11 -51.53 -1.55
CA CYS D 402 -11.82 -50.89 -1.70
C CYS D 402 -11.74 -49.69 -0.76
N HIS D 403 -12.65 -48.74 -0.92
CA HIS D 403 -12.81 -47.69 0.08
C HIS D 403 -13.56 -48.29 1.26
N VAL D 404 -12.79 -48.89 2.17
CA VAL D 404 -13.31 -49.75 3.22
C VAL D 404 -14.11 -49.02 4.30
N LEU D 405 -13.43 -48.16 5.05
CA LEU D 405 -14.03 -47.53 6.22
C LEU D 405 -13.81 -46.02 6.25
N SER D 406 -14.84 -45.28 6.63
CA SER D 406 -14.73 -43.83 6.74
C SER D 406 -15.14 -43.33 8.12
N GLN D 407 -14.52 -42.23 8.55
CA GLN D 407 -14.85 -41.61 9.82
C GLN D 407 -15.07 -40.10 9.61
N TYR D 408 -16.06 -39.55 10.30
CA TYR D 408 -16.40 -38.14 10.12
C TYR D 408 -16.20 -37.32 11.39
N TYR D 409 -15.87 -36.04 11.22
CA TYR D 409 -15.48 -35.20 12.33
C TYR D 409 -16.08 -33.81 12.21
N VAL D 410 -16.84 -33.39 13.22
CA VAL D 410 -17.43 -32.06 13.24
C VAL D 410 -16.54 -31.13 14.06
N THR D 411 -15.91 -30.17 13.37
CA THR D 411 -15.00 -29.25 14.02
C THR D 411 -15.74 -28.25 14.91
N ASN D 412 -14.98 -27.45 15.66
CA ASN D 412 -15.57 -26.47 16.56
C ASN D 412 -16.29 -25.35 15.82
N ASP D 413 -15.84 -25.07 14.60
CA ASP D 413 -16.45 -24.03 13.78
C ASP D 413 -17.47 -24.61 12.81
N ASN D 414 -18.11 -25.70 13.23
CA ASN D 414 -19.18 -26.35 12.45
C ASN D 414 -18.79 -26.76 11.03
N CYS D 415 -17.61 -27.33 10.88
CA CYS D 415 -17.18 -27.88 9.59
C CYS D 415 -17.11 -29.40 9.65
N LEU D 416 -17.34 -30.04 8.50
CA LEU D 416 -17.34 -31.49 8.44
C LEU D 416 -16.14 -32.04 7.69
N SER D 417 -15.26 -32.73 8.42
CA SER D 417 -14.09 -33.36 7.84
C SER D 417 -14.28 -34.87 7.71
N CYS D 418 -13.66 -35.46 6.70
CA CYS D 418 -13.84 -36.87 6.41
C CYS D 418 -12.50 -37.59 6.22
N ASN D 419 -12.34 -38.70 6.91
CA ASN D 419 -11.19 -39.58 6.72
C ASN D 419 -11.64 -40.89 6.08
N LEU D 420 -10.93 -41.32 5.04
CA LEU D 420 -11.29 -42.55 4.36
C LEU D 420 -10.09 -43.48 4.21
N TYR D 421 -10.25 -44.72 4.64
CA TYR D 421 -9.19 -45.71 4.43
C TYR D 421 -9.50 -46.57 3.22
N GLN D 422 -8.50 -46.73 2.35
CA GLN D 422 -8.68 -47.47 1.11
C GLN D 422 -7.64 -48.57 1.00
N ARG D 423 -8.09 -49.82 1.01
CA ARG D 423 -7.20 -50.98 0.99
C ARG D 423 -6.46 -51.09 -0.34
N SER D 424 -7.14 -50.78 -1.43
CA SER D 424 -6.56 -50.88 -2.77
C SER D 424 -6.94 -49.65 -3.57
N CYS D 425 -5.97 -49.09 -4.29
CA CYS D 425 -6.19 -47.84 -5.00
C CYS D 425 -5.69 -47.88 -6.44
N ASP D 426 -6.61 -47.75 -7.39
CA ASP D 426 -6.25 -47.61 -8.78
C ASP D 426 -5.97 -46.14 -9.06
N LEU D 427 -4.70 -45.77 -9.07
CA LEU D 427 -4.30 -44.38 -9.26
C LEU D 427 -4.66 -43.83 -10.63
N GLY D 428 -5.02 -44.74 -11.55
CA GLY D 428 -5.42 -44.34 -12.89
C GLY D 428 -6.92 -44.08 -13.00
N LEU D 429 -7.71 -44.96 -12.41
CA LEU D 429 -9.17 -44.87 -12.53
C LEU D 429 -9.86 -44.63 -11.20
N GLY D 430 -9.61 -45.53 -10.24
CA GLY D 430 -10.29 -45.51 -8.96
C GLY D 430 -10.05 -44.28 -8.10
N SER D 431 -8.81 -43.81 -8.04
CA SER D 431 -8.44 -42.71 -7.14
C SER D 431 -9.25 -41.42 -7.29
N PRO D 432 -9.27 -40.82 -8.50
CA PRO D 432 -9.99 -39.55 -8.64
C PRO D 432 -11.47 -39.71 -8.34
N PHE D 433 -12.04 -40.82 -8.79
CA PHE D 433 -13.44 -41.13 -8.54
C PHE D 433 -13.72 -41.24 -7.04
N ASN D 434 -12.81 -41.86 -6.31
CA ASN D 434 -12.97 -41.99 -4.86
C ASN D 434 -12.89 -40.63 -4.17
N ILE D 435 -11.89 -39.84 -4.54
CA ILE D 435 -11.72 -38.50 -3.98
C ILE D 435 -12.97 -37.66 -4.17
N ALA D 436 -13.42 -37.56 -5.41
CA ALA D 436 -14.61 -36.78 -5.74
C ALA D 436 -15.87 -37.34 -5.07
N SER D 437 -15.98 -38.67 -5.04
CA SER D 437 -17.15 -39.32 -4.45
C SER D 437 -17.29 -39.01 -2.96
N TYR D 438 -16.20 -39.18 -2.23
CA TYR D 438 -16.25 -38.89 -0.79
C TYR D 438 -16.26 -37.41 -0.47
N ALA D 439 -15.79 -36.59 -1.41
CA ALA D 439 -15.93 -35.15 -1.28
C ALA D 439 -17.41 -34.75 -1.35
N ILE D 440 -18.07 -35.23 -2.41
CA ILE D 440 -19.50 -34.97 -2.60
C ILE D 440 -20.31 -35.52 -1.44
N LEU D 441 -19.95 -36.73 -0.99
CA LEU D 441 -20.61 -37.35 0.15
C LEU D 441 -20.45 -36.51 1.42
N THR D 442 -19.25 -35.99 1.62
CA THR D 442 -18.97 -35.14 2.78
C THR D 442 -19.81 -33.87 2.71
N MET D 443 -19.93 -33.29 1.52
CA MET D 443 -20.75 -32.10 1.34
C MET D 443 -22.23 -32.37 1.59
N MET D 444 -22.70 -33.52 1.14
CA MET D 444 -24.09 -33.94 1.35
C MET D 444 -24.36 -34.09 2.84
N LEU D 445 -23.51 -34.85 3.53
CA LEU D 445 -23.65 -35.03 4.97
C LEU D 445 -23.55 -33.69 5.70
N ALA D 446 -22.80 -32.76 5.14
CA ALA D 446 -22.66 -31.44 5.72
C ALA D 446 -23.95 -30.65 5.60
N GLN D 447 -24.57 -30.68 4.43
CA GLN D 447 -25.80 -29.92 4.20
C GLN D 447 -26.97 -30.53 4.97
N VAL D 448 -27.05 -31.85 4.99
CA VAL D 448 -28.14 -32.54 5.69
C VAL D 448 -28.06 -32.34 7.20
N CYS D 449 -26.83 -32.34 7.73
CA CYS D 449 -26.63 -32.16 9.17
C CYS D 449 -26.46 -30.68 9.53
N GLY D 450 -26.50 -29.82 8.52
CA GLY D 450 -26.42 -28.39 8.74
C GLY D 450 -25.02 -27.88 9.04
N TYR D 451 -24.04 -28.46 8.37
CA TYR D 451 -22.64 -28.03 8.55
C TYR D 451 -22.06 -27.55 7.22
N GLU D 452 -20.77 -27.24 7.25
CA GLU D 452 -20.05 -26.84 6.05
C GLU D 452 -18.94 -27.84 5.77
N PRO D 453 -18.57 -28.02 4.49
CA PRO D 453 -17.50 -28.95 4.15
C PRO D 453 -16.17 -28.50 4.74
N GLY D 454 -15.34 -29.47 5.15
CA GLY D 454 -14.08 -29.15 5.78
C GLY D 454 -12.87 -29.70 5.04
N GLU D 455 -12.27 -30.75 5.60
CA GLU D 455 -11.08 -31.36 5.02
C GLU D 455 -11.31 -32.83 4.67
N LEU D 456 -10.57 -33.32 3.68
CA LEU D 456 -10.68 -34.71 3.27
C LEU D 456 -9.32 -35.40 3.30
N ALA D 457 -9.16 -36.35 4.22
CA ALA D 457 -7.91 -37.10 4.32
C ALA D 457 -8.13 -38.54 3.87
N ILE D 458 -7.39 -38.94 2.84
CA ILE D 458 -7.49 -40.29 2.32
C ILE D 458 -6.22 -41.09 2.59
N PHE D 459 -6.36 -42.13 3.40
CA PHE D 459 -5.26 -43.00 3.77
C PHE D 459 -5.30 -44.25 2.90
N ILE D 460 -4.25 -44.48 2.13
CA ILE D 460 -4.23 -45.57 1.16
C ILE D 460 -3.32 -46.72 1.60
N GLY D 461 -3.85 -47.94 1.52
CA GLY D 461 -3.06 -49.12 1.80
C GLY D 461 -2.20 -49.49 0.61
N ASP D 462 -2.72 -50.33 -0.28
CA ASP D 462 -1.99 -50.77 -1.47
C ASP D 462 -2.14 -49.76 -2.60
N ALA D 463 -1.26 -48.77 -2.64
CA ALA D 463 -1.27 -47.78 -3.70
C ALA D 463 -0.50 -48.28 -4.92
N HIS D 464 -1.21 -48.57 -5.99
CA HIS D 464 -0.60 -49.22 -7.15
C HIS D 464 -0.98 -48.58 -8.48
N ILE D 465 -0.10 -48.76 -9.46
CA ILE D 465 -0.36 -48.30 -10.83
C ILE D 465 -0.26 -49.47 -11.80
N TYR D 466 -1.32 -49.70 -12.56
CA TYR D 466 -1.33 -50.76 -13.56
C TYR D 466 -0.37 -50.45 -14.70
N GLU D 467 0.28 -51.48 -15.22
CA GLU D 467 1.33 -51.31 -16.23
C GLU D 467 0.80 -50.83 -17.59
N ASN D 468 -0.52 -50.89 -17.78
CA ASN D 468 -1.13 -50.41 -19.01
C ASN D 468 -1.59 -48.97 -18.91
N HIS D 469 -1.27 -48.31 -17.79
CA HIS D 469 -1.63 -46.92 -17.57
C HIS D 469 -0.39 -46.05 -17.50
N LEU D 470 0.77 -46.64 -17.79
CA LEU D 470 2.05 -45.95 -17.67
C LEU D 470 2.15 -44.68 -18.53
N THR D 471 2.03 -44.84 -19.84
CA THR D 471 2.12 -43.71 -20.77
C THR D 471 1.04 -42.66 -20.50
N GLN D 472 -0.14 -43.12 -20.09
CA GLN D 472 -1.26 -42.23 -19.82
C GLN D 472 -1.00 -41.34 -18.60
N LEU D 473 -0.57 -41.96 -17.51
CA LEU D 473 -0.29 -41.22 -16.28
C LEU D 473 0.96 -40.37 -16.44
N LYS D 474 1.89 -40.84 -17.25
CA LYS D 474 3.10 -40.09 -17.56
C LYS D 474 2.74 -38.86 -18.39
N GLU D 475 1.68 -38.98 -19.17
CA GLU D 475 1.13 -37.86 -19.92
C GLU D 475 0.44 -36.88 -18.98
N GLN D 476 -0.28 -37.43 -18.00
CA GLN D 476 -0.99 -36.60 -17.03
C GLN D 476 -0.03 -35.81 -16.14
N LEU D 477 1.12 -36.41 -15.84
CA LEU D 477 2.12 -35.75 -14.99
C LEU D 477 2.82 -34.58 -15.69
N SER D 478 2.68 -34.50 -17.00
CA SER D 478 3.31 -33.45 -17.78
C SER D 478 2.44 -32.20 -17.86
N ARG D 479 1.39 -32.17 -17.04
CA ARG D 479 0.44 -31.06 -17.07
C ARG D 479 0.43 -30.30 -15.75
N THR D 480 0.74 -29.00 -15.82
CA THR D 480 0.74 -28.14 -14.64
C THR D 480 -0.69 -27.89 -14.16
N PRO D 481 -0.96 -28.22 -12.88
CA PRO D 481 -2.30 -28.15 -12.27
C PRO D 481 -2.96 -26.78 -12.37
N ARG D 482 -4.30 -26.80 -12.40
CA ARG D 482 -5.12 -25.59 -12.44
C ARG D 482 -5.98 -25.57 -11.18
N PRO D 483 -6.47 -24.37 -10.80
CA PRO D 483 -7.28 -24.26 -9.57
C PRO D 483 -8.50 -25.17 -9.55
N PHE D 484 -8.76 -25.78 -8.40
CA PHE D 484 -9.91 -26.67 -8.23
C PHE D 484 -11.21 -25.91 -8.46
N PRO D 485 -12.22 -26.59 -9.02
CA PRO D 485 -13.53 -25.97 -9.26
C PRO D 485 -14.33 -25.84 -7.96
N GLN D 486 -15.55 -25.35 -8.08
CA GLN D 486 -16.45 -25.23 -6.94
C GLN D 486 -17.67 -26.11 -7.16
N LEU D 487 -18.21 -26.66 -6.08
CA LEU D 487 -19.41 -27.48 -6.19
C LEU D 487 -20.51 -26.91 -5.31
N LYS D 488 -21.64 -26.55 -5.93
CA LYS D 488 -22.75 -25.97 -5.19
C LYS D 488 -24.05 -26.71 -5.45
N PHE D 489 -24.86 -26.87 -4.40
CA PHE D 489 -26.17 -27.48 -4.53
C PHE D 489 -27.21 -26.43 -4.84
N LYS D 490 -28.09 -26.71 -5.80
CA LYS D 490 -29.08 -25.73 -6.23
C LYS D 490 -30.27 -25.66 -5.26
N ARG D 491 -30.46 -26.73 -4.48
CA ARG D 491 -31.55 -26.79 -3.52
C ARG D 491 -31.19 -27.61 -2.29
N LYS D 492 -31.83 -27.31 -1.18
CA LYS D 492 -31.61 -28.05 0.06
C LYS D 492 -32.67 -29.14 0.20
N VAL D 493 -32.23 -30.39 0.34
CA VAL D 493 -33.14 -31.51 0.44
C VAL D 493 -33.43 -31.88 1.89
N GLU D 494 -34.54 -32.57 2.10
CA GLU D 494 -34.92 -33.03 3.44
C GLU D 494 -34.36 -34.42 3.72
N ASN D 495 -34.28 -35.23 2.66
CA ASN D 495 -33.68 -36.56 2.76
C ASN D 495 -32.47 -36.64 1.85
N ILE D 496 -31.41 -37.27 2.35
CA ILE D 496 -30.14 -37.35 1.61
C ILE D 496 -30.29 -38.19 0.33
N GLU D 497 -31.33 -39.02 0.28
CA GLU D 497 -31.58 -39.88 -0.86
C GLU D 497 -32.32 -39.14 -1.98
N ASP D 498 -32.64 -37.87 -1.74
CA ASP D 498 -33.41 -37.09 -2.70
C ASP D 498 -32.53 -36.27 -3.64
N PHE D 499 -31.21 -36.40 -3.51
CA PHE D 499 -30.29 -35.66 -4.36
C PHE D 499 -30.40 -36.10 -5.82
N LYS D 500 -30.39 -35.11 -6.72
CA LYS D 500 -30.46 -35.38 -8.15
C LYS D 500 -29.29 -34.70 -8.86
N TRP D 501 -28.98 -35.16 -10.07
CA TRP D 501 -27.87 -34.61 -10.84
C TRP D 501 -28.13 -33.16 -11.25
N GLU D 502 -29.41 -32.82 -11.41
CA GLU D 502 -29.78 -31.47 -11.79
C GLU D 502 -29.57 -30.48 -10.63
N ASP D 503 -29.45 -31.02 -9.43
CA ASP D 503 -29.24 -30.20 -8.23
C ASP D 503 -27.77 -29.85 -8.06
N ILE D 504 -26.92 -30.40 -8.91
CA ILE D 504 -25.49 -30.18 -8.81
C ILE D 504 -24.99 -29.12 -9.80
N GLU D 505 -24.28 -28.14 -9.28
CA GLU D 505 -23.71 -27.08 -10.10
C GLU D 505 -22.19 -27.02 -9.92
N LEU D 506 -21.47 -27.37 -10.99
CA LEU D 506 -20.02 -27.34 -10.98
C LEU D 506 -19.49 -26.07 -11.65
N ILE D 507 -18.90 -25.19 -10.86
CA ILE D 507 -18.52 -23.86 -11.33
C ILE D 507 -17.01 -23.68 -11.42
N GLY D 508 -16.53 -23.31 -12.61
CA GLY D 508 -15.14 -22.97 -12.80
C GLY D 508 -14.23 -24.17 -13.01
N TYR D 509 -14.76 -25.18 -13.69
CA TYR D 509 -13.98 -26.38 -13.97
C TYR D 509 -13.41 -26.35 -15.38
N TYR D 510 -12.12 -26.04 -15.49
CA TYR D 510 -11.45 -25.98 -16.79
C TYR D 510 -10.26 -26.93 -16.81
N PRO D 511 -10.53 -28.24 -16.98
CA PRO D 511 -9.49 -29.27 -16.89
C PRO D 511 -8.78 -29.50 -18.23
N TYR D 512 -7.67 -30.22 -18.17
CA TYR D 512 -6.99 -30.70 -19.38
C TYR D 512 -7.83 -31.78 -20.05
N PRO D 513 -7.61 -32.03 -21.35
CA PRO D 513 -8.38 -33.04 -22.09
C PRO D 513 -8.39 -34.41 -21.43
N THR D 514 -9.44 -35.18 -21.71
CA THR D 514 -9.62 -36.50 -21.10
C THR D 514 -8.49 -37.46 -21.47
N ILE D 515 -8.23 -38.41 -20.59
CA ILE D 515 -7.21 -39.43 -20.84
C ILE D 515 -7.81 -40.83 -20.80
N LYS D 516 -7.83 -41.49 -21.95
CA LYS D 516 -8.44 -42.81 -22.08
C LYS D 516 -7.61 -43.87 -21.37
N MET D 517 -8.24 -44.58 -20.44
CA MET D 517 -7.57 -45.66 -19.71
C MET D 517 -8.51 -46.85 -19.52
N ASP D 518 -8.00 -48.04 -19.79
CA ASP D 518 -8.81 -49.26 -19.73
C ASP D 518 -8.86 -49.84 -18.32
N MET D 519 -10.03 -50.38 -17.95
CA MET D 519 -10.21 -50.96 -16.62
C MET D 519 -9.81 -52.42 -16.59
N ALA D 520 -9.02 -52.80 -15.58
CA ALA D 520 -8.61 -54.18 -15.40
C ALA D 520 -9.71 -54.97 -14.67
N VAL D 521 -10.34 -55.88 -15.39
CA VAL D 521 -11.44 -56.66 -14.83
C VAL D 521 -10.94 -57.69 -13.82
N GLU E 3 53.21 56.97 -53.71
CA GLU E 3 52.97 55.99 -52.64
C GLU E 3 52.89 56.69 -51.28
N LYS E 4 51.89 56.32 -50.50
CA LYS E 4 51.69 56.92 -49.18
C LYS E 4 51.26 55.86 -48.16
N ASN E 5 51.68 56.04 -46.92
CA ASN E 5 51.43 55.04 -45.87
C ASN E 5 49.99 55.05 -45.35
N VAL E 6 49.39 53.86 -45.28
CA VAL E 6 48.03 53.70 -44.78
C VAL E 6 47.99 52.79 -43.56
N SER E 7 47.74 53.37 -42.39
CA SER E 7 47.73 52.61 -41.14
C SER E 7 46.34 52.45 -40.57
N ILE E 8 46.13 51.35 -39.83
CA ILE E 8 44.85 51.11 -39.17
C ILE E 8 44.93 51.35 -37.67
N VAL E 9 43.99 52.13 -37.14
CA VAL E 9 43.91 52.36 -35.71
C VAL E 9 42.62 51.76 -35.17
N VAL E 10 42.73 50.87 -34.18
CA VAL E 10 41.58 50.16 -33.66
C VAL E 10 41.79 49.65 -32.23
N ALA E 11 40.77 49.79 -31.40
CA ALA E 11 40.78 49.22 -30.05
C ALA E 11 39.80 48.06 -29.97
N ALA E 12 40.33 46.85 -29.83
CA ALA E 12 39.49 45.65 -29.76
C ALA E 12 39.75 44.88 -28.47
N SER E 13 38.81 44.02 -28.10
CA SER E 13 38.97 43.17 -26.92
C SER E 13 40.08 42.15 -27.16
N VAL E 14 40.62 41.61 -26.06
CA VAL E 14 41.78 40.72 -26.14
C VAL E 14 41.50 39.42 -26.89
N LEU E 15 40.34 38.81 -26.65
CA LEU E 15 40.03 37.49 -27.22
C LEU E 15 39.16 37.56 -28.47
N SER E 16 37.90 37.93 -28.30
CA SER E 16 36.94 37.93 -29.41
C SER E 16 37.08 39.16 -30.31
N SER E 17 37.98 40.06 -29.93
CA SER E 17 38.27 41.26 -30.72
C SER E 17 37.03 42.13 -30.98
N GLY E 18 36.18 42.27 -29.98
CA GLY E 18 35.02 43.13 -30.07
C GLY E 18 35.41 44.60 -29.98
N ILE E 19 34.73 45.44 -30.75
CA ILE E 19 35.07 46.86 -30.80
C ILE E 19 33.92 47.81 -30.44
N GLY E 20 32.69 47.31 -30.48
CA GLY E 20 31.55 48.16 -30.21
C GLY E 20 30.28 47.44 -29.78
N ILE E 21 29.35 48.19 -29.19
CA ILE E 21 28.07 47.67 -28.76
C ILE E 21 26.98 48.74 -28.81
N ASN E 22 25.89 48.44 -29.51
CA ASN E 22 24.74 49.35 -29.63
C ASN E 22 25.10 50.74 -30.12
N GLY E 23 26.04 50.83 -31.06
CA GLY E 23 26.41 52.09 -31.65
C GLY E 23 27.37 52.90 -30.80
N GLN E 24 28.03 52.23 -29.85
CA GLN E 24 29.01 52.89 -29.00
C GLN E 24 30.05 51.91 -28.47
N LEU E 25 31.07 52.44 -27.79
CA LEU E 25 32.14 51.62 -27.23
C LEU E 25 31.70 50.93 -25.95
N PRO E 26 32.13 49.67 -25.77
CA PRO E 26 31.84 48.91 -24.54
C PRO E 26 32.79 49.26 -23.41
N TRP E 27 33.54 50.35 -23.55
CA TRP E 27 34.44 50.82 -22.51
C TRP E 27 34.70 52.32 -22.63
N SER E 28 35.27 52.90 -21.58
CA SER E 28 35.62 54.31 -21.56
C SER E 28 37.04 54.51 -21.05
N ILE E 29 37.99 54.57 -21.97
CA ILE E 29 39.40 54.73 -21.61
C ILE E 29 39.97 56.01 -22.22
N SER E 30 40.18 57.02 -21.38
CA SER E 30 40.66 58.31 -21.84
C SER E 30 42.06 58.21 -22.45
N GLU E 31 42.89 57.33 -21.88
CA GLU E 31 44.24 57.12 -22.40
C GLU E 31 44.22 56.55 -23.80
N ASP E 32 43.21 55.74 -24.09
CA ASP E 32 43.06 55.12 -25.41
C ASP E 32 42.65 56.14 -26.46
N LEU E 33 41.66 56.96 -26.12
CA LEU E 33 41.19 58.01 -27.02
C LEU E 33 42.28 59.03 -27.26
N LYS E 34 43.04 59.33 -26.20
CA LYS E 34 44.18 60.23 -26.32
C LYS E 34 45.25 59.63 -27.21
N PHE E 35 45.48 58.33 -27.06
CA PHE E 35 46.42 57.61 -27.91
C PHE E 35 46.02 57.71 -29.38
N PHE E 36 44.73 57.56 -29.63
CA PHE E 36 44.18 57.72 -30.97
C PHE E 36 44.46 59.12 -31.48
N SER E 37 44.21 60.11 -30.63
CA SER E 37 44.41 61.51 -30.99
C SER E 37 45.85 61.80 -31.38
N LYS E 38 46.79 61.31 -30.58
CA LYS E 38 48.20 61.57 -30.82
C LYS E 38 48.73 60.79 -32.02
N ILE E 39 48.24 59.57 -32.20
CA ILE E 39 48.69 58.74 -33.30
C ILE E 39 48.09 59.19 -34.63
N THR E 40 47.00 59.95 -34.56
CA THR E 40 46.37 60.48 -35.77
C THR E 40 46.80 61.92 -36.06
N ASN E 41 47.30 62.61 -35.04
CA ASN E 41 47.81 63.96 -35.21
C ASN E 41 49.31 63.99 -35.52
N ASN E 42 49.93 62.81 -35.48
CA ASN E 42 51.37 62.70 -35.72
C ASN E 42 51.72 62.93 -37.20
N LYS E 43 52.53 63.94 -37.46
CA LYS E 43 52.92 64.27 -38.83
C LYS E 43 54.25 65.01 -38.85
N CYS E 44 54.86 65.08 -40.04
CA CYS E 44 56.13 65.78 -40.21
C CYS E 44 55.93 67.17 -40.80
N ASP E 45 55.21 67.25 -41.92
CA ASP E 45 54.97 68.52 -42.58
C ASP E 45 53.82 69.26 -41.90
N SER E 46 54.07 70.51 -41.52
CA SER E 46 53.06 71.34 -40.87
C SER E 46 52.01 71.81 -41.88
N ASN E 47 52.39 71.86 -43.15
CA ASN E 47 51.49 72.31 -44.21
C ASN E 47 50.57 71.19 -44.70
N LYS E 48 50.75 69.99 -44.15
CA LYS E 48 49.94 68.85 -44.54
C LYS E 48 49.06 68.38 -43.37
N LYS E 49 48.06 67.56 -43.70
CA LYS E 49 47.16 67.02 -42.70
C LYS E 49 47.03 65.51 -42.86
N ASN E 50 46.38 64.86 -41.89
CA ASN E 50 46.12 63.43 -41.97
C ASN E 50 44.66 63.13 -42.28
N ALA E 51 44.43 62.18 -43.18
CA ALA E 51 43.07 61.80 -43.57
C ALA E 51 42.58 60.64 -42.71
N LEU E 52 41.35 60.75 -42.22
CA LEU E 52 40.77 59.73 -41.35
C LEU E 52 39.56 59.06 -42.01
N ILE E 53 39.74 57.82 -42.44
CA ILE E 53 38.66 57.07 -43.06
C ILE E 53 37.84 56.33 -42.01
N MET E 54 36.52 56.50 -42.06
CA MET E 54 35.63 55.84 -41.12
C MET E 54 34.27 55.57 -41.75
N GLY E 55 33.55 54.60 -41.19
CA GLY E 55 32.22 54.27 -41.67
C GLY E 55 31.20 55.33 -41.30
N ARG E 56 30.01 55.22 -41.86
CA ARG E 56 28.94 56.18 -41.60
C ARG E 56 28.46 56.07 -40.15
N LYS E 57 28.32 54.84 -39.66
CA LYS E 57 27.86 54.60 -38.31
C LYS E 57 28.88 55.08 -37.28
N THR E 58 30.17 54.98 -37.63
CA THR E 58 31.23 55.50 -36.78
C THR E 58 31.16 57.03 -36.78
N TRP E 59 30.84 57.60 -37.93
CA TRP E 59 30.67 59.04 -38.06
C TRP E 59 29.49 59.52 -37.23
N ASP E 60 28.50 58.65 -37.05
CA ASP E 60 27.36 58.94 -36.20
C ASP E 60 27.74 58.79 -34.73
N SER E 61 28.64 57.85 -34.45
CA SER E 61 29.07 57.55 -33.08
C SER E 61 29.79 58.73 -32.44
N ILE E 62 30.56 59.48 -33.24
CA ILE E 62 31.31 60.62 -32.72
C ILE E 62 30.47 61.89 -32.71
N GLY E 63 29.17 61.75 -32.90
CA GLY E 63 28.25 62.86 -32.84
C GLY E 63 28.27 63.73 -34.09
N ARG E 64 28.86 63.21 -35.16
CA ARG E 64 28.97 63.91 -36.43
C ARG E 64 29.64 65.27 -36.30
N ARG E 65 30.71 65.33 -35.52
CA ARG E 65 31.47 66.56 -35.35
C ARG E 65 32.93 66.31 -35.72
N PRO E 66 33.52 67.22 -36.52
CA PRO E 66 34.87 67.03 -37.05
C PRO E 66 35.97 67.06 -35.99
N LEU E 67 37.08 66.39 -36.27
CA LEU E 67 38.23 66.37 -35.38
C LEU E 67 39.25 67.42 -35.83
N LYS E 68 39.77 68.17 -34.88
CA LYS E 68 40.69 69.27 -35.17
C LYS E 68 41.99 68.77 -35.80
N ASN E 69 42.53 69.57 -36.72
CA ASN E 69 43.80 69.28 -37.39
C ASN E 69 43.80 67.98 -38.20
N ARG E 70 42.61 67.48 -38.53
CA ARG E 70 42.48 66.25 -39.31
C ARG E 70 41.30 66.33 -40.28
N ILE E 71 41.37 65.54 -41.34
CA ILE E 71 40.31 65.50 -42.34
C ILE E 71 39.57 64.17 -42.30
N ILE E 72 38.33 64.20 -41.83
CA ILE E 72 37.53 62.98 -41.71
C ILE E 72 36.87 62.60 -43.03
N VAL E 73 37.13 61.38 -43.49
CA VAL E 73 36.52 60.87 -44.71
C VAL E 73 35.44 59.86 -44.38
N VAL E 74 34.19 60.24 -44.64
CA VAL E 74 33.05 59.38 -44.30
C VAL E 74 32.62 58.53 -45.48
N ILE E 75 32.53 57.22 -45.26
CA ILE E 75 32.07 56.30 -46.30
C ILE E 75 30.58 56.02 -46.14
N SER E 76 29.79 56.47 -47.12
CA SER E 76 28.34 56.26 -47.07
C SER E 76 27.74 56.35 -48.48
N SER E 77 26.68 55.58 -48.71
CA SER E 77 26.00 55.59 -50.00
C SER E 77 24.77 56.48 -49.98
N SER E 78 24.45 57.01 -48.80
CA SER E 78 23.27 57.84 -48.63
C SER E 78 23.63 59.27 -48.25
N LEU E 79 24.69 59.43 -47.47
CA LEU E 79 25.14 60.74 -47.00
C LEU E 79 25.56 61.62 -48.17
N PRO E 80 24.93 62.79 -48.31
CA PRO E 80 25.24 63.73 -49.41
C PRO E 80 26.65 64.27 -49.31
N GLN E 81 27.27 64.49 -50.47
CA GLN E 81 28.63 65.03 -50.53
C GLN E 81 28.67 66.47 -50.01
N ASP E 82 28.83 66.61 -48.70
CA ASP E 82 28.85 67.93 -48.07
C ASP E 82 30.11 68.71 -48.45
N GLU E 83 29.94 69.72 -49.30
CA GLU E 83 31.04 70.57 -49.71
C GLU E 83 31.17 71.78 -48.79
N ALA E 84 30.27 71.88 -47.83
CA ALA E 84 30.28 72.97 -46.87
C ALA E 84 31.47 72.87 -45.91
N ASP E 85 31.49 71.80 -45.12
CA ASP E 85 32.58 71.57 -44.17
C ASP E 85 33.82 71.10 -44.91
N PRO E 86 34.91 71.88 -44.85
CA PRO E 86 36.16 71.57 -45.54
C PRO E 86 36.99 70.54 -44.78
N ASN E 87 36.53 70.14 -43.61
CA ASN E 87 37.25 69.15 -42.80
C ASN E 87 36.63 67.77 -42.90
N VAL E 88 35.44 67.69 -43.52
CA VAL E 88 34.75 66.43 -43.70
C VAL E 88 34.36 66.24 -45.17
N VAL E 89 34.62 65.06 -45.70
CA VAL E 89 34.30 64.75 -47.09
C VAL E 89 33.68 63.35 -47.18
N VAL E 90 32.73 63.18 -48.10
CA VAL E 90 32.01 61.91 -48.24
C VAL E 90 32.27 61.24 -49.58
N PHE E 91 32.60 59.95 -49.54
CA PHE E 91 32.79 59.16 -50.76
C PHE E 91 31.80 58.00 -50.80
N ARG E 92 31.53 57.51 -52.01
CA ARG E 92 30.52 56.47 -52.21
C ARG E 92 31.05 55.07 -51.89
N ASN E 93 32.34 54.85 -52.12
CA ASN E 93 32.97 53.58 -51.81
C ASN E 93 34.39 53.76 -51.27
N LEU E 94 34.91 52.71 -50.64
CA LEU E 94 36.23 52.76 -50.01
C LEU E 94 37.36 52.95 -51.01
N GLU E 95 37.24 52.29 -52.16
CA GLU E 95 38.30 52.33 -53.18
C GLU E 95 38.51 53.74 -53.74
N ASP E 96 37.42 54.41 -54.11
CA ASP E 96 37.50 55.76 -54.65
C ASP E 96 37.94 56.76 -53.58
N SER E 97 37.66 56.45 -52.32
CA SER E 97 38.03 57.33 -51.22
C SER E 97 39.54 57.44 -51.08
N ILE E 98 40.24 56.36 -51.42
CA ILE E 98 41.70 56.34 -51.35
C ILE E 98 42.28 56.88 -52.66
N GLU E 99 41.99 58.15 -52.94
CA GLU E 99 42.57 58.85 -54.07
C GLU E 99 43.70 59.75 -53.59
N ASN E 100 43.85 59.81 -52.27
CA ASN E 100 44.89 60.62 -51.64
C ASN E 100 46.30 60.21 -52.07
N LEU E 101 46.42 58.98 -52.53
CA LEU E 101 47.69 58.46 -53.02
C LEU E 101 48.11 59.15 -54.32
N MET E 102 47.26 59.03 -55.34
CA MET E 102 47.58 59.53 -56.67
C MET E 102 47.59 61.05 -56.77
N ASN E 103 46.65 61.71 -56.10
CA ASN E 103 46.58 63.16 -56.14
C ASN E 103 46.39 63.76 -54.74
N ASP E 104 46.28 65.08 -54.69
CA ASP E 104 46.14 65.81 -53.43
C ASP E 104 47.29 65.53 -52.47
N ASP E 105 48.39 66.24 -52.67
CA ASP E 105 49.60 66.05 -51.87
C ASP E 105 49.53 66.79 -50.54
N SER E 106 48.37 67.33 -50.21
CA SER E 106 48.19 68.03 -48.94
C SER E 106 47.94 67.05 -47.79
N ILE E 107 47.81 65.77 -48.13
CA ILE E 107 47.65 64.72 -47.13
C ILE E 107 48.98 63.97 -46.97
N GLU E 108 49.42 63.82 -45.72
CA GLU E 108 50.69 63.17 -45.44
C GLU E 108 50.51 61.70 -45.06
N ASN E 109 49.48 61.42 -44.28
CA ASN E 109 49.21 60.05 -43.86
C ASN E 109 47.72 59.71 -43.92
N ILE E 110 47.42 58.42 -44.10
CA ILE E 110 46.04 57.96 -44.15
C ILE E 110 45.78 56.94 -43.06
N PHE E 111 44.71 57.15 -42.30
CA PHE E 111 44.36 56.25 -41.21
C PHE E 111 42.95 55.70 -41.34
N VAL E 112 42.81 54.39 -41.14
CA VAL E 112 41.50 53.78 -41.04
C VAL E 112 41.13 53.75 -39.56
N CYS E 113 40.11 54.53 -39.19
CA CYS E 113 39.82 54.78 -37.79
C CYS E 113 38.73 53.89 -37.20
N GLY E 114 37.88 53.32 -38.03
CA GLY E 114 36.82 52.46 -37.53
C GLY E 114 35.82 51.97 -38.55
N GLY E 115 35.02 50.98 -38.12
CA GLY E 115 34.02 50.36 -38.97
C GLY E 115 34.42 48.95 -39.37
N GLU E 116 33.70 47.96 -38.84
CA GLU E 116 33.94 46.57 -39.19
C GLU E 116 33.73 46.34 -40.68
N SER E 117 32.67 46.94 -41.21
CA SER E 117 32.38 46.86 -42.64
C SER E 117 33.49 47.53 -43.45
N ILE E 118 34.14 48.51 -42.84
CA ILE E 118 35.25 49.21 -43.48
C ILE E 118 36.56 48.44 -43.30
N TYR E 119 36.82 48.00 -42.06
CA TYR E 119 38.01 47.20 -41.76
C TYR E 119 38.12 45.97 -42.66
N ARG E 120 37.02 45.23 -42.74
CA ARG E 120 37.00 43.96 -43.45
C ARG E 120 37.34 44.08 -44.93
N ASP E 121 36.79 45.08 -45.61
CA ASP E 121 37.09 45.27 -47.02
C ASP E 121 38.30 46.19 -47.26
N ALA E 122 38.87 46.70 -46.17
CA ALA E 122 40.15 47.40 -46.25
C ALA E 122 41.26 46.37 -46.16
N LEU E 123 40.97 45.25 -45.50
CA LEU E 123 41.90 44.13 -45.41
C LEU E 123 41.77 43.22 -46.62
N LYS E 124 40.53 43.00 -47.06
CA LYS E 124 40.25 42.10 -48.17
C LYS E 124 40.83 42.61 -49.48
N ASP E 125 40.80 43.93 -49.67
CA ASP E 125 41.31 44.55 -50.89
C ASP E 125 42.77 44.96 -50.75
N ASN E 126 43.34 44.67 -49.58
CA ASN E 126 44.76 44.91 -49.31
C ASN E 126 45.18 46.38 -49.52
N PHE E 127 44.77 47.24 -48.60
CA PHE E 127 45.12 48.65 -48.65
C PHE E 127 45.90 49.07 -47.41
N VAL E 128 45.99 48.16 -46.45
CA VAL E 128 46.58 48.46 -45.15
C VAL E 128 48.05 48.09 -45.06
N ASP E 129 48.86 49.04 -44.59
CA ASP E 129 50.29 48.81 -44.40
C ASP E 129 50.60 48.50 -42.95
N ARG E 130 49.99 49.26 -42.03
CA ARG E 130 50.28 49.12 -40.62
C ARG E 130 48.98 49.04 -39.80
N ILE E 131 49.07 48.39 -38.64
CA ILE E 131 47.91 48.24 -37.76
C ILE E 131 48.25 48.61 -36.31
N TYR E 132 47.55 49.60 -35.77
CA TYR E 132 47.73 49.97 -34.38
C TYR E 132 46.62 49.37 -33.52
N LEU E 133 46.88 48.20 -32.96
CA LEU E 133 45.86 47.48 -32.19
C LEU E 133 45.96 47.74 -30.69
N THR E 134 44.86 48.16 -30.10
CA THR E 134 44.81 48.39 -28.65
C THR E 134 43.97 47.30 -27.98
N ARG E 135 44.65 46.24 -27.53
CA ARG E 135 43.97 45.12 -26.89
C ARG E 135 43.43 45.52 -25.51
N VAL E 136 42.15 45.23 -25.28
CA VAL E 136 41.53 45.54 -23.99
C VAL E 136 41.10 44.26 -23.29
N ALA E 137 41.32 44.19 -21.98
CA ALA E 137 41.13 42.96 -21.23
C ALA E 137 39.75 42.82 -20.57
N LEU E 138 38.73 42.60 -21.38
CA LEU E 138 37.39 42.25 -20.88
C LEU E 138 36.60 41.49 -21.94
N GLU E 139 36.00 40.37 -21.55
CA GLU E 139 35.35 39.48 -22.50
C GLU E 139 34.00 38.96 -22.02
N ASP E 140 33.69 39.20 -20.75
CA ASP E 140 32.42 38.73 -20.19
C ASP E 140 31.30 39.74 -20.40
N ILE E 141 31.36 40.46 -21.51
CA ILE E 141 30.33 41.44 -21.86
C ILE E 141 29.74 41.12 -23.23
N GLU E 142 28.89 42.02 -23.72
CA GLU E 142 28.20 41.80 -24.99
C GLU E 142 28.76 42.65 -26.11
N PHE E 143 28.97 42.03 -27.27
CA PHE E 143 29.43 42.74 -28.46
C PHE E 143 28.46 42.51 -29.62
N ASP E 144 28.46 43.44 -30.56
CA ASP E 144 27.68 43.29 -31.79
C ASP E 144 28.52 43.65 -33.01
N THR E 145 29.67 44.25 -32.76
CA THR E 145 30.59 44.65 -33.82
C THR E 145 32.01 44.22 -33.45
N TYR E 146 32.62 43.39 -34.29
CA TYR E 146 33.94 42.85 -34.00
C TYR E 146 35.01 43.33 -34.98
N PHE E 147 36.26 43.12 -34.62
CA PHE E 147 37.39 43.43 -35.49
C PHE E 147 37.87 42.16 -36.18
N PRO E 148 37.94 42.20 -37.52
CA PRO E 148 38.32 41.03 -38.33
C PRO E 148 39.70 40.48 -37.97
N GLU E 149 39.84 39.16 -38.06
CA GLU E 149 41.09 38.49 -37.73
C GLU E 149 42.22 38.95 -38.64
N ILE E 150 43.34 39.34 -38.04
CA ILE E 150 44.49 39.83 -38.80
C ILE E 150 45.07 38.73 -39.68
N PRO E 151 45.16 38.99 -40.99
CA PRO E 151 45.71 38.03 -41.96
C PRO E 151 47.17 37.71 -41.69
N GLU E 152 47.65 36.61 -42.26
CA GLU E 152 49.01 36.16 -42.02
C GLU E 152 50.06 37.05 -42.68
N THR E 153 49.61 37.98 -43.52
CA THR E 153 50.52 38.89 -44.21
C THR E 153 51.10 39.93 -43.25
N PHE E 154 50.48 40.07 -42.09
CA PHE E 154 50.94 41.00 -41.07
C PHE E 154 51.70 40.28 -39.96
N LEU E 155 52.67 40.97 -39.37
CA LEU E 155 53.43 40.41 -38.26
C LEU E 155 53.62 41.47 -37.17
N PRO E 156 53.42 41.06 -35.90
CA PRO E 156 53.61 41.97 -34.77
C PRO E 156 55.07 42.39 -34.62
N VAL E 157 55.30 43.68 -34.40
CA VAL E 157 56.65 44.20 -34.25
C VAL E 157 56.81 44.95 -32.94
N TYR E 158 55.71 45.10 -32.22
CA TYR E 158 55.71 45.84 -30.96
C TYR E 158 54.58 45.41 -30.04
N MET E 159 54.87 45.36 -28.74
CA MET E 159 53.87 45.05 -27.73
C MET E 159 54.19 45.78 -26.43
N SER E 160 53.46 46.87 -26.17
CA SER E 160 53.72 47.72 -25.01
C SER E 160 53.44 46.99 -23.70
N GLN E 161 53.87 47.61 -22.60
CA GLN E 161 53.59 47.08 -21.27
C GLN E 161 52.11 47.20 -20.96
N THR E 162 51.65 46.46 -19.98
CA THR E 162 50.23 46.49 -19.60
C THR E 162 49.90 47.74 -18.79
N PHE E 163 48.92 48.50 -19.27
CA PHE E 163 48.47 49.69 -18.58
C PHE E 163 47.12 49.44 -17.91
N CYS E 164 46.78 50.27 -16.92
CA CYS E 164 45.54 50.10 -16.17
C CYS E 164 44.74 51.40 -16.07
N THR E 165 43.46 51.31 -16.40
CA THR E 165 42.54 52.44 -16.24
C THR E 165 41.19 51.92 -15.78
N LYS E 166 40.76 52.39 -14.61
CA LYS E 166 39.53 51.92 -13.98
C LYS E 166 39.55 50.39 -13.81
N ASN E 167 40.68 49.88 -13.34
CA ASN E 167 40.89 48.45 -13.14
C ASN E 167 40.78 47.62 -14.42
N ILE E 168 41.00 48.27 -15.57
CA ILE E 168 40.97 47.58 -16.85
C ILE E 168 42.36 47.56 -17.48
N SER E 169 42.84 46.37 -17.81
CA SER E 169 44.17 46.20 -18.40
C SER E 169 44.14 46.38 -19.92
N TYR E 170 45.16 47.01 -20.47
CA TYR E 170 45.25 47.17 -21.92
C TYR E 170 46.68 47.34 -22.45
N ASP E 171 46.88 46.92 -23.70
CA ASP E 171 48.18 46.99 -24.36
C ASP E 171 48.12 47.82 -25.63
N PHE E 172 49.30 48.13 -26.18
CA PHE E 172 49.42 48.80 -27.46
C PHE E 172 50.36 48.03 -28.37
N MET E 173 49.84 47.49 -29.47
CA MET E 173 50.63 46.69 -30.38
C MET E 173 50.62 47.24 -31.80
N ILE E 174 51.70 46.96 -32.54
CA ILE E 174 51.83 47.39 -33.92
C ILE E 174 52.07 46.18 -34.82
N PHE E 175 51.26 46.05 -35.86
CA PHE E 175 51.43 44.97 -36.83
C PHE E 175 51.86 45.55 -38.18
N GLU E 176 52.95 45.02 -38.73
CA GLU E 176 53.47 45.53 -39.99
C GLU E 176 53.38 44.48 -41.10
N LYS E 177 53.08 44.95 -42.31
CA LYS E 177 52.92 44.06 -43.46
C LYS E 177 54.27 43.81 -44.14
N GLN E 178 54.93 42.72 -43.75
CA GLN E 178 56.22 42.36 -44.33
C GLN E 178 56.17 40.97 -44.96
N LEU E 193 74.90 48.61 -38.17
CA LEU E 193 75.78 48.51 -39.33
C LEU E 193 76.45 47.14 -39.39
N LYS E 194 76.68 46.67 -40.62
CA LYS E 194 77.19 45.32 -40.86
C LYS E 194 78.62 45.09 -40.34
N SER E 195 79.43 46.13 -40.33
CA SER E 195 80.84 46.01 -39.95
C SER E 195 81.04 45.47 -38.53
N ILE E 196 80.34 46.07 -37.57
CA ILE E 196 80.43 45.66 -36.18
C ILE E 196 80.00 44.20 -36.00
N ASP E 197 78.88 43.85 -36.61
CA ASP E 197 78.36 42.49 -36.55
C ASP E 197 79.36 41.49 -37.12
N ASP E 198 79.94 41.84 -38.27
CA ASP E 198 80.95 40.98 -38.91
C ASP E 198 82.17 40.79 -38.01
N THR E 199 82.65 41.88 -37.42
CA THR E 199 83.80 41.82 -36.52
C THR E 199 83.52 40.92 -35.32
N VAL E 200 82.35 41.12 -34.70
CA VAL E 200 81.95 40.32 -33.55
C VAL E 200 81.84 38.83 -33.93
N ASP E 201 81.32 38.57 -35.12
CA ASP E 201 81.22 37.19 -35.62
C ASP E 201 82.61 36.57 -35.81
N LEU E 202 83.53 37.34 -36.36
CA LEU E 202 84.89 36.87 -36.58
C LEU E 202 85.60 36.55 -35.27
N LEU E 203 85.46 37.46 -34.30
CA LEU E 203 86.01 37.22 -32.97
C LEU E 203 85.35 36.01 -32.32
N GLY E 204 84.08 35.78 -32.66
CA GLY E 204 83.36 34.63 -32.16
C GLY E 204 83.81 33.34 -32.81
N GLU E 205 84.43 33.47 -33.98
CA GLU E 205 84.96 32.31 -34.68
C GLU E 205 86.37 31.98 -34.17
N ILE E 206 87.18 33.00 -33.98
CA ILE E 206 88.52 32.83 -33.44
C ILE E 206 88.46 32.31 -32.01
N PHE E 207 88.01 33.16 -31.08
CA PHE E 207 87.82 32.74 -29.70
C PHE E 207 86.53 31.95 -29.60
N GLY E 208 86.58 30.84 -28.86
CA GLY E 208 85.40 29.99 -28.70
C GLY E 208 84.63 30.33 -27.44
N ILE E 209 84.71 29.44 -26.46
CA ILE E 209 84.05 29.66 -25.17
C ILE E 209 84.81 30.69 -24.36
N ARG E 210 86.02 31.03 -24.83
CA ARG E 210 86.82 32.07 -24.20
C ARG E 210 86.10 33.40 -24.24
N LYS E 211 85.49 33.70 -25.39
CA LYS E 211 84.68 34.90 -25.54
C LYS E 211 83.34 34.75 -24.83
N MET E 212 83.10 35.60 -23.84
CA MET E 212 81.88 35.53 -23.02
C MET E 212 80.62 35.72 -23.87
N GLY E 213 80.76 36.46 -24.97
CA GLY E 213 79.66 36.67 -25.88
C GLY E 213 79.14 35.38 -26.49
N ASN E 214 80.05 34.41 -26.66
CA ASN E 214 79.68 33.11 -27.19
C ASN E 214 79.08 32.20 -26.13
N ARG E 215 79.24 32.57 -24.86
CA ARG E 215 78.65 31.81 -23.77
C ARG E 215 77.21 32.24 -23.56
N HIS E 216 76.88 33.44 -24.00
CA HIS E 216 75.53 33.97 -23.92
C HIS E 216 74.99 34.26 -25.32
N LYS E 217 74.86 33.21 -26.13
CA LYS E 217 74.38 33.36 -27.49
C LYS E 217 72.92 33.77 -27.54
N PHE E 218 72.58 34.60 -28.53
CA PHE E 218 71.19 35.02 -28.72
C PHE E 218 70.36 33.84 -29.18
N PRO E 219 69.20 33.63 -28.55
CA PRO E 219 68.31 32.50 -28.83
C PRO E 219 67.90 32.43 -30.30
N LYS E 220 67.81 31.21 -30.84
CA LYS E 220 67.39 31.02 -32.22
C LYS E 220 65.91 31.33 -32.38
N GLU E 221 65.50 31.59 -33.63
CA GLU E 221 64.12 31.94 -33.93
C GLU E 221 63.14 30.82 -33.55
N GLU E 222 63.61 29.57 -33.66
CA GLU E 222 62.78 28.41 -33.38
C GLU E 222 62.34 28.33 -31.92
N ILE E 223 63.11 28.97 -31.03
CA ILE E 223 62.81 28.94 -29.60
C ILE E 223 62.62 30.35 -29.04
N TYR E 224 62.42 31.32 -29.93
CA TYR E 224 62.21 32.70 -29.52
C TYR E 224 60.73 33.05 -29.64
N ASN E 225 60.10 33.37 -28.51
CA ASN E 225 58.68 33.68 -28.49
C ASN E 225 58.34 34.93 -29.29
N THR E 226 57.52 34.75 -30.33
CA THR E 226 57.15 35.82 -31.25
C THR E 226 58.38 36.53 -31.81
N PRO E 227 59.08 35.88 -32.76
CA PRO E 227 60.35 36.37 -33.32
C PRO E 227 60.18 37.69 -34.07
N SER E 228 59.00 37.92 -34.62
CA SER E 228 58.75 39.12 -35.42
C SER E 228 58.89 40.39 -34.58
N ILE E 229 58.53 40.30 -33.30
CA ILE E 229 58.74 41.40 -32.37
C ILE E 229 60.20 41.42 -31.94
N ARG E 230 60.99 42.30 -32.54
CA ARG E 230 62.43 42.33 -32.32
C ARG E 230 62.86 43.45 -31.38
N PHE E 231 62.49 44.68 -31.73
CA PHE E 231 62.93 45.85 -30.97
C PHE E 231 61.81 46.40 -30.09
N GLY E 232 60.60 45.87 -30.27
CA GLY E 232 59.45 46.37 -29.53
C GLY E 232 58.92 45.37 -28.52
N ARG E 233 59.84 44.62 -27.91
CA ARG E 233 59.46 43.63 -26.90
C ARG E 233 59.33 44.30 -25.54
N GLU E 234 58.36 45.21 -25.44
CA GLU E 234 58.19 46.05 -24.26
C GLU E 234 57.42 45.35 -23.14
N HIS E 235 56.54 44.44 -23.51
CA HIS E 235 55.74 43.69 -22.54
C HIS E 235 56.66 42.95 -21.56
N TYR E 236 56.31 42.99 -20.28
CA TYR E 236 57.21 42.46 -19.24
C TYR E 236 57.08 40.96 -18.99
N GLU E 237 56.20 40.30 -19.73
CA GLU E 237 56.16 38.85 -19.71
C GLU E 237 57.29 38.31 -20.57
N PHE E 238 57.80 39.17 -21.45
CA PHE E 238 58.97 38.83 -22.26
C PHE E 238 60.22 38.70 -21.42
N GLN E 239 60.21 39.33 -20.24
CA GLN E 239 61.31 39.21 -19.30
C GLN E 239 61.47 37.76 -18.83
N TYR E 240 60.36 37.03 -18.85
CA TYR E 240 60.35 35.62 -18.46
C TYR E 240 60.53 34.70 -19.67
N LEU E 241 59.82 35.00 -20.75
CA LEU E 241 59.86 34.16 -21.95
C LEU E 241 61.21 34.20 -22.65
N ASP E 242 61.81 35.39 -22.74
CA ASP E 242 63.13 35.52 -23.34
C ASP E 242 64.19 34.85 -22.47
N LEU E 243 63.96 34.85 -21.16
CA LEU E 243 64.82 34.13 -20.24
C LEU E 243 64.70 32.64 -20.51
N LEU E 244 63.47 32.18 -20.72
CA LEU E 244 63.19 30.80 -21.06
C LEU E 244 63.94 30.41 -22.33
N SER E 245 63.95 31.32 -23.30
CA SER E 245 64.69 31.10 -24.55
C SER E 245 66.19 31.06 -24.29
N ARG E 246 66.66 31.91 -23.39
CA ARG E 246 68.09 32.00 -23.09
C ARG E 246 68.61 30.73 -22.40
N VAL E 247 67.85 30.19 -21.46
CA VAL E 247 68.23 28.94 -20.81
C VAL E 247 68.03 27.78 -21.80
N LEU E 248 67.04 27.91 -22.67
CA LEU E 248 66.81 26.89 -23.69
C LEU E 248 67.93 26.88 -24.72
N GLU E 249 68.69 27.97 -24.79
CA GLU E 249 69.78 28.10 -25.74
C GLU E 249 71.13 27.74 -25.16
N ASN E 250 71.48 28.36 -24.04
CA ASN E 250 72.80 28.19 -23.44
C ASN E 250 72.80 27.26 -22.23
N GLY E 251 71.66 26.60 -21.99
CA GLY E 251 71.52 25.75 -20.83
C GLY E 251 72.42 24.53 -20.85
N ALA E 252 73.35 24.48 -19.90
CA ALA E 252 74.24 23.34 -19.77
C ALA E 252 73.50 22.16 -19.14
N TYR E 253 73.46 21.05 -19.87
CA TYR E 253 72.81 19.83 -19.39
C TYR E 253 73.61 19.24 -18.23
N ARG E 254 73.07 19.36 -17.02
CA ARG E 254 73.76 18.87 -15.84
C ARG E 254 72.83 18.12 -14.89
N GLU E 255 73.41 17.30 -14.03
CA GLU E 255 72.64 16.51 -13.08
C GLU E 255 72.43 17.28 -11.79
N ASN E 256 71.68 16.70 -10.87
CA ASN E 256 71.41 17.33 -9.57
C ASN E 256 71.02 16.29 -8.52
N ARG E 257 70.50 16.77 -7.39
CA ARG E 257 70.11 15.88 -6.30
C ARG E 257 68.97 14.95 -6.71
N THR E 258 68.14 15.40 -7.65
CA THR E 258 67.04 14.60 -8.15
C THR E 258 67.50 13.79 -9.36
N GLY E 259 66.74 12.76 -9.73
CA GLY E 259 67.08 11.93 -10.87
C GLY E 259 66.87 12.62 -12.21
N ILE E 260 66.15 13.74 -12.19
CA ILE E 260 65.88 14.49 -13.41
C ILE E 260 66.91 15.60 -13.63
N SER E 261 67.68 15.46 -14.71
CA SER E 261 68.71 16.45 -15.04
C SER E 261 68.09 17.72 -15.62
N THR E 262 68.81 18.82 -15.50
CA THR E 262 68.32 20.12 -15.98
C THR E 262 69.29 20.80 -16.93
N TYR E 263 68.77 21.66 -17.80
CA TYR E 263 69.60 22.56 -18.58
C TYR E 263 69.72 23.86 -17.81
N SER E 264 70.93 24.22 -17.42
CA SER E 264 71.10 25.34 -16.49
C SER E 264 72.05 26.44 -16.96
N ILE E 265 71.67 27.68 -16.69
CA ILE E 265 72.53 28.84 -16.88
C ILE E 265 72.64 29.60 -15.56
N PHE E 266 73.65 30.47 -15.46
CA PHE E 266 73.93 31.15 -14.20
C PHE E 266 74.00 32.66 -14.36
N GLY E 267 73.34 33.39 -13.45
CA GLY E 267 73.35 34.84 -13.46
C GLY E 267 72.36 35.46 -14.42
N GLN E 268 71.12 35.61 -13.98
CA GLN E 268 70.06 36.19 -14.81
C GLN E 268 69.21 37.18 -14.02
N MET E 269 68.28 37.84 -14.69
CA MET E 269 67.35 38.75 -14.03
C MET E 269 66.08 38.99 -14.83
N MET E 270 65.01 39.35 -14.13
CA MET E 270 63.73 39.68 -14.74
C MET E 270 63.13 40.91 -14.08
N ARG E 271 62.66 41.86 -14.89
CA ARG E 271 62.03 43.06 -14.37
C ARG E 271 60.51 43.01 -14.55
N PHE E 272 59.78 43.64 -13.64
CA PHE E 272 58.32 43.63 -13.71
C PHE E 272 57.72 44.93 -13.18
N ASP E 273 56.65 45.38 -13.83
CA ASP E 273 55.91 46.55 -13.38
C ASP E 273 54.69 46.11 -12.57
N MET E 274 54.44 46.79 -11.46
CA MET E 274 53.30 46.45 -10.62
C MET E 274 52.37 47.65 -10.42
N ARG E 275 52.77 48.81 -10.92
CA ARG E 275 51.97 50.02 -10.81
C ARG E 275 50.72 49.93 -11.70
N GLU E 276 50.91 49.53 -12.95
CA GLU E 276 49.83 49.51 -13.92
C GLU E 276 49.36 48.10 -14.26
N SER E 277 49.90 47.10 -13.58
CA SER E 277 49.52 45.72 -13.83
C SER E 277 49.96 44.77 -12.73
N PHE E 278 49.74 43.47 -12.95
CA PHE E 278 50.16 42.44 -12.01
C PHE E 278 50.86 41.32 -12.77
N PRO E 279 52.14 41.09 -12.47
CA PRO E 279 52.99 40.14 -13.19
C PRO E 279 52.53 38.68 -13.05
N LEU E 280 51.36 38.37 -13.61
CA LEU E 280 50.87 37.01 -13.65
C LEU E 280 50.86 36.53 -15.10
N LEU E 281 51.59 35.44 -15.37
CA LEU E 281 51.75 34.95 -16.73
C LEU E 281 50.43 34.61 -17.41
N THR E 282 50.33 34.96 -18.69
CA THR E 282 49.12 34.72 -19.46
C THR E 282 49.33 33.58 -20.45
N THR E 283 50.59 33.23 -20.70
CA THR E 283 50.91 32.13 -21.60
C THR E 283 50.59 30.79 -20.96
N LYS E 284 50.31 30.83 -19.65
CA LYS E 284 49.92 29.64 -18.91
C LYS E 284 49.03 30.04 -17.73
N LYS E 285 47.91 29.37 -17.57
CA LYS E 285 47.00 29.66 -16.47
C LYS E 285 47.61 29.22 -15.14
N VAL E 286 48.00 30.19 -14.32
CA VAL E 286 48.68 29.91 -13.05
C VAL E 286 47.70 29.87 -11.88
N ALA E 287 47.80 28.82 -11.08
CA ALA E 287 46.95 28.66 -9.90
C ALA E 287 47.26 29.71 -8.84
N ILE E 288 46.57 30.84 -8.91
CA ILE E 288 46.81 31.98 -8.02
C ILE E 288 46.46 31.67 -6.57
N ARG E 289 45.42 30.86 -6.36
CA ARG E 289 44.94 30.54 -5.02
C ARG E 289 46.00 29.82 -4.19
N SER E 290 46.70 28.88 -4.81
CA SER E 290 47.76 28.14 -4.15
C SER E 290 48.91 29.08 -3.78
N ILE E 291 49.20 30.02 -4.68
CA ILE E 291 50.24 31.01 -4.47
C ILE E 291 49.93 31.87 -3.24
N PHE E 292 48.73 32.44 -3.22
CA PHE E 292 48.30 33.26 -2.09
C PHE E 292 48.32 32.47 -0.79
N GLU E 293 47.73 31.28 -0.82
CA GLU E 293 47.60 30.44 0.36
C GLU E 293 48.98 30.11 0.92
N GLU E 294 49.93 29.84 0.02
CA GLU E 294 51.31 29.59 0.43
C GLU E 294 51.92 30.84 1.04
N LEU E 295 51.58 31.99 0.47
CA LEU E 295 52.12 33.27 0.95
C LEU E 295 51.68 33.58 2.37
N ILE E 296 50.38 33.51 2.62
CA ILE E 296 49.86 33.75 3.97
C ILE E 296 50.26 32.62 4.92
N TRP E 297 50.52 31.45 4.37
CA TRP E 297 51.05 30.33 5.15
C TRP E 297 52.45 30.70 5.65
N PHE E 298 53.20 31.41 4.82
CA PHE E 298 54.51 31.93 5.22
C PHE E 298 54.37 33.04 6.25
N ILE E 299 53.49 34.00 5.96
CA ILE E 299 53.32 35.18 6.82
C ILE E 299 52.97 34.81 8.26
N LYS E 300 52.10 33.82 8.43
CA LYS E 300 51.71 33.37 9.77
C LYS E 300 52.86 32.67 10.49
N GLY E 301 53.87 32.26 9.73
CA GLY E 301 55.02 31.56 10.30
C GLY E 301 54.73 30.09 10.51
N ASP E 302 53.72 29.58 9.82
CA ASP E 302 53.33 28.19 9.94
C ASP E 302 54.27 27.28 9.15
N THR E 303 54.64 26.16 9.75
CA THR E 303 55.52 25.20 9.11
C THR E 303 54.82 23.87 8.87
N ASN E 304 53.56 23.80 9.31
CA ASN E 304 52.75 22.59 9.13
C ASN E 304 52.28 22.44 7.69
N GLY E 305 52.80 21.41 7.02
CA GLY E 305 52.44 21.16 5.63
C GLY E 305 51.00 20.73 5.45
N ASN E 306 50.46 20.07 6.46
CA ASN E 306 49.08 19.59 6.42
C ASN E 306 48.07 20.71 6.25
N HIS E 307 48.35 21.86 6.87
CA HIS E 307 47.49 23.04 6.77
C HIS E 307 47.32 23.50 5.33
N LEU E 308 48.32 23.25 4.50
CA LEU E 308 48.27 23.61 3.10
C LEU E 308 47.49 22.57 2.28
N ILE E 309 47.62 21.30 2.65
CA ILE E 309 46.93 20.22 1.96
C ILE E 309 45.43 20.27 2.25
N GLU E 310 45.08 20.64 3.48
CA GLU E 310 43.69 20.77 3.88
C GLU E 310 42.96 21.84 3.06
N LYS E 311 43.72 22.83 2.59
CA LYS E 311 43.18 23.90 1.77
C LYS E 311 43.39 23.61 0.30
N LYS E 312 43.55 22.33 -0.03
CA LYS E 312 43.71 21.86 -1.40
C LYS E 312 44.90 22.49 -2.13
N VAL E 313 46.02 22.62 -1.44
CA VAL E 313 47.26 23.08 -2.05
C VAL E 313 48.34 22.02 -1.86
N TYR E 314 48.74 21.39 -2.96
CA TYR E 314 49.63 20.25 -2.88
C TYR E 314 51.02 20.54 -3.44
N ILE E 315 51.48 21.77 -3.26
CA ILE E 315 52.79 22.17 -3.77
C ILE E 315 53.93 21.74 -2.85
N TRP E 316 53.61 21.47 -1.58
CA TRP E 316 54.60 20.99 -0.63
C TRP E 316 54.35 19.54 -0.24
N SER E 317 53.78 18.76 -1.16
CA SER E 317 53.49 17.36 -0.90
C SER E 317 54.72 16.49 -1.09
N GLY E 318 55.35 16.62 -2.26
CA GLY E 318 56.52 15.84 -2.60
C GLY E 318 57.70 16.09 -1.67
N ASN E 319 57.92 17.34 -1.32
CA ASN E 319 59.01 17.71 -0.42
C ASN E 319 58.61 17.57 1.05
N GLY E 320 57.46 16.95 1.29
CA GLY E 320 56.96 16.75 2.64
C GLY E 320 56.76 15.29 2.96
N SER E 321 56.61 14.48 1.92
CA SER E 321 56.31 13.05 2.06
C SER E 321 57.26 12.31 3.00
N LYS E 322 56.75 11.23 3.61
CA LYS E 322 57.52 10.45 4.56
C LYS E 322 58.77 9.83 3.94
N GLU E 323 58.65 9.41 2.69
CA GLU E 323 59.77 8.79 1.97
C GLU E 323 60.89 9.81 1.75
N TYR E 324 60.53 10.99 1.28
CA TYR E 324 61.49 12.06 1.03
C TYR E 324 62.14 12.54 2.33
N LEU E 325 61.33 12.64 3.38
CA LEU E 325 61.81 13.08 4.68
C LEU E 325 62.79 12.08 5.28
N GLU E 326 62.43 10.80 5.20
CA GLU E 326 63.29 9.73 5.70
C GLU E 326 64.56 9.62 4.87
N ARG E 327 64.45 9.98 3.59
CA ARG E 327 65.59 9.90 2.67
C ARG E 327 66.67 10.93 2.99
N ILE E 328 66.26 12.13 3.41
CA ILE E 328 67.21 13.19 3.72
C ILE E 328 67.66 13.14 5.18
N GLY E 329 67.36 12.03 5.86
CA GLY E 329 67.80 11.83 7.23
C GLY E 329 66.91 12.47 8.28
N LEU E 330 65.62 12.60 7.95
CA LEU E 330 64.65 13.18 8.88
C LEU E 330 63.46 12.25 9.07
N GLY E 331 63.74 10.98 9.33
CA GLY E 331 62.70 9.99 9.52
C GLY E 331 61.96 10.16 10.85
N HIS E 332 62.62 10.82 11.80
CA HIS E 332 62.03 11.06 13.11
C HIS E 332 60.97 12.14 13.02
N ARG E 333 60.99 12.90 11.93
CA ARG E 333 60.08 14.02 11.74
C ARG E 333 58.68 13.53 11.38
N GLU E 334 57.68 14.36 11.66
CA GLU E 334 56.29 13.99 11.41
C GLU E 334 55.97 13.98 9.91
N GLU E 335 54.78 13.49 9.57
CA GLU E 335 54.36 13.30 8.18
C GLU E 335 54.56 14.52 7.27
N ASN E 336 54.33 15.71 7.80
CA ASN E 336 54.45 16.92 7.00
C ASN E 336 55.14 18.08 7.72
N ASP E 337 55.96 17.74 8.71
CA ASP E 337 56.73 18.76 9.43
C ASP E 337 57.95 19.12 8.60
N LEU E 338 57.88 20.29 7.97
CA LEU E 338 58.92 20.74 7.05
C LEU E 338 60.11 21.36 7.78
N GLY E 339 59.93 21.66 9.06
CA GLY E 339 60.99 22.25 9.86
C GLY E 339 61.07 23.75 9.71
N PRO E 340 62.15 24.35 10.23
CA PRO E 340 62.34 25.81 10.23
C PRO E 340 62.55 26.38 8.82
N ILE E 341 61.53 26.25 7.97
CA ILE E 341 61.60 26.76 6.61
C ILE E 341 61.14 28.22 6.54
N TYR E 342 60.60 28.61 5.39
CA TYR E 342 60.09 29.96 5.19
C TYR E 342 59.02 30.28 6.22
N GLY E 343 58.99 31.53 6.66
CA GLY E 343 58.01 31.97 7.64
C GLY E 343 58.53 31.82 9.06
N PHE E 344 59.09 30.65 9.36
CA PHE E 344 59.69 30.41 10.67
C PHE E 344 60.96 31.25 10.80
N GLN E 345 61.62 31.50 9.68
CA GLN E 345 62.81 32.34 9.68
C GLN E 345 62.41 33.82 9.58
N TRP E 346 61.19 34.06 9.10
CA TRP E 346 60.65 35.40 8.99
C TRP E 346 60.18 35.93 10.33
N ARG E 347 59.58 35.05 11.13
CA ARG E 347 58.96 35.46 12.39
C ARG E 347 59.77 35.02 13.62
N HIS E 348 60.56 33.97 13.47
CA HIS E 348 61.33 33.44 14.59
C HIS E 348 62.73 33.01 14.14
N TYR E 349 63.50 33.97 13.63
CA TYR E 349 64.85 33.68 13.13
C TYR E 349 65.76 33.24 14.28
N ASN E 350 66.59 32.23 14.00
CA ASN E 350 67.49 31.65 15.00
C ASN E 350 66.76 31.06 16.21
N GLY E 351 65.47 30.76 16.02
CA GLY E 351 64.67 30.15 17.07
C GLY E 351 64.83 28.63 17.07
N GLU E 352 65.07 28.07 18.26
CA GLU E 352 65.27 26.63 18.39
C GLU E 352 64.00 25.87 17.99
N TYR E 353 64.07 25.19 16.85
CA TYR E 353 62.91 24.48 16.33
C TYR E 353 62.75 23.09 16.96
N LYS E 354 61.54 22.80 17.42
CA LYS E 354 61.21 21.50 17.96
C LYS E 354 60.33 20.74 16.96
N THR E 355 59.02 20.94 17.08
CA THR E 355 58.07 20.36 16.13
C THR E 355 57.18 21.47 15.56
N MET E 356 56.31 21.10 14.63
CA MET E 356 55.43 22.07 13.98
C MET E 356 54.21 22.41 14.84
N HIS E 357 54.06 21.69 15.95
CA HIS E 357 52.89 21.89 16.83
C HIS E 357 53.19 22.84 17.98
N ASP E 358 54.47 23.01 18.30
CA ASP E 358 54.87 23.89 19.39
C ASP E 358 54.56 25.35 19.08
N ASP E 359 54.36 26.14 20.12
CA ASP E 359 54.03 27.55 19.96
C ASP E 359 55.29 28.41 20.13
N TYR E 360 55.85 28.84 19.02
CA TYR E 360 57.10 29.60 19.02
C TYR E 360 56.87 31.10 19.10
N THR E 361 55.81 31.50 19.78
CA THR E 361 55.48 32.93 19.92
C THR E 361 56.47 33.66 20.82
N GLY E 362 56.90 34.84 20.38
CA GLY E 362 57.83 35.65 21.15
C GLY E 362 59.27 35.19 21.02
N VAL E 363 59.47 33.98 20.52
CA VAL E 363 60.81 33.41 20.38
C VAL E 363 61.38 33.77 19.00
N GLY E 364 62.71 33.82 18.91
CA GLY E 364 63.37 34.14 17.67
C GLY E 364 63.25 35.61 17.30
N VAL E 365 63.78 35.97 16.14
CA VAL E 365 63.72 37.34 15.67
C VAL E 365 62.63 37.53 14.63
N ASP E 366 61.66 38.40 14.92
CA ASP E 366 60.56 38.67 14.01
C ASP E 366 61.02 39.64 12.93
N GLN E 367 61.53 39.11 11.83
CA GLN E 367 62.04 39.94 10.73
C GLN E 367 60.94 40.73 10.05
N LEU E 368 59.78 40.10 9.86
CA LEU E 368 58.68 40.73 9.14
C LEU E 368 58.12 41.96 9.84
N ALA E 369 57.87 41.83 11.15
CA ALA E 369 57.34 42.93 11.94
C ALA E 369 58.27 44.14 11.94
N LYS E 370 59.55 43.87 12.21
CA LYS E 370 60.56 44.91 12.21
C LYS E 370 60.73 45.52 10.81
N LEU E 371 60.50 44.69 9.80
CA LEU E 371 60.58 45.12 8.41
C LEU E 371 59.49 46.14 8.11
N ILE E 372 58.26 45.81 8.51
CA ILE E 372 57.12 46.72 8.33
C ILE E 372 57.35 48.00 9.11
N GLU E 373 57.70 47.86 10.39
CA GLU E 373 57.92 49.00 11.27
C GLU E 373 58.99 49.93 10.73
N THR E 374 60.06 49.36 10.19
CA THR E 374 61.14 50.15 9.60
C THR E 374 60.68 50.80 8.31
N LEU E 375 59.83 50.09 7.56
CA LEU E 375 59.30 50.60 6.30
C LEU E 375 58.43 51.84 6.50
N LYS E 376 57.62 51.83 7.56
CA LYS E 376 56.72 52.96 7.81
C LYS E 376 57.31 54.07 8.69
N ASN E 377 58.28 53.72 9.52
CA ASN E 377 58.93 54.73 10.38
C ASN E 377 60.19 55.33 9.76
N ASN E 378 60.78 54.62 8.80
CA ASN E 378 61.96 55.11 8.10
C ASN E 378 62.04 54.53 6.69
N PRO E 379 61.28 55.09 5.76
CA PRO E 379 61.16 54.56 4.39
C PRO E 379 62.46 54.66 3.59
N LYS E 380 63.19 55.75 3.76
CA LYS E 380 64.41 55.98 2.99
C LYS E 380 65.63 55.25 3.55
N ASP E 381 65.38 54.31 4.46
CA ASP E 381 66.44 53.48 5.01
C ASP E 381 66.93 52.50 3.95
N ARG E 382 68.17 52.03 4.12
CA ARG E 382 68.76 51.11 3.15
C ARG E 382 69.00 49.72 3.75
N ARG E 383 68.27 49.41 4.83
CA ARG E 383 68.43 48.12 5.51
C ARG E 383 67.15 47.30 5.49
N HIS E 384 66.21 47.67 4.61
CA HIS E 384 64.96 46.92 4.47
C HIS E 384 65.20 45.54 3.86
N ILE E 385 65.59 44.58 4.69
CA ILE E 385 65.97 43.26 4.20
C ILE E 385 65.27 42.12 4.94
N LEU E 386 64.70 41.20 4.15
CA LEU E 386 64.09 39.99 4.69
C LEU E 386 64.83 38.76 4.16
N THR E 387 65.48 38.04 5.06
CA THR E 387 66.26 36.87 4.67
C THR E 387 65.66 35.57 5.21
N ALA E 388 66.04 34.45 4.60
CA ALA E 388 65.53 33.15 5.01
C ALA E 388 66.67 32.12 5.11
N TRP E 389 67.87 32.52 4.72
CA TRP E 389 69.02 31.62 4.74
C TRP E 389 69.67 31.57 6.11
N ASN E 390 69.41 30.49 6.85
CA ASN E 390 69.99 30.31 8.18
C ASN E 390 70.82 29.02 8.23
N PRO E 391 72.16 29.17 8.13
CA PRO E 391 73.12 28.06 8.12
C PRO E 391 72.95 27.10 9.30
N SER E 392 72.51 27.61 10.44
CA SER E 392 72.34 26.79 11.63
C SER E 392 71.10 25.90 11.54
N ALA E 393 70.16 26.28 10.68
CA ALA E 393 68.90 25.56 10.58
C ALA E 393 68.73 24.83 9.25
N LEU E 394 69.70 24.99 8.35
CA LEU E 394 69.64 24.37 7.02
C LEU E 394 69.48 22.86 7.06
N SER E 395 70.15 22.22 8.03
CA SER E 395 70.11 20.77 8.15
C SER E 395 68.74 20.25 8.58
N GLN E 396 68.00 21.08 9.30
CA GLN E 396 66.68 20.70 9.80
C GLN E 396 65.59 20.94 8.77
N MET E 397 65.83 21.84 7.84
CA MET E 397 64.82 22.19 6.83
C MET E 397 64.59 21.05 5.86
N ALA E 398 63.35 20.88 5.43
CA ALA E 398 63.00 19.86 4.45
C ALA E 398 63.53 20.24 3.07
N LEU E 399 63.67 21.54 2.85
CA LEU E 399 64.20 22.05 1.58
C LEU E 399 64.75 23.45 1.78
N PRO E 400 66.06 23.63 1.52
CA PRO E 400 66.76 24.91 1.66
C PRO E 400 66.09 26.03 0.86
N PRO E 401 66.20 27.28 1.33
CA PRO E 401 65.52 28.44 0.75
C PRO E 401 65.91 28.68 -0.70
N CYS E 402 64.93 28.69 -1.60
CA CYS E 402 65.17 29.02 -3.00
C CYS E 402 65.11 30.54 -3.20
N HIS E 403 63.97 31.13 -2.88
CA HIS E 403 63.88 32.58 -2.82
C HIS E 403 64.54 33.04 -1.53
N VAL E 404 65.86 33.21 -1.58
CA VAL E 404 66.68 33.38 -0.39
C VAL E 404 66.47 34.70 0.32
N LEU E 405 66.83 35.81 -0.33
CA LEU E 405 66.84 37.11 0.32
C LEU E 405 66.13 38.17 -0.51
N SER E 406 65.37 39.02 0.16
CA SER E 406 64.66 40.11 -0.50
C SER E 406 64.97 41.46 0.13
N GLN E 407 64.94 42.51 -0.69
CA GLN E 407 65.15 43.87 -0.21
C GLN E 407 64.05 44.79 -0.74
N TYR E 408 63.60 45.71 0.08
CA TYR E 408 62.50 46.59 -0.30
C TYR E 408 62.92 48.06 -0.32
N TYR E 409 62.28 48.83 -1.19
CA TYR E 409 62.70 50.20 -1.46
C TYR E 409 61.50 51.13 -1.61
N VAL E 410 61.44 52.16 -0.77
CA VAL E 410 60.35 53.13 -0.85
C VAL E 410 60.79 54.36 -1.65
N THR E 411 60.22 54.51 -2.84
CA THR E 411 60.58 55.60 -3.74
C THR E 411 60.09 56.96 -3.23
N ASN E 412 60.49 58.01 -3.93
CA ASN E 412 60.12 59.37 -3.54
C ASN E 412 58.63 59.66 -3.69
N ASP E 413 57.98 58.96 -4.63
CA ASP E 413 56.55 59.12 -4.84
C ASP E 413 55.75 58.07 -4.08
N ASN E 414 56.29 57.65 -2.94
CA ASN E 414 55.63 56.70 -2.05
C ASN E 414 55.23 55.38 -2.71
N CYS E 415 56.12 54.82 -3.52
CA CYS E 415 55.90 53.50 -4.11
C CYS E 415 56.87 52.48 -3.52
N LEU E 416 56.43 51.22 -3.47
CA LEU E 416 57.24 50.15 -2.88
C LEU E 416 57.75 49.18 -3.94
N SER E 417 59.07 49.17 -4.13
CA SER E 417 59.71 48.26 -5.07
C SER E 417 60.39 47.11 -4.32
N CYS E 418 60.46 45.95 -4.98
CA CYS E 418 61.01 44.76 -4.34
C CYS E 418 62.04 44.04 -5.20
N ASN E 419 63.18 43.73 -4.60
CA ASN E 419 64.20 42.91 -5.24
C ASN E 419 64.32 41.56 -4.55
N LEU E 420 64.35 40.49 -5.33
CA LEU E 420 64.44 39.14 -4.77
C LEU E 420 65.56 38.33 -5.41
N TYR E 421 66.44 37.76 -4.59
CA TYR E 421 67.47 36.87 -5.12
C TYR E 421 67.07 35.41 -4.94
N GLN E 422 67.20 34.64 -6.01
CA GLN E 422 66.80 33.24 -6.01
C GLN E 422 67.96 32.34 -6.45
N ARG E 423 68.42 31.50 -5.54
CA ARG E 423 69.58 30.63 -5.80
C ARG E 423 69.29 29.59 -6.88
N SER E 424 68.08 29.03 -6.87
CA SER E 424 67.70 28.01 -7.84
C SER E 424 66.28 28.29 -8.34
N CYS E 425 66.09 28.18 -9.65
CA CYS E 425 64.82 28.54 -10.25
C CYS E 425 64.30 27.49 -11.22
N ASP E 426 63.14 26.91 -10.89
CA ASP E 426 62.45 26.02 -11.80
C ASP E 426 61.59 26.86 -12.72
N LEU E 427 62.08 27.09 -13.94
CA LEU E 427 61.40 27.95 -14.91
C LEU E 427 60.04 27.39 -15.35
N GLY E 428 59.78 26.12 -15.02
CA GLY E 428 58.52 25.50 -15.35
C GLY E 428 57.48 25.66 -14.26
N LEU E 429 57.89 25.48 -13.01
CA LEU E 429 56.96 25.50 -11.89
C LEU E 429 57.24 26.62 -10.90
N GLY E 430 58.46 26.66 -10.38
CA GLY E 430 58.84 27.59 -9.32
C GLY E 430 58.77 29.06 -9.69
N SER E 431 59.25 29.39 -10.89
CA SER E 431 59.37 30.79 -11.31
C SER E 431 58.07 31.62 -11.25
N PRO E 432 56.99 31.17 -11.94
CA PRO E 432 55.78 31.99 -11.93
C PRO E 432 55.21 32.15 -10.51
N PHE E 433 55.25 31.06 -9.75
CA PHE E 433 54.80 31.07 -8.37
C PHE E 433 55.59 32.07 -7.53
N ASN E 434 56.90 32.13 -7.74
CA ASN E 434 57.74 33.08 -7.01
C ASN E 434 57.42 34.52 -7.39
N ILE E 435 57.31 34.78 -8.69
CA ILE E 435 56.97 36.10 -9.20
C ILE E 435 55.67 36.60 -8.59
N ALA E 436 54.61 35.80 -8.74
CA ALA E 436 53.30 36.17 -8.23
C ALA E 436 53.29 36.31 -6.71
N SER E 437 53.98 35.40 -6.02
CA SER E 437 54.03 35.41 -4.56
C SER E 437 54.66 36.68 -4.03
N TYR E 438 55.82 37.04 -4.57
CA TYR E 438 56.50 38.26 -4.11
C TYR E 438 55.83 39.53 -4.62
N ALA E 439 55.08 39.42 -5.71
CA ALA E 439 54.26 40.54 -6.17
C ALA E 439 53.15 40.83 -5.17
N ILE E 440 52.39 39.80 -4.83
CA ILE E 440 51.31 39.91 -3.86
C ILE E 440 51.85 40.36 -2.51
N LEU E 441 52.99 39.81 -2.11
CA LEU E 441 53.64 40.18 -0.86
C LEU E 441 54.03 41.66 -0.87
N THR E 442 54.55 42.12 -2.00
CA THR E 442 54.91 43.53 -2.15
C THR E 442 53.68 44.42 -2.03
N MET E 443 52.56 43.99 -2.63
CA MET E 443 51.31 44.75 -2.53
C MET E 443 50.80 44.80 -1.09
N MET E 444 50.91 43.68 -0.38
CA MET E 444 50.51 43.61 1.01
C MET E 444 51.33 44.57 1.87
N LEU E 445 52.65 44.47 1.73
CA LEU E 445 53.56 45.35 2.45
C LEU E 445 53.31 46.82 2.08
N ALA E 446 52.84 47.05 0.86
CA ALA E 446 52.50 48.39 0.41
C ALA E 446 51.26 48.92 1.12
N GLN E 447 50.23 48.09 1.21
CA GLN E 447 48.98 48.49 1.84
C GLN E 447 49.13 48.67 3.34
N VAL E 448 49.87 47.77 3.98
CA VAL E 448 50.07 47.82 5.42
C VAL E 448 50.89 49.04 5.83
N CYS E 449 51.89 49.38 5.01
CA CYS E 449 52.73 50.54 5.30
C CYS E 449 52.18 51.81 4.67
N GLY E 450 51.06 51.68 3.95
CA GLY E 450 50.39 52.82 3.36
C GLY E 450 51.05 53.34 2.10
N TYR E 451 51.58 52.42 1.29
CA TYR E 451 52.19 52.79 0.02
C TYR E 451 51.49 52.11 -1.16
N GLU E 452 52.04 52.31 -2.35
CA GLU E 452 51.52 51.68 -3.56
C GLU E 452 52.61 50.79 -4.17
N PRO E 453 52.19 49.72 -4.87
CA PRO E 453 53.17 48.82 -5.50
C PRO E 453 54.01 49.53 -6.56
N GLY E 454 55.27 49.12 -6.68
CA GLY E 454 56.18 49.75 -7.62
C GLY E 454 56.73 48.79 -8.66
N GLU E 455 57.99 48.40 -8.49
CA GLU E 455 58.65 47.50 -9.43
C GLU E 455 59.14 46.22 -8.75
N LEU E 456 59.23 45.15 -9.52
CA LEU E 456 59.70 43.87 -8.99
C LEU E 456 60.86 43.33 -9.83
N ALA E 457 62.04 43.30 -9.23
CA ALA E 457 63.23 42.77 -9.90
C ALA E 457 63.67 41.45 -9.27
N ILE E 458 63.69 40.40 -10.09
CA ILE E 458 64.10 39.08 -9.62
C ILE E 458 65.44 38.66 -10.22
N PHE E 459 66.44 38.52 -9.35
CA PHE E 459 67.78 38.13 -9.76
C PHE E 459 67.96 36.63 -9.52
N ILE E 460 68.22 35.88 -10.58
CA ILE E 460 68.28 34.44 -10.51
C ILE E 460 69.70 33.89 -10.61
N GLY E 461 70.04 32.99 -9.68
CA GLY E 461 71.32 32.29 -9.73
C GLY E 461 71.29 31.15 -10.73
N ASP E 462 70.90 29.96 -10.25
CA ASP E 462 70.83 28.77 -11.10
C ASP E 462 69.49 28.70 -11.83
N ALA E 463 69.43 29.32 -13.00
CA ALA E 463 68.22 29.28 -13.83
C ALA E 463 68.21 28.04 -14.69
N HIS E 464 67.32 27.09 -14.37
CA HIS E 464 67.35 25.79 -15.03
C HIS E 464 65.99 25.30 -15.50
N ILE E 465 66.00 24.43 -16.50
CA ILE E 465 64.79 23.77 -16.99
C ILE E 465 64.95 22.26 -16.91
N TYR E 466 64.02 21.61 -16.21
CA TYR E 466 64.03 20.16 -16.10
C TYR E 466 63.72 19.52 -17.45
N GLU E 467 64.37 18.39 -17.73
CA GLU E 467 64.27 17.74 -19.04
C GLU E 467 62.89 17.15 -19.34
N ASN E 468 62.07 17.03 -18.30
CA ASN E 468 60.71 16.53 -18.47
C ASN E 468 59.69 17.63 -18.69
N HIS E 469 60.18 18.86 -18.82
CA HIS E 469 59.33 20.02 -19.04
C HIS E 469 59.57 20.63 -20.42
N LEU E 470 60.39 19.95 -21.23
CA LEU E 470 60.79 20.45 -22.54
C LEU E 470 59.62 20.75 -23.48
N THR E 471 58.85 19.72 -23.81
CA THR E 471 57.71 19.86 -24.71
C THR E 471 56.67 20.84 -24.18
N GLN E 472 56.51 20.87 -22.85
CA GLN E 472 55.54 21.75 -22.20
C GLN E 472 55.90 23.23 -22.38
N LEU E 473 57.15 23.56 -22.07
CA LEU E 473 57.63 24.94 -22.19
C LEU E 473 57.76 25.34 -23.65
N LYS E 474 58.07 24.37 -24.51
CA LYS E 474 58.11 24.60 -25.94
C LYS E 474 56.71 24.91 -26.47
N GLU E 475 55.71 24.32 -25.82
CA GLU E 475 54.32 24.62 -26.12
C GLU E 475 53.95 26.01 -25.62
N GLN E 476 54.45 26.36 -24.43
CA GLN E 476 54.19 27.66 -23.84
C GLN E 476 54.80 28.79 -24.67
N LEU E 477 55.94 28.53 -25.29
CA LEU E 477 56.63 29.53 -26.10
C LEU E 477 55.89 29.84 -27.41
N SER E 478 54.96 28.97 -27.77
CA SER E 478 54.21 29.13 -29.02
C SER E 478 52.98 30.01 -28.82
N ARG E 479 52.91 30.66 -27.67
CA ARG E 479 51.75 31.48 -27.32
C ARG E 479 52.10 32.96 -27.18
N THR E 480 51.47 33.79 -28.00
CA THR E 480 51.70 35.23 -27.96
C THR E 480 51.07 35.82 -26.69
N PRO E 481 51.88 36.51 -25.87
CA PRO E 481 51.48 37.05 -24.57
C PRO E 481 50.27 37.96 -24.62
N ARG E 482 49.51 38.00 -23.53
CA ARG E 482 48.35 38.86 -23.38
C ARG E 482 48.60 39.81 -22.20
N PRO E 483 47.89 40.95 -22.16
CA PRO E 483 48.09 41.93 -21.08
C PRO E 483 47.91 41.35 -19.68
N PHE E 484 48.79 41.74 -18.77
CA PHE E 484 48.73 41.29 -17.38
C PHE E 484 47.42 41.70 -16.71
N PRO E 485 46.91 40.86 -15.80
CA PRO E 485 45.68 41.18 -15.09
C PRO E 485 45.90 42.23 -14.00
N GLN E 486 44.85 42.54 -13.24
CA GLN E 486 44.96 43.47 -12.13
C GLN E 486 44.64 42.76 -10.82
N LEU E 487 45.29 43.19 -9.74
CA LEU E 487 45.03 42.61 -8.43
C LEU E 487 44.60 43.68 -7.44
N LYS E 488 43.39 43.54 -6.90
CA LYS E 488 42.87 44.53 -5.95
C LYS E 488 42.38 43.89 -4.65
N PHE E 489 42.64 44.57 -3.54
CA PHE E 489 42.16 44.13 -2.23
C PHE E 489 40.78 44.72 -1.95
N LYS E 490 39.88 43.88 -1.45
CA LYS E 490 38.50 44.30 -1.21
C LYS E 490 38.37 45.10 0.09
N ARG E 491 39.32 44.92 0.99
CA ARG E 491 39.31 45.63 2.28
C ARG E 491 40.72 45.90 2.78
N LYS E 492 40.85 46.93 3.60
CA LYS E 492 42.14 47.27 4.19
C LYS E 492 42.26 46.68 5.59
N VAL E 493 43.30 45.87 5.80
CA VAL E 493 43.50 45.20 7.08
C VAL E 493 44.47 45.99 7.96
N GLU E 494 44.42 45.72 9.26
CA GLU E 494 45.32 46.39 10.20
C GLU E 494 46.60 45.59 10.41
N ASN E 495 46.47 44.27 10.36
CA ASN E 495 47.63 43.38 10.46
C ASN E 495 47.78 42.56 9.18
N ILE E 496 49.02 42.41 8.72
CA ILE E 496 49.28 41.73 7.45
C ILE E 496 48.94 40.24 7.48
N GLU E 497 48.84 39.66 8.67
CA GLU E 497 48.53 38.24 8.80
C GLU E 497 47.03 37.99 8.76
N ASP E 498 46.24 39.05 8.62
CA ASP E 498 44.79 38.94 8.63
C ASP E 498 44.20 38.82 7.22
N PHE E 499 45.05 38.76 6.21
CA PHE E 499 44.62 38.64 4.83
C PHE E 499 43.91 37.31 4.56
N LYS E 500 42.81 37.38 3.80
CA LYS E 500 42.05 36.18 3.42
C LYS E 500 41.90 36.09 1.91
N TRP E 501 41.59 34.89 1.42
CA TRP E 501 41.44 34.66 -0.01
C TRP E 501 40.25 35.38 -0.61
N GLU E 502 39.23 35.62 0.21
CA GLU E 502 38.03 36.32 -0.23
C GLU E 502 38.31 37.80 -0.45
N ASP E 503 39.40 38.28 0.11
CA ASP E 503 39.78 39.69 -0.01
C ASP E 503 40.51 39.99 -1.31
N ILE E 504 40.78 38.95 -2.10
CA ILE E 504 41.52 39.11 -3.35
C ILE E 504 40.61 39.16 -4.57
N GLU E 505 40.78 40.19 -5.39
CA GLU E 505 40.02 40.36 -6.61
C GLU E 505 40.95 40.44 -7.83
N LEU E 506 40.89 39.42 -8.68
CA LEU E 506 41.72 39.36 -9.89
C LEU E 506 40.90 39.76 -11.11
N ILE E 507 41.23 40.90 -11.70
CA ILE E 507 40.42 41.48 -12.77
C ILE E 507 41.11 41.45 -14.13
N GLY E 508 40.45 40.82 -15.10
CA GLY E 508 40.92 40.83 -16.47
C GLY E 508 41.99 39.79 -16.79
N TYR E 509 41.88 38.63 -16.14
CA TYR E 509 42.84 37.55 -16.37
C TYR E 509 42.29 36.54 -17.37
N TYR E 510 42.76 36.61 -18.61
CA TYR E 510 42.34 35.68 -19.65
C TYR E 510 43.54 34.94 -20.24
N PRO E 511 44.05 33.94 -19.51
CA PRO E 511 45.28 33.25 -19.91
C PRO E 511 45.03 32.09 -20.86
N TYR E 512 46.11 31.58 -21.45
CA TYR E 512 46.06 30.37 -22.26
C TYR E 512 45.81 29.17 -21.34
N PRO E 513 45.30 28.05 -21.91
CA PRO E 513 44.99 26.85 -21.12
C PRO E 513 46.17 26.36 -20.27
N THR E 514 45.85 25.66 -19.18
CA THR E 514 46.86 25.19 -18.24
C THR E 514 47.82 24.19 -18.88
N ILE E 515 49.05 24.15 -18.36
CA ILE E 515 50.07 23.23 -18.87
C ILE E 515 50.56 22.31 -17.75
N LYS E 516 50.27 21.02 -17.88
CA LYS E 516 50.63 20.04 -16.87
C LYS E 516 52.14 19.78 -16.83
N MET E 517 52.73 19.98 -15.66
CA MET E 517 54.16 19.73 -15.47
C MET E 517 54.43 19.07 -14.13
N ASP E 518 55.27 18.03 -14.15
CA ASP E 518 55.53 17.24 -12.96
C ASP E 518 56.65 17.83 -12.10
N MET E 519 56.49 17.74 -10.79
CA MET E 519 57.49 18.26 -9.86
C MET E 519 58.54 17.20 -9.53
N ALA E 520 59.81 17.59 -9.61
CA ALA E 520 60.90 16.69 -9.28
C ALA E 520 61.11 16.63 -7.77
N VAL E 521 60.78 15.48 -7.18
CA VAL E 521 60.88 15.31 -5.73
C VAL E 521 62.34 15.21 -5.28
#